data_2KXJ
#
_entry.id   2KXJ
#
_entity_poly.entity_id   1
_entity_poly.type   'polypeptide(L)'
_entity_poly.pdbx_seq_one_letter_code
;MGHHHHHHMSTVARIQFRLPDGSSFTNQFPSDAPLEEARQFAAQTVGNTYGNFSLATMFPRREFTKEDYKKKLLDLELAP
SASVVLLPAG
;
_entity_poly.pdbx_strand_id   A
#
# COMPACT_ATOMS: atom_id res chain seq x y z
N MET A 1 15.97 4.74 -20.19
CA MET A 1 15.79 3.51 -21.02
C MET A 1 15.62 3.86 -22.50
N GLY A 2 14.66 4.75 -22.79
CA GLY A 2 14.40 5.16 -24.16
C GLY A 2 12.96 5.55 -24.38
N HIS A 3 12.46 6.47 -23.55
CA HIS A 3 11.07 6.93 -23.66
C HIS A 3 10.95 8.41 -23.25
N HIS A 4 9.85 9.04 -23.67
CA HIS A 4 9.61 10.46 -23.36
C HIS A 4 8.12 10.74 -23.23
N HIS A 5 7.36 9.78 -22.67
CA HIS A 5 5.93 9.94 -22.50
C HIS A 5 5.49 9.43 -21.12
N HIS A 6 5.23 10.37 -20.21
CA HIS A 6 4.80 10.03 -18.85
C HIS A 6 3.61 10.88 -18.42
N HIS A 7 2.71 10.28 -17.63
CA HIS A 7 1.51 10.96 -17.14
C HIS A 7 0.53 11.27 -18.28
N HIS A 8 -0.53 10.47 -18.36
CA HIS A 8 -1.55 10.64 -19.41
C HIS A 8 -2.81 9.83 -19.10
N MET A 9 -2.61 8.56 -18.73
CA MET A 9 -3.74 7.67 -18.41
C MET A 9 -4.47 8.12 -17.15
N SER A 10 -3.78 8.07 -16.01
CA SER A 10 -4.37 8.46 -14.73
C SER A 10 -3.30 8.99 -13.76
N THR A 11 -3.74 9.36 -12.56
CA THR A 11 -2.83 9.87 -11.54
C THR A 11 -3.07 9.17 -10.19
N VAL A 12 -3.31 7.86 -10.23
CA VAL A 12 -3.54 7.08 -9.03
C VAL A 12 -2.55 5.92 -8.90
N ALA A 13 -2.43 5.36 -7.69
CA ALA A 13 -1.53 4.24 -7.43
C ALA A 13 -2.28 3.00 -6.97
N ARG A 14 -1.71 1.83 -7.27
CA ARG A 14 -2.33 0.56 -6.89
C ARG A 14 -1.39 -0.24 -6.00
N ILE A 15 -1.91 -0.73 -4.87
CA ILE A 15 -1.10 -1.52 -3.94
C ILE A 15 -1.78 -2.84 -3.61
N GLN A 16 -0.96 -3.87 -3.41
CA GLN A 16 -1.46 -5.20 -3.08
C GLN A 16 -1.06 -5.58 -1.65
N PHE A 17 -2.06 -5.70 -0.77
CA PHE A 17 -1.81 -6.05 0.62
C PHE A 17 -1.77 -7.57 0.81
N ARG A 18 -0.58 -8.08 1.13
CA ARG A 18 -0.39 -9.50 1.35
C ARG A 18 -0.45 -9.84 2.83
N LEU A 19 -0.28 -11.12 3.16
CA LEU A 19 -0.31 -11.58 4.55
C LEU A 19 0.20 -13.02 4.66
N PRO A 20 0.57 -13.47 5.88
CA PRO A 20 1.07 -14.83 6.11
C PRO A 20 0.17 -15.91 5.52
N ASP A 21 -1.13 -15.60 5.40
CA ASP A 21 -2.11 -16.54 4.84
C ASP A 21 -1.67 -17.04 3.45
N GLY A 22 -0.97 -16.20 2.71
CA GLY A 22 -0.52 -16.58 1.38
C GLY A 22 -1.14 -15.73 0.29
N SER A 23 -2.40 -15.32 0.50
CA SER A 23 -3.12 -14.50 -0.47
C SER A 23 -2.91 -13.01 -0.19
N SER A 24 -3.44 -12.17 -1.08
CA SER A 24 -3.32 -10.71 -0.94
C SER A 24 -4.53 -10.00 -1.56
N PHE A 25 -4.81 -8.79 -1.09
CA PHE A 25 -5.94 -8.01 -1.61
C PHE A 25 -5.46 -6.72 -2.26
N THR A 26 -5.99 -6.43 -3.44
CA THR A 26 -5.62 -5.22 -4.17
C THR A 26 -6.59 -4.07 -3.90
N ASN A 27 -6.03 -2.88 -3.71
CA ASN A 27 -6.84 -1.68 -3.46
C ASN A 27 -6.39 -0.52 -4.33
N GLN A 28 -7.14 0.57 -4.30
CA GLN A 28 -6.81 1.76 -5.09
C GLN A 28 -6.42 2.92 -4.19
N PHE A 29 -5.20 3.40 -4.36
CA PHE A 29 -4.69 4.51 -3.57
C PHE A 29 -4.06 5.56 -4.49
N PRO A 30 -4.61 6.78 -4.52
CA PRO A 30 -4.09 7.85 -5.37
C PRO A 30 -2.61 8.11 -5.17
N SER A 31 -2.02 8.79 -6.14
CA SER A 31 -0.59 9.11 -6.10
C SER A 31 -0.29 10.17 -5.03
N ASP A 32 -1.33 10.73 -4.41
CA ASP A 32 -1.14 11.76 -3.39
C ASP A 32 -1.71 11.33 -2.02
N ALA A 33 -2.74 10.47 -2.05
CA ALA A 33 -3.38 9.99 -0.83
C ALA A 33 -2.35 9.35 0.11
N PRO A 34 -2.53 9.50 1.44
CA PRO A 34 -1.60 8.96 2.44
C PRO A 34 -1.38 7.46 2.30
N LEU A 35 -0.15 7.02 2.56
CA LEU A 35 0.20 5.59 2.47
C LEU A 35 -0.41 4.81 3.63
N GLU A 36 -0.51 5.45 4.79
CA GLU A 36 -1.09 4.82 5.98
C GLU A 36 -2.49 4.26 5.71
N GLU A 37 -3.20 4.86 4.74
CA GLU A 37 -4.55 4.41 4.38
C GLU A 37 -4.58 2.90 4.15
N ALA A 38 -3.58 2.40 3.44
CA ALA A 38 -3.48 0.96 3.16
C ALA A 38 -3.23 0.18 4.45
N ARG A 39 -2.45 0.77 5.36
CA ARG A 39 -2.14 0.14 6.63
C ARG A 39 -3.37 0.07 7.53
N GLN A 40 -4.03 1.22 7.72
CA GLN A 40 -5.23 1.30 8.55
C GLN A 40 -6.38 0.47 7.96
N PHE A 41 -6.48 0.46 6.62
CA PHE A 41 -7.53 -0.30 5.94
C PHE A 41 -7.41 -1.79 6.25
N ALA A 42 -6.19 -2.33 6.14
CA ALA A 42 -5.94 -3.74 6.42
C ALA A 42 -6.17 -4.06 7.89
N ALA A 43 -5.69 -3.17 8.78
CA ALA A 43 -5.85 -3.36 10.22
C ALA A 43 -7.32 -3.29 10.62
N GLN A 44 -8.07 -2.38 9.98
CA GLN A 44 -9.49 -2.22 10.27
C GLN A 44 -10.28 -3.49 9.94
N THR A 45 -9.83 -4.21 8.90
CA THR A 45 -10.51 -5.44 8.48
C THR A 45 -10.54 -6.47 9.61
N VAL A 46 -9.36 -6.89 10.08
CA VAL A 46 -9.27 -7.87 11.16
C VAL A 46 -9.59 -7.26 12.52
N GLY A 47 -9.13 -6.02 12.73
CA GLY A 47 -9.37 -5.34 13.99
C GLY A 47 -8.25 -5.56 14.99
N ASN A 48 -7.90 -6.84 15.20
CA ASN A 48 -6.83 -7.21 16.13
C ASN A 48 -6.43 -8.67 15.93
N THR A 49 -5.46 -8.89 15.05
CA THR A 49 -4.99 -10.25 14.77
C THR A 49 -3.47 -10.28 14.59
N TYR A 50 -2.97 -9.57 13.57
CA TYR A 50 -1.54 -9.52 13.29
C TYR A 50 -0.77 -8.87 14.44
N GLY A 51 -1.36 -7.82 15.03
CA GLY A 51 -0.72 -7.13 16.13
C GLY A 51 0.37 -6.18 15.68
N ASN A 52 1.63 -6.57 15.88
CA ASN A 52 2.76 -5.75 15.48
C ASN A 52 3.35 -6.23 14.15
N PHE A 53 2.63 -5.96 13.07
CA PHE A 53 3.08 -6.35 11.74
C PHE A 53 3.90 -5.25 11.08
N SER A 54 4.83 -5.65 10.23
CA SER A 54 5.69 -4.72 9.52
C SER A 54 5.35 -4.71 8.03
N LEU A 55 5.19 -3.52 7.45
CA LEU A 55 4.88 -3.39 6.03
C LEU A 55 6.10 -2.93 5.24
N ALA A 56 6.34 -3.56 4.09
CA ALA A 56 7.47 -3.22 3.24
C ALA A 56 7.20 -3.58 1.78
N THR A 57 7.99 -3.02 0.86
CA THR A 57 7.83 -3.29 -0.57
C THR A 57 8.63 -4.52 -0.98
N MET A 58 8.31 -5.07 -2.16
CA MET A 58 9.00 -6.24 -2.68
C MET A 58 10.43 -5.90 -3.09
N PHE A 59 10.56 -4.96 -4.03
CA PHE A 59 11.87 -4.54 -4.51
C PHE A 59 11.96 -3.00 -4.55
N PRO A 60 13.17 -2.44 -4.32
CA PRO A 60 14.38 -3.21 -4.06
C PRO A 60 14.58 -3.55 -2.57
N ARG A 61 13.48 -3.73 -1.83
CA ARG A 61 13.53 -4.06 -0.41
C ARG A 61 14.31 -3.01 0.38
N ARG A 62 13.63 -1.92 0.74
CA ARG A 62 14.25 -0.83 1.50
C ARG A 62 13.52 -0.57 2.84
N GLU A 63 12.49 -1.38 3.14
CA GLU A 63 11.71 -1.22 4.37
C GLU A 63 10.93 0.09 4.36
N PHE A 64 9.98 0.21 5.29
CA PHE A 64 9.15 1.42 5.39
C PHE A 64 9.37 2.13 6.73
N THR A 65 9.45 3.45 6.68
CA THR A 65 9.65 4.26 7.88
C THR A 65 8.40 5.07 8.20
N LYS A 66 8.41 5.74 9.36
CA LYS A 66 7.27 6.56 9.78
C LYS A 66 6.95 7.63 8.74
N GLU A 67 7.97 8.08 8.01
CA GLU A 67 7.78 9.10 6.96
C GLU A 67 7.07 8.51 5.73
N ASP A 68 7.32 7.23 5.45
CA ASP A 68 6.72 6.56 4.31
C ASP A 68 5.20 6.49 4.43
N TYR A 69 4.70 6.43 5.67
CA TYR A 69 3.26 6.35 5.91
C TYR A 69 2.60 7.72 5.82
N LYS A 70 3.17 8.70 6.55
CA LYS A 70 2.62 10.06 6.56
C LYS A 70 2.58 10.67 5.14
N LYS A 71 3.57 10.34 4.31
CA LYS A 71 3.63 10.86 2.95
C LYS A 71 2.64 10.15 2.03
N LYS A 72 2.63 10.54 0.75
CA LYS A 72 1.73 9.95 -0.24
C LYS A 72 2.22 8.57 -0.69
N LEU A 73 1.47 7.93 -1.58
CA LEU A 73 1.82 6.60 -2.07
C LEU A 73 2.84 6.65 -3.20
N LEU A 74 2.50 7.36 -4.29
CA LEU A 74 3.41 7.48 -5.44
C LEU A 74 4.78 8.06 -5.03
N ASP A 75 4.86 8.67 -3.84
CA ASP A 75 6.12 9.23 -3.35
C ASP A 75 7.23 8.19 -3.42
N LEU A 76 6.88 6.92 -3.26
CA LEU A 76 7.84 5.83 -3.31
C LEU A 76 7.63 4.99 -4.59
N GLU A 77 7.06 5.61 -5.62
CA GLU A 77 6.80 4.95 -6.90
C GLU A 77 5.90 3.72 -6.72
N LEU A 78 4.62 3.96 -6.42
CA LEU A 78 3.66 2.86 -6.23
C LEU A 78 2.76 2.68 -7.45
N ALA A 79 2.61 3.74 -8.24
CA ALA A 79 1.78 3.70 -9.44
C ALA A 79 2.56 3.10 -10.62
N PRO A 80 1.90 2.33 -11.50
CA PRO A 80 0.46 2.03 -11.40
C PRO A 80 0.15 0.81 -10.54
N SER A 81 1.19 0.11 -10.06
CA SER A 81 0.99 -1.08 -9.23
C SER A 81 2.17 -1.31 -8.30
N ALA A 82 1.88 -1.82 -7.09
CA ALA A 82 2.92 -2.09 -6.09
C ALA A 82 2.56 -3.30 -5.22
N SER A 83 3.56 -3.83 -4.52
CA SER A 83 3.36 -4.99 -3.64
C SER A 83 3.91 -4.74 -2.24
N VAL A 84 3.22 -5.27 -1.24
CA VAL A 84 3.62 -5.11 0.15
C VAL A 84 3.94 -6.45 0.81
N VAL A 85 4.56 -6.40 1.99
CA VAL A 85 4.91 -7.61 2.74
C VAL A 85 4.55 -7.46 4.21
N LEU A 86 3.66 -8.32 4.71
CA LEU A 86 3.23 -8.26 6.10
C LEU A 86 4.19 -9.04 7.00
N LEU A 87 4.64 -8.41 8.09
CA LEU A 87 5.56 -9.04 9.03
C LEU A 87 4.96 -9.14 10.45
N PRO A 88 3.73 -9.68 10.57
CA PRO A 88 3.05 -9.82 11.87
C PRO A 88 3.95 -10.37 12.98
N ALA A 89 3.62 -10.01 14.23
CA ALA A 89 4.39 -10.46 15.39
C ALA A 89 3.53 -11.35 16.30
N GLY A 90 3.19 -12.55 15.81
CA GLY A 90 2.38 -13.47 16.59
C GLY A 90 1.21 -14.01 15.79
N MET A 1 0.71 27.86 -16.49
CA MET A 1 1.16 26.44 -16.46
C MET A 1 1.84 26.04 -17.76
N GLY A 2 1.11 26.15 -18.87
CA GLY A 2 1.66 25.80 -20.17
C GLY A 2 1.49 24.32 -20.50
N HIS A 3 1.59 23.99 -21.78
CA HIS A 3 1.43 22.60 -22.24
C HIS A 3 2.46 21.68 -21.60
N HIS A 4 2.14 20.39 -21.53
CA HIS A 4 3.04 19.40 -20.94
C HIS A 4 3.46 18.35 -21.97
N HIS A 5 4.46 17.54 -21.62
CA HIS A 5 4.97 16.49 -22.50
C HIS A 5 4.52 15.10 -22.02
N HIS A 6 3.30 15.02 -21.49
CA HIS A 6 2.76 13.76 -21.00
C HIS A 6 1.25 13.85 -20.81
N HIS A 7 0.50 13.21 -21.70
CA HIS A 7 -0.95 13.22 -21.63
C HIS A 7 -1.46 12.04 -20.80
N HIS A 8 -1.07 12.01 -19.53
CA HIS A 8 -1.48 10.94 -18.62
C HIS A 8 -2.84 11.24 -17.99
N MET A 9 -3.86 10.48 -18.38
CA MET A 9 -5.21 10.67 -17.85
C MET A 9 -5.30 10.22 -16.40
N SER A 10 -4.92 8.97 -16.14
CA SER A 10 -4.97 8.41 -14.79
C SER A 10 -3.84 8.98 -13.92
N THR A 11 -4.15 9.20 -12.64
CA THR A 11 -3.17 9.74 -11.70
C THR A 11 -3.36 9.13 -10.31
N VAL A 12 -3.44 7.79 -10.25
CA VAL A 12 -3.62 7.07 -8.99
C VAL A 12 -2.65 5.89 -8.89
N ALA A 13 -2.55 5.32 -7.69
CA ALA A 13 -1.65 4.19 -7.45
C ALA A 13 -2.43 2.93 -7.03
N ARG A 14 -1.87 1.78 -7.35
CA ARG A 14 -2.51 0.50 -7.02
C ARG A 14 -1.61 -0.33 -6.12
N ILE A 15 -2.09 -0.68 -4.94
CA ILE A 15 -1.32 -1.48 -4.00
C ILE A 15 -2.10 -2.71 -3.56
N GLN A 16 -1.37 -3.81 -3.33
CA GLN A 16 -1.98 -5.07 -2.90
C GLN A 16 -1.44 -5.46 -1.52
N PHE A 17 -2.35 -5.62 -0.57
CA PHE A 17 -1.96 -6.00 0.79
C PHE A 17 -1.79 -7.51 0.91
N ARG A 18 -0.53 -7.94 1.04
CA ARG A 18 -0.22 -9.36 1.16
C ARG A 18 -0.07 -9.78 2.63
N LEU A 19 0.19 -11.06 2.84
CA LEU A 19 0.36 -11.60 4.19
C LEU A 19 0.92 -13.02 4.14
N PRO A 20 1.47 -13.52 5.26
CA PRO A 20 2.03 -14.88 5.34
C PRO A 20 1.01 -15.96 5.01
N ASP A 21 -0.28 -15.64 5.20
CA ASP A 21 -1.36 -16.58 4.91
C ASP A 21 -1.30 -17.05 3.46
N GLY A 22 -0.96 -16.14 2.55
CA GLY A 22 -0.88 -16.48 1.13
C GLY A 22 -1.76 -15.59 0.27
N SER A 23 -2.98 -15.33 0.75
CA SER A 23 -3.92 -14.49 0.01
C SER A 23 -3.68 -13.01 0.30
N SER A 24 -3.83 -12.16 -0.71
CA SER A 24 -3.62 -10.73 -0.56
C SER A 24 -4.87 -9.95 -1.00
N PHE A 25 -4.89 -8.65 -0.68
CA PHE A 25 -6.01 -7.78 -1.04
C PHE A 25 -5.58 -6.76 -2.10
N THR A 26 -6.54 -6.22 -2.83
CA THR A 26 -6.25 -5.24 -3.88
C THR A 26 -7.17 -4.02 -3.77
N ASN A 27 -6.58 -2.85 -3.53
CA ASN A 27 -7.34 -1.62 -3.39
C ASN A 27 -6.74 -0.51 -4.26
N GLN A 28 -7.45 0.61 -4.37
CA GLN A 28 -6.98 1.74 -5.18
C GLN A 28 -6.60 2.92 -4.28
N PHE A 29 -5.33 3.32 -4.34
CA PHE A 29 -4.83 4.43 -3.54
C PHE A 29 -4.17 5.46 -4.46
N PRO A 30 -4.69 6.70 -4.49
CA PRO A 30 -4.13 7.76 -5.33
C PRO A 30 -2.64 7.97 -5.15
N SER A 31 -2.03 8.64 -6.11
CA SER A 31 -0.60 8.93 -6.06
C SER A 31 -0.27 10.00 -5.02
N ASP A 32 -1.32 10.60 -4.41
CA ASP A 32 -1.13 11.64 -3.40
C ASP A 32 -1.67 11.21 -2.04
N ALA A 33 -2.70 10.35 -2.05
CA ALA A 33 -3.30 9.85 -0.82
C ALA A 33 -2.23 9.26 0.11
N PRO A 34 -2.41 9.41 1.44
CA PRO A 34 -1.45 8.90 2.43
C PRO A 34 -1.14 7.42 2.23
N LEU A 35 0.15 7.07 2.35
CA LEU A 35 0.58 5.68 2.21
C LEU A 35 -0.08 4.80 3.27
N GLU A 36 -0.28 5.38 4.46
CA GLU A 36 -0.91 4.67 5.57
C GLU A 36 -2.34 4.24 5.25
N GLU A 37 -2.95 4.85 4.23
CA GLU A 37 -4.31 4.53 3.83
C GLU A 37 -4.51 3.02 3.71
N ALA A 38 -3.47 2.32 3.23
CA ALA A 38 -3.54 0.86 3.08
C ALA A 38 -3.35 0.16 4.43
N ARG A 39 -2.51 0.74 5.29
CA ARG A 39 -2.25 0.18 6.61
C ARG A 39 -3.49 0.23 7.50
N GLN A 40 -4.01 1.45 7.72
CA GLN A 40 -5.19 1.64 8.56
C GLN A 40 -6.38 0.82 8.06
N PHE A 41 -6.53 0.75 6.73
CA PHE A 41 -7.62 -0.01 6.12
C PHE A 41 -7.53 -1.48 6.49
N ALA A 42 -6.38 -2.09 6.22
CA ALA A 42 -6.16 -3.51 6.52
C ALA A 42 -6.26 -3.78 8.02
N ALA A 43 -5.68 -2.88 8.82
CA ALA A 43 -5.71 -3.01 10.28
C ALA A 43 -7.14 -2.98 10.81
N GLN A 44 -7.93 -2.02 10.34
CA GLN A 44 -9.31 -1.88 10.78
C GLN A 44 -10.14 -3.11 10.35
N THR A 45 -9.78 -3.71 9.23
CA THR A 45 -10.49 -4.89 8.72
C THR A 45 -10.34 -6.08 9.67
N VAL A 46 -9.11 -6.38 10.07
CA VAL A 46 -8.85 -7.50 10.97
C VAL A 46 -9.12 -7.13 12.43
N GLY A 47 -8.64 -5.95 12.84
CA GLY A 47 -8.83 -5.49 14.21
C GLY A 47 -7.73 -5.96 15.13
N ASN A 48 -7.44 -7.26 15.09
CA ASN A 48 -6.40 -7.85 15.93
C ASN A 48 -6.11 -9.30 15.51
N THR A 49 -5.15 -9.46 14.60
CA THR A 49 -4.78 -10.78 14.11
C THR A 49 -3.26 -10.92 13.96
N TYR A 50 -2.68 -10.09 13.09
CA TYR A 50 -1.24 -10.12 12.86
C TYR A 50 -0.46 -9.53 14.03
N GLY A 51 -1.09 -8.60 14.76
CA GLY A 51 -0.44 -7.99 15.90
C GLY A 51 0.52 -6.87 15.50
N ASN A 52 1.80 -7.04 15.83
CA ASN A 52 2.81 -6.04 15.50
C ASN A 52 3.41 -6.32 14.12
N PHE A 53 2.57 -6.21 13.09
CA PHE A 53 3.00 -6.45 11.73
C PHE A 53 3.66 -5.21 11.13
N SER A 54 4.49 -5.42 10.11
CA SER A 54 5.19 -4.34 9.46
C SER A 54 4.88 -4.33 7.96
N LEU A 55 4.82 -3.15 7.37
CA LEU A 55 4.53 -3.00 5.94
C LEU A 55 5.78 -2.55 5.20
N ALA A 56 6.09 -3.24 4.10
CA ALA A 56 7.25 -2.91 3.28
C ALA A 56 7.05 -3.36 1.83
N THR A 57 7.79 -2.76 0.91
CA THR A 57 7.70 -3.10 -0.50
C THR A 57 8.61 -4.28 -0.83
N MET A 58 8.37 -4.91 -1.97
CA MET A 58 9.18 -6.06 -2.39
C MET A 58 10.57 -5.62 -2.82
N PHE A 59 10.62 -4.66 -3.75
CA PHE A 59 11.89 -4.13 -4.25
C PHE A 59 11.81 -2.62 -4.44
N PRO A 60 12.78 -1.86 -3.88
CA PRO A 60 13.89 -2.42 -3.11
C PRO A 60 13.50 -2.75 -1.66
N ARG A 61 14.47 -3.14 -0.86
CA ARG A 61 14.23 -3.47 0.54
C ARG A 61 14.43 -2.24 1.43
N ARG A 62 13.45 -1.35 1.43
CA ARG A 62 13.51 -0.13 2.24
C ARG A 62 12.83 -0.32 3.60
N GLU A 63 11.95 -1.32 3.70
CA GLU A 63 11.24 -1.60 4.95
C GLU A 63 10.27 -0.48 5.29
N PHE A 64 9.72 -0.52 6.51
CA PHE A 64 8.77 0.49 6.97
C PHE A 64 9.49 1.74 7.49
N THR A 65 8.78 2.86 7.52
CA THR A 65 9.33 4.13 7.99
C THR A 65 8.24 5.01 8.58
N LYS A 66 8.64 6.05 9.34
CA LYS A 66 7.69 6.97 9.95
C LYS A 66 7.14 7.96 8.94
N GLU A 67 8.00 8.45 8.05
CA GLU A 67 7.59 9.42 7.03
C GLU A 67 6.97 8.72 5.82
N ASP A 68 7.39 7.49 5.55
CA ASP A 68 6.89 6.73 4.40
C ASP A 68 5.37 6.56 4.46
N TYR A 69 4.80 6.55 5.66
CA TYR A 69 3.35 6.39 5.82
C TYR A 69 2.63 7.73 5.62
N LYS A 70 3.07 8.75 6.35
CA LYS A 70 2.45 10.08 6.26
C LYS A 70 2.55 10.66 4.84
N LYS A 71 3.57 10.26 4.09
CA LYS A 71 3.77 10.76 2.72
C LYS A 71 2.75 10.12 1.75
N LYS A 72 2.92 10.40 0.46
CA LYS A 72 2.03 9.87 -0.57
C LYS A 72 2.43 8.44 -0.95
N LEU A 73 1.89 7.95 -2.07
CA LEU A 73 2.18 6.59 -2.53
C LEU A 73 3.26 6.57 -3.62
N LEU A 74 3.04 7.33 -4.69
CA LEU A 74 4.00 7.39 -5.80
C LEU A 74 5.41 7.74 -5.34
N ASP A 75 5.53 8.38 -4.16
CA ASP A 75 6.83 8.77 -3.61
C ASP A 75 7.79 7.58 -3.63
N LEU A 76 7.26 6.37 -3.44
CA LEU A 76 8.07 5.16 -3.43
C LEU A 76 7.82 4.32 -4.68
N GLU A 77 7.35 4.97 -5.76
CA GLU A 77 7.06 4.29 -7.02
C GLU A 77 6.02 3.19 -6.84
N LEU A 78 4.75 3.57 -6.68
CA LEU A 78 3.68 2.60 -6.49
C LEU A 78 2.78 2.52 -7.72
N ALA A 79 2.60 3.64 -8.40
CA ALA A 79 1.76 3.69 -9.59
C ALA A 79 2.49 3.07 -10.79
N PRO A 80 1.76 2.32 -11.65
CA PRO A 80 0.33 2.08 -11.50
C PRO A 80 -0.01 0.83 -10.68
N SER A 81 1.01 0.10 -10.22
CA SER A 81 0.78 -1.11 -9.43
C SER A 81 1.99 -1.44 -8.54
N ALA A 82 1.71 -1.96 -7.34
CA ALA A 82 2.76 -2.30 -6.38
C ALA A 82 2.32 -3.43 -5.44
N SER A 83 3.28 -3.97 -4.68
CA SER A 83 3.00 -5.05 -3.74
C SER A 83 3.64 -4.77 -2.38
N VAL A 84 2.96 -5.19 -1.31
CA VAL A 84 3.46 -4.99 0.06
C VAL A 84 3.77 -6.33 0.73
N VAL A 85 4.48 -6.28 1.84
CA VAL A 85 4.84 -7.49 2.58
C VAL A 85 4.48 -7.36 4.06
N LEU A 86 3.60 -8.24 4.53
CA LEU A 86 3.17 -8.22 5.92
C LEU A 86 4.20 -8.92 6.82
N LEU A 87 4.51 -8.29 7.96
CA LEU A 87 5.48 -8.85 8.89
C LEU A 87 4.85 -9.11 10.27
N PRO A 88 3.69 -9.82 10.31
CA PRO A 88 2.98 -10.13 11.56
C PRO A 88 3.92 -10.56 12.69
N ALA A 89 3.65 -10.04 13.89
CA ALA A 89 4.45 -10.39 15.06
C ALA A 89 3.54 -10.63 16.27
N GLY A 90 2.79 -11.73 16.22
CA GLY A 90 1.89 -12.06 17.31
C GLY A 90 2.60 -12.83 18.41
N MET A 1 -27.53 8.38 -23.25
CA MET A 1 -27.84 8.50 -24.70
C MET A 1 -27.90 9.98 -25.11
N GLY A 2 -26.76 10.65 -25.01
CA GLY A 2 -26.68 12.06 -25.37
C GLY A 2 -25.27 12.49 -25.72
N HIS A 3 -24.32 12.18 -24.83
CA HIS A 3 -22.92 12.54 -25.06
C HIS A 3 -22.00 11.36 -24.76
N HIS A 4 -20.85 11.32 -25.43
CA HIS A 4 -19.88 10.25 -25.24
C HIS A 4 -18.46 10.80 -25.17
N HIS A 5 -18.02 11.12 -23.96
CA HIS A 5 -16.68 11.66 -23.74
C HIS A 5 -15.66 10.54 -23.50
N HIS A 6 -14.50 10.65 -24.13
CA HIS A 6 -13.45 9.65 -23.98
C HIS A 6 -12.53 9.99 -22.81
N HIS A 7 -12.21 8.98 -22.00
CA HIS A 7 -11.35 9.17 -20.84
C HIS A 7 -10.15 8.23 -20.88
N HIS A 8 -8.95 8.78 -20.68
CA HIS A 8 -7.71 7.99 -20.70
C HIS A 8 -6.53 8.83 -20.22
N MET A 9 -6.11 8.61 -18.98
CA MET A 9 -4.98 9.34 -18.41
C MET A 9 -4.48 8.69 -17.12
N SER A 10 -5.40 8.45 -16.18
CA SER A 10 -5.07 7.83 -14.89
C SER A 10 -4.15 8.73 -14.07
N THR A 11 -4.23 8.59 -12.74
CA THR A 11 -3.40 9.39 -11.84
C THR A 11 -3.50 8.85 -10.40
N VAL A 12 -3.39 7.52 -10.26
CA VAL A 12 -3.46 6.88 -8.95
C VAL A 12 -2.46 5.72 -8.85
N ALA A 13 -2.29 5.20 -7.64
CA ALA A 13 -1.37 4.08 -7.40
C ALA A 13 -2.11 2.82 -6.97
N ARG A 14 -1.55 1.67 -7.29
CA ARG A 14 -2.16 0.39 -6.95
C ARG A 14 -1.23 -0.43 -6.06
N ILE A 15 -1.74 -0.88 -4.92
CA ILE A 15 -0.94 -1.69 -3.99
C ILE A 15 -1.66 -2.99 -3.65
N GLN A 16 -0.88 -4.05 -3.45
CA GLN A 16 -1.42 -5.35 -3.12
C GLN A 16 -1.08 -5.73 -1.68
N PHE A 17 -2.11 -5.88 -0.84
CA PHE A 17 -1.93 -6.22 0.57
C PHE A 17 -1.91 -7.74 0.76
N ARG A 18 -0.72 -8.26 1.10
CA ARG A 18 -0.54 -9.70 1.31
C ARG A 18 -0.69 -10.06 2.78
N LEU A 19 -0.45 -11.33 3.11
CA LEU A 19 -0.55 -11.81 4.49
C LEU A 19 0.03 -13.23 4.62
N PRO A 20 0.30 -13.68 5.87
CA PRO A 20 0.85 -15.02 6.13
C PRO A 20 0.05 -16.14 5.45
N ASP A 21 -1.27 -15.95 5.35
CA ASP A 21 -2.14 -16.93 4.72
C ASP A 21 -1.68 -17.27 3.30
N GLY A 22 -1.00 -16.33 2.64
CA GLY A 22 -0.52 -16.56 1.29
C GLY A 22 -1.25 -15.70 0.26
N SER A 23 -2.52 -15.40 0.53
CA SER A 23 -3.33 -14.59 -0.39
C SER A 23 -3.09 -13.09 -0.17
N SER A 24 -3.60 -12.27 -1.08
CA SER A 24 -3.46 -10.82 -0.99
C SER A 24 -4.66 -10.11 -1.62
N PHE A 25 -4.95 -8.90 -1.14
CA PHE A 25 -6.06 -8.11 -1.66
C PHE A 25 -5.57 -6.83 -2.32
N THR A 26 -6.07 -6.56 -3.52
CA THR A 26 -5.66 -5.37 -4.27
C THR A 26 -6.64 -4.22 -4.05
N ASN A 27 -6.08 -3.03 -3.85
CA ASN A 27 -6.88 -1.83 -3.63
C ASN A 27 -6.34 -0.66 -4.45
N GLN A 28 -7.09 0.45 -4.47
CA GLN A 28 -6.69 1.63 -5.23
C GLN A 28 -6.29 2.77 -4.29
N PHE A 29 -5.05 3.20 -4.39
CA PHE A 29 -4.52 4.29 -3.58
C PHE A 29 -3.90 5.35 -4.48
N PRO A 30 -4.44 6.58 -4.47
CA PRO A 30 -3.94 7.67 -5.31
C PRO A 30 -2.46 7.93 -5.12
N SER A 31 -1.87 8.62 -6.08
CA SER A 31 -0.45 8.96 -6.04
C SER A 31 -0.18 10.05 -5.00
N ASP A 32 -1.24 10.62 -4.40
CA ASP A 32 -1.08 11.67 -3.40
C ASP A 32 -1.61 11.22 -2.04
N ALA A 33 -2.60 10.32 -2.04
CA ALA A 33 -3.18 9.80 -0.81
C ALA A 33 -2.10 9.25 0.12
N PRO A 34 -2.34 9.28 1.45
CA PRO A 34 -1.36 8.80 2.44
C PRO A 34 -1.14 7.30 2.34
N LEU A 35 0.13 6.90 2.40
CA LEU A 35 0.49 5.47 2.32
C LEU A 35 -0.24 4.68 3.41
N GLU A 36 -0.44 5.30 4.56
CA GLU A 36 -1.14 4.66 5.69
C GLU A 36 -2.54 4.21 5.31
N GLU A 37 -3.11 4.79 4.24
CA GLU A 37 -4.45 4.44 3.78
C GLU A 37 -4.62 2.92 3.76
N ALA A 38 -3.58 2.20 3.32
CA ALA A 38 -3.62 0.75 3.24
C ALA A 38 -3.44 0.13 4.63
N ARG A 39 -2.48 0.65 5.40
CA ARG A 39 -2.22 0.15 6.75
C ARG A 39 -3.47 0.24 7.62
N GLN A 40 -4.01 1.45 7.76
CA GLN A 40 -5.22 1.66 8.57
C GLN A 40 -6.39 0.82 8.06
N PHE A 41 -6.49 0.69 6.74
CA PHE A 41 -7.56 -0.10 6.13
C PHE A 41 -7.50 -1.55 6.59
N ALA A 42 -6.35 -2.20 6.37
CA ALA A 42 -6.16 -3.59 6.77
C ALA A 42 -6.27 -3.75 8.28
N ALA A 43 -5.69 -2.80 9.01
CA ALA A 43 -5.73 -2.84 10.48
C ALA A 43 -7.15 -2.69 10.99
N GLN A 44 -7.96 -1.91 10.27
CA GLN A 44 -9.36 -1.69 10.66
C GLN A 44 -10.23 -2.91 10.35
N THR A 45 -9.88 -3.63 9.27
CA THR A 45 -10.65 -4.82 8.88
C THR A 45 -10.63 -5.88 9.97
N VAL A 46 -9.45 -6.37 10.33
CA VAL A 46 -9.32 -7.40 11.36
C VAL A 46 -9.36 -6.80 12.76
N GLY A 47 -8.66 -5.67 12.94
CA GLY A 47 -8.63 -5.01 14.24
C GLY A 47 -7.51 -5.54 15.12
N ASN A 48 -7.42 -6.87 15.24
CA ASN A 48 -6.39 -7.49 16.06
C ASN A 48 -6.22 -8.96 15.67
N THR A 49 -5.20 -9.23 14.84
CA THR A 49 -4.93 -10.59 14.39
C THR A 49 -3.44 -10.79 14.09
N TYR A 50 -2.86 -9.86 13.33
CA TYR A 50 -1.44 -9.94 12.98
C TYR A 50 -0.56 -9.43 14.12
N GLY A 51 -1.10 -8.53 14.94
CA GLY A 51 -0.33 -7.97 16.05
C GLY A 51 0.63 -6.89 15.60
N ASN A 52 1.93 -7.15 15.76
CA ASN A 52 2.95 -6.20 15.36
C ASN A 52 3.54 -6.55 14.01
N PHE A 53 2.75 -6.37 12.95
CA PHE A 53 3.19 -6.67 11.59
C PHE A 53 3.98 -5.52 11.00
N SER A 54 4.87 -5.84 10.06
CA SER A 54 5.68 -4.83 9.40
C SER A 54 5.31 -4.74 7.92
N LEU A 55 5.12 -3.51 7.44
CA LEU A 55 4.77 -3.29 6.04
C LEU A 55 5.98 -2.78 5.24
N ALA A 56 6.23 -3.40 4.10
CA ALA A 56 7.35 -3.00 3.25
C ALA A 56 7.09 -3.41 1.80
N THR A 57 7.68 -2.64 0.87
CA THR A 57 7.52 -2.93 -0.55
C THR A 57 8.27 -4.22 -0.94
N MET A 58 7.99 -4.71 -2.14
CA MET A 58 8.62 -5.93 -2.63
C MET A 58 10.01 -5.64 -3.21
N PHE A 59 10.04 -4.83 -4.27
CA PHE A 59 11.29 -4.47 -4.92
C PHE A 59 11.33 -2.96 -5.22
N PRO A 60 12.35 -2.25 -4.71
CA PRO A 60 13.42 -2.84 -3.89
C PRO A 60 12.98 -3.03 -2.44
N ARG A 61 13.94 -3.32 -1.56
CA ARG A 61 13.66 -3.53 -0.16
C ARG A 61 14.16 -2.35 0.68
N ARG A 62 13.34 -1.30 0.76
CA ARG A 62 13.69 -0.10 1.52
C ARG A 62 12.97 -0.04 2.87
N GLU A 63 12.14 -1.05 3.16
CA GLU A 63 11.40 -1.10 4.42
C GLU A 63 10.44 0.10 4.53
N PHE A 64 10.00 0.38 5.76
CA PHE A 64 9.07 1.48 6.02
C PHE A 64 9.70 2.52 6.95
N THR A 65 8.95 3.57 7.25
CA THR A 65 9.41 4.64 8.13
C THR A 65 8.23 5.43 8.70
N LYS A 66 8.53 6.48 9.46
CA LYS A 66 7.49 7.30 10.06
C LYS A 66 6.90 8.27 9.04
N GLU A 67 7.74 8.72 8.10
CA GLU A 67 7.30 9.65 7.07
C GLU A 67 6.65 8.92 5.88
N ASP A 68 7.04 7.67 5.66
CA ASP A 68 6.49 6.89 4.55
C ASP A 68 4.97 6.77 4.61
N TYR A 69 4.41 6.79 5.81
CA TYR A 69 2.97 6.68 5.98
C TYR A 69 2.28 8.03 5.75
N LYS A 70 2.74 9.05 6.47
CA LYS A 70 2.17 10.40 6.34
C LYS A 70 2.27 10.94 4.91
N LYS A 71 3.37 10.61 4.21
CA LYS A 71 3.57 11.07 2.84
C LYS A 71 2.69 10.30 1.86
N LYS A 72 2.70 10.72 0.60
CA LYS A 72 1.90 10.08 -0.45
C LYS A 72 2.48 8.70 -0.82
N LEU A 73 1.82 8.02 -1.75
CA LEU A 73 2.25 6.70 -2.18
C LEU A 73 3.30 6.78 -3.29
N LEU A 74 2.97 7.46 -4.39
CA LEU A 74 3.90 7.59 -5.53
C LEU A 74 5.30 8.01 -5.07
N ASP A 75 5.39 8.71 -3.93
CA ASP A 75 6.68 9.16 -3.41
C ASP A 75 7.68 8.00 -3.33
N LEU A 76 7.16 6.78 -3.12
CA LEU A 76 8.01 5.60 -3.04
C LEU A 76 7.79 4.68 -4.26
N GLU A 77 7.31 5.27 -5.37
CA GLU A 77 7.07 4.53 -6.60
C GLU A 77 6.06 3.39 -6.38
N LEU A 78 4.77 3.74 -6.32
CA LEU A 78 3.72 2.75 -6.11
C LEU A 78 2.87 2.58 -7.37
N ALA A 79 2.70 3.67 -8.11
CA ALA A 79 1.91 3.65 -9.34
C ALA A 79 2.74 3.11 -10.51
N PRO A 80 2.10 2.37 -11.45
CA PRO A 80 0.68 2.05 -11.40
C PRO A 80 0.36 0.79 -10.58
N SER A 81 1.40 0.08 -10.12
CA SER A 81 1.20 -1.13 -9.33
C SER A 81 2.35 -1.36 -8.35
N ALA A 82 2.02 -1.97 -7.21
CA ALA A 82 3.01 -2.25 -6.17
C ALA A 82 2.59 -3.43 -5.29
N SER A 83 3.54 -3.99 -4.55
CA SER A 83 3.28 -5.12 -3.67
C SER A 83 3.81 -4.87 -2.26
N VAL A 84 3.10 -5.36 -1.25
CA VAL A 84 3.50 -5.18 0.15
C VAL A 84 3.90 -6.53 0.77
N VAL A 85 4.53 -6.47 1.94
CA VAL A 85 4.94 -7.67 2.65
C VAL A 85 4.53 -7.59 4.13
N LEU A 86 3.70 -8.54 4.55
CA LEU A 86 3.22 -8.56 5.94
C LEU A 86 4.19 -9.34 6.84
N LEU A 87 4.64 -8.71 7.92
CA LEU A 87 5.56 -9.35 8.86
C LEU A 87 4.96 -9.44 10.27
N PRO A 88 3.72 -9.95 10.41
CA PRO A 88 3.05 -10.08 11.72
C PRO A 88 3.98 -10.60 12.82
N ALA A 89 3.71 -10.19 14.06
CA ALA A 89 4.52 -10.61 15.21
C ALA A 89 3.66 -10.88 16.44
N GLY A 90 2.48 -11.46 16.22
CA GLY A 90 1.57 -11.76 17.32
C GLY A 90 0.22 -12.27 16.84
N MET A 1 0.47 -6.86 -34.87
CA MET A 1 0.68 -5.42 -34.56
C MET A 1 -0.52 -4.85 -33.80
N GLY A 2 -0.29 -4.40 -32.56
CA GLY A 2 -1.36 -3.84 -31.76
C GLY A 2 -0.89 -2.74 -30.82
N HIS A 3 -1.69 -1.68 -30.70
CA HIS A 3 -1.35 -0.55 -29.84
C HIS A 3 -2.59 -0.02 -29.12
N HIS A 4 -2.37 0.83 -28.11
CA HIS A 4 -3.47 1.42 -27.33
C HIS A 4 -4.25 0.34 -26.59
N HIS A 5 -3.73 -0.04 -25.41
CA HIS A 5 -4.37 -1.07 -24.59
C HIS A 5 -5.64 -0.52 -23.93
N HIS A 6 -5.53 0.63 -23.25
CA HIS A 6 -6.67 1.25 -22.58
C HIS A 6 -6.42 2.74 -22.33
N HIS A 7 -5.28 3.05 -21.71
CA HIS A 7 -4.90 4.43 -21.39
C HIS A 7 -5.97 5.12 -20.53
N HIS A 8 -5.77 5.08 -19.21
CA HIS A 8 -6.71 5.70 -18.28
C HIS A 8 -6.22 7.09 -17.84
N MET A 9 -4.94 7.18 -17.46
CA MET A 9 -4.36 8.44 -16.99
C MET A 9 -5.14 9.00 -15.80
N SER A 10 -5.63 8.10 -14.95
CA SER A 10 -6.39 8.50 -13.76
C SER A 10 -5.49 9.15 -12.71
N THR A 11 -4.17 8.95 -12.83
CA THR A 11 -3.21 9.53 -11.90
C THR A 11 -3.42 8.98 -10.48
N VAL A 12 -3.31 7.66 -10.34
CA VAL A 12 -3.48 7.00 -9.04
C VAL A 12 -2.51 5.84 -8.89
N ALA A 13 -2.42 5.31 -7.67
CA ALA A 13 -1.53 4.18 -7.38
C ALA A 13 -2.32 2.92 -7.00
N ARG A 14 -1.74 1.77 -7.29
CA ARG A 14 -2.36 0.49 -7.00
C ARG A 14 -1.49 -0.34 -6.07
N ILE A 15 -2.04 -0.74 -4.92
CA ILE A 15 -1.30 -1.53 -3.96
C ILE A 15 -2.05 -2.80 -3.57
N GLN A 16 -1.30 -3.86 -3.33
CA GLN A 16 -1.87 -5.14 -2.93
C GLN A 16 -1.36 -5.52 -1.55
N PHE A 17 -2.26 -5.54 -0.56
CA PHE A 17 -1.89 -5.87 0.81
C PHE A 17 -1.85 -7.39 1.01
N ARG A 18 -0.64 -7.93 1.15
CA ARG A 18 -0.46 -9.36 1.34
C ARG A 18 -0.50 -9.73 2.82
N LEU A 19 -0.37 -11.02 3.10
CA LEU A 19 -0.38 -11.51 4.48
C LEU A 19 0.01 -12.99 4.54
N PRO A 20 0.54 -13.45 5.69
CA PRO A 20 0.96 -14.86 5.88
C PRO A 20 -0.13 -15.85 5.48
N ASP A 21 -1.40 -15.44 5.59
CA ASP A 21 -2.52 -16.30 5.25
C ASP A 21 -2.39 -16.86 3.82
N GLY A 22 -1.76 -16.09 2.94
CA GLY A 22 -1.59 -16.53 1.56
C GLY A 22 -2.17 -15.56 0.55
N SER A 23 -3.40 -15.12 0.80
CA SER A 23 -4.08 -14.19 -0.09
C SER A 23 -3.69 -12.74 0.21
N SER A 24 -4.19 -11.82 -0.62
CA SER A 24 -3.90 -10.39 -0.45
C SER A 24 -5.12 -9.55 -0.82
N PHE A 25 -5.09 -8.27 -0.44
CA PHE A 25 -6.19 -7.35 -0.72
C PHE A 25 -5.76 -6.30 -1.74
N THR A 26 -6.52 -6.17 -2.82
CA THR A 26 -6.21 -5.21 -3.88
C THR A 26 -7.12 -3.99 -3.80
N ASN A 27 -6.53 -2.82 -3.55
CA ASN A 27 -7.28 -1.58 -3.45
C ASN A 27 -6.66 -0.49 -4.32
N GLN A 28 -7.36 0.64 -4.46
CA GLN A 28 -6.87 1.76 -5.27
C GLN A 28 -6.55 2.96 -4.39
N PHE A 29 -5.29 3.37 -4.41
CA PHE A 29 -4.84 4.52 -3.63
C PHE A 29 -4.14 5.53 -4.53
N PRO A 30 -4.66 6.77 -4.59
CA PRO A 30 -4.10 7.82 -5.44
C PRO A 30 -2.60 8.04 -5.22
N SER A 31 -1.97 8.68 -6.19
CA SER A 31 -0.54 8.97 -6.13
C SER A 31 -0.22 10.02 -5.05
N ASP A 32 -1.27 10.61 -4.44
CA ASP A 32 -1.07 11.62 -3.40
C ASP A 32 -1.70 11.21 -2.07
N ALA A 33 -2.73 10.37 -2.11
CA ALA A 33 -3.41 9.92 -0.89
C ALA A 33 -2.40 9.31 0.10
N PRO A 34 -2.71 9.40 1.41
CA PRO A 34 -1.83 8.86 2.46
C PRO A 34 -1.48 7.39 2.28
N LEU A 35 -0.19 7.07 2.42
CA LEU A 35 0.28 5.70 2.29
C LEU A 35 -0.32 4.81 3.37
N GLU A 36 -0.51 5.38 4.56
CA GLU A 36 -1.09 4.65 5.68
C GLU A 36 -2.50 4.12 5.39
N GLU A 37 -3.17 4.68 4.37
CA GLU A 37 -4.51 4.26 4.00
C GLU A 37 -4.62 2.75 3.90
N ALA A 38 -3.63 2.12 3.27
CA ALA A 38 -3.61 0.67 3.12
C ALA A 38 -3.36 -0.02 4.47
N ARG A 39 -2.48 0.57 5.27
CA ARG A 39 -2.15 0.03 6.59
C ARG A 39 -3.38 0.00 7.49
N GLN A 40 -4.02 1.17 7.67
CA GLN A 40 -5.20 1.27 8.52
C GLN A 40 -6.35 0.39 8.01
N PHE A 41 -6.51 0.33 6.69
CA PHE A 41 -7.57 -0.49 6.08
C PHE A 41 -7.40 -1.97 6.44
N ALA A 42 -6.22 -2.52 6.18
CA ALA A 42 -5.93 -3.92 6.49
C ALA A 42 -6.09 -4.21 7.98
N ALA A 43 -5.48 -3.37 8.82
CA ALA A 43 -5.56 -3.53 10.27
C ALA A 43 -7.02 -3.51 10.74
N GLN A 44 -7.83 -2.69 10.09
CA GLN A 44 -9.25 -2.58 10.43
C GLN A 44 -10.01 -3.84 10.02
N THR A 45 -9.60 -4.45 8.91
CA THR A 45 -10.26 -5.66 8.40
C THR A 45 -10.19 -6.80 9.43
N VAL A 46 -8.97 -7.22 9.78
CA VAL A 46 -8.78 -8.31 10.74
C VAL A 46 -9.09 -7.85 12.17
N GLY A 47 -8.63 -6.66 12.53
CA GLY A 47 -8.86 -6.13 13.86
C GLY A 47 -7.78 -6.52 14.84
N ASN A 48 -7.47 -7.81 14.89
CA ASN A 48 -6.44 -8.32 15.80
C ASN A 48 -5.98 -9.72 15.40
N THR A 49 -4.88 -9.79 14.67
CA THR A 49 -4.31 -11.06 14.23
C THR A 49 -2.80 -10.97 14.04
N TYR A 50 -2.36 -9.96 13.28
CA TYR A 50 -0.93 -9.76 13.01
C TYR A 50 -0.25 -8.96 14.11
N GLY A 51 -0.97 -8.02 14.72
CA GLY A 51 -0.40 -7.21 15.78
C GLY A 51 0.44 -6.06 15.24
N ASN A 52 1.71 -6.02 15.64
CA ASN A 52 2.63 -4.97 15.19
C ASN A 52 3.35 -5.40 13.92
N PHE A 53 2.60 -5.46 12.82
CA PHE A 53 3.17 -5.85 11.54
C PHE A 53 3.85 -4.66 10.86
N SER A 54 4.77 -4.95 9.95
CA SER A 54 5.48 -3.91 9.23
C SER A 54 5.18 -3.99 7.73
N LEU A 55 5.12 -2.83 7.08
CA LEU A 55 4.82 -2.76 5.66
C LEU A 55 6.05 -2.34 4.86
N ALA A 56 6.28 -3.01 3.73
CA ALA A 56 7.41 -2.72 2.86
C ALA A 56 7.13 -3.16 1.43
N THR A 57 7.91 -2.64 0.49
CA THR A 57 7.75 -3.00 -0.93
C THR A 57 8.38 -4.36 -1.21
N MET A 58 8.03 -4.95 -2.35
CA MET A 58 8.56 -6.26 -2.73
C MET A 58 10.08 -6.21 -2.86
N PHE A 59 10.58 -5.45 -3.85
CA PHE A 59 12.02 -5.31 -4.07
C PHE A 59 12.34 -3.91 -4.62
N PRO A 60 13.43 -3.29 -4.15
CA PRO A 60 14.32 -3.87 -3.13
C PRO A 60 13.73 -3.78 -1.72
N ARG A 61 14.28 -4.57 -0.79
CA ARG A 61 13.81 -4.58 0.59
C ARG A 61 14.50 -3.49 1.40
N ARG A 62 13.85 -2.33 1.51
CA ARG A 62 14.40 -1.20 2.26
C ARG A 62 13.59 -0.90 3.53
N GLU A 63 12.33 -1.37 3.56
CA GLU A 63 11.44 -1.16 4.72
C GLU A 63 11.00 0.30 4.81
N PHE A 64 9.70 0.50 5.06
CA PHE A 64 9.12 1.83 5.18
C PHE A 64 9.29 2.40 6.59
N THR A 65 9.40 3.73 6.67
CA THR A 65 9.57 4.42 7.96
C THR A 65 8.29 5.18 8.35
N LYS A 66 8.35 5.93 9.45
CA LYS A 66 7.20 6.70 9.92
C LYS A 66 6.78 7.76 8.89
N GLU A 67 7.77 8.30 8.17
CA GLU A 67 7.51 9.32 7.16
C GLU A 67 6.88 8.71 5.90
N ASP A 68 7.21 7.46 5.62
CA ASP A 68 6.68 6.76 4.45
C ASP A 68 5.17 6.64 4.49
N TYR A 69 4.60 6.56 5.70
CA TYR A 69 3.16 6.43 5.87
C TYR A 69 2.48 7.80 5.74
N LYS A 70 2.99 8.79 6.47
CA LYS A 70 2.42 10.14 6.43
C LYS A 70 2.44 10.74 5.03
N LYS A 71 3.46 10.36 4.23
CA LYS A 71 3.58 10.87 2.86
C LYS A 71 2.61 10.15 1.92
N LYS A 72 2.69 10.45 0.62
CA LYS A 72 1.81 9.82 -0.37
C LYS A 72 2.34 8.45 -0.80
N LEU A 73 1.60 7.79 -1.68
CA LEU A 73 1.97 6.44 -2.16
C LEU A 73 3.06 6.49 -3.23
N LEU A 74 2.77 7.16 -4.35
CA LEU A 74 3.74 7.27 -5.45
C LEU A 74 5.00 8.02 -5.03
N ASP A 75 4.96 8.70 -3.87
CA ASP A 75 6.12 9.43 -3.36
C ASP A 75 7.39 8.57 -3.45
N LEU A 76 7.22 7.27 -3.21
CA LEU A 76 8.34 6.33 -3.28
C LEU A 76 8.38 5.67 -4.66
N GLU A 77 7.38 4.84 -4.96
CA GLU A 77 7.29 4.15 -6.25
C GLU A 77 6.17 3.10 -6.25
N LEU A 78 4.92 3.55 -6.16
CA LEU A 78 3.77 2.64 -6.15
C LEU A 78 2.93 2.75 -7.42
N ALA A 79 3.16 3.79 -8.22
CA ALA A 79 2.41 3.98 -9.47
C ALA A 79 3.10 3.26 -10.62
N PRO A 80 2.32 2.52 -11.45
CA PRO A 80 0.87 2.39 -11.29
C PRO A 80 0.45 1.31 -10.29
N SER A 81 1.26 0.25 -10.18
CA SER A 81 0.96 -0.86 -9.27
C SER A 81 2.17 -1.23 -8.41
N ALA A 82 1.91 -1.79 -7.22
CA ALA A 82 2.97 -2.20 -6.30
C ALA A 82 2.49 -3.25 -5.31
N SER A 83 3.42 -4.04 -4.77
CA SER A 83 3.10 -5.08 -3.80
C SER A 83 3.73 -4.78 -2.45
N VAL A 84 3.06 -5.20 -1.38
CA VAL A 84 3.55 -4.98 -0.02
C VAL A 84 3.94 -6.30 0.66
N VAL A 85 4.62 -6.20 1.79
CA VAL A 85 5.04 -7.38 2.55
C VAL A 85 4.68 -7.23 4.02
N LEU A 86 3.84 -8.13 4.52
CA LEU A 86 3.40 -8.10 5.91
C LEU A 86 4.47 -8.70 6.83
N LEU A 87 4.81 -7.98 7.90
CA LEU A 87 5.81 -8.43 8.87
C LEU A 87 5.20 -8.57 10.27
N PRO A 88 4.09 -9.32 10.41
CA PRO A 88 3.42 -9.52 11.70
C PRO A 88 4.38 -9.75 12.86
N ALA A 89 4.14 -9.06 13.97
CA ALA A 89 4.97 -9.17 15.17
C ALA A 89 4.14 -9.59 16.37
N GLY A 90 3.56 -10.78 16.30
CA GLY A 90 2.74 -11.28 17.40
C GLY A 90 3.49 -12.26 18.29
N MET A 1 -10.27 31.37 -23.72
CA MET A 1 -10.52 30.65 -22.44
C MET A 1 -9.41 29.65 -22.15
N GLY A 2 -9.16 29.40 -20.86
CA GLY A 2 -8.11 28.46 -20.48
C GLY A 2 -8.42 27.73 -19.17
N HIS A 3 -9.68 27.39 -18.97
CA HIS A 3 -10.10 26.69 -17.74
C HIS A 3 -11.45 25.97 -17.93
N HIS A 4 -11.69 25.48 -19.15
CA HIS A 4 -12.93 24.77 -19.46
C HIS A 4 -12.64 23.31 -19.83
N HIS A 5 -11.60 23.11 -20.65
CA HIS A 5 -11.21 21.78 -21.09
C HIS A 5 -10.59 20.98 -19.95
N HIS A 6 -10.40 19.68 -20.16
CA HIS A 6 -9.81 18.80 -19.16
C HIS A 6 -8.99 17.69 -19.82
N HIS A 7 -7.68 17.71 -19.58
CA HIS A 7 -6.79 16.71 -20.15
C HIS A 7 -6.12 15.87 -19.05
N HIS A 8 -6.86 15.62 -17.96
CA HIS A 8 -6.35 14.84 -16.84
C HIS A 8 -6.09 13.39 -17.25
N MET A 9 -4.98 12.83 -16.77
CA MET A 9 -4.62 11.45 -17.08
C MET A 9 -4.49 10.63 -15.80
N SER A 10 -4.10 9.35 -15.95
CA SER A 10 -3.95 8.45 -14.81
C SER A 10 -2.93 8.99 -13.80
N THR A 11 -3.41 9.28 -12.59
CA THR A 11 -2.55 9.79 -11.53
C THR A 11 -2.85 9.10 -10.19
N VAL A 12 -3.16 7.81 -10.25
CA VAL A 12 -3.46 7.02 -9.06
C VAL A 12 -2.48 5.86 -8.89
N ALA A 13 -2.41 5.32 -7.68
CA ALA A 13 -1.51 4.20 -7.39
C ALA A 13 -2.27 2.96 -6.95
N ARG A 14 -1.70 1.79 -7.23
CA ARG A 14 -2.32 0.53 -6.86
C ARG A 14 -1.41 -0.29 -5.94
N ILE A 15 -1.95 -0.74 -4.82
CA ILE A 15 -1.18 -1.53 -3.87
C ILE A 15 -1.88 -2.84 -3.55
N GLN A 16 -1.10 -3.88 -3.32
CA GLN A 16 -1.62 -5.20 -3.00
C GLN A 16 -1.17 -5.65 -1.61
N PHE A 17 -2.11 -5.74 -0.69
CA PHE A 17 -1.82 -6.15 0.68
C PHE A 17 -1.74 -7.68 0.80
N ARG A 18 -0.58 -8.19 1.17
CA ARG A 18 -0.39 -9.63 1.32
C ARG A 18 -0.33 -10.05 2.78
N LEU A 19 -0.21 -11.36 3.01
CA LEU A 19 -0.14 -11.91 4.36
C LEU A 19 0.32 -13.37 4.33
N PRO A 20 0.82 -13.89 5.46
CA PRO A 20 1.28 -15.28 5.57
C PRO A 20 0.22 -16.30 5.12
N ASP A 21 -1.05 -15.94 5.29
CA ASP A 21 -2.15 -16.81 4.89
C ASP A 21 -2.07 -17.17 3.41
N GLY A 22 -1.69 -16.20 2.58
CA GLY A 22 -1.59 -16.44 1.15
C GLY A 22 -2.43 -15.47 0.35
N SER A 23 -3.68 -15.27 0.77
CA SER A 23 -4.59 -14.35 0.08
C SER A 23 -4.17 -12.90 0.28
N SER A 24 -4.40 -12.06 -0.72
CA SER A 24 -4.05 -10.65 -0.64
C SER A 24 -5.23 -9.75 -0.95
N PHE A 25 -5.10 -8.47 -0.59
CA PHE A 25 -6.16 -7.48 -0.82
C PHE A 25 -5.68 -6.42 -1.80
N THR A 26 -6.46 -6.20 -2.87
CA THR A 26 -6.11 -5.22 -3.88
C THR A 26 -7.04 -3.99 -3.79
N ASN A 27 -6.44 -2.83 -3.53
CA ASN A 27 -7.21 -1.59 -3.42
C ASN A 27 -6.59 -0.47 -4.27
N GLN A 28 -7.33 0.62 -4.42
CA GLN A 28 -6.86 1.76 -5.23
C GLN A 28 -6.52 2.95 -4.32
N PHE A 29 -5.26 3.36 -4.38
CA PHE A 29 -4.79 4.50 -3.59
C PHE A 29 -4.13 5.53 -4.51
N PRO A 30 -4.68 6.75 -4.59
CA PRO A 30 -4.13 7.81 -5.45
C PRO A 30 -2.66 8.07 -5.21
N SER A 31 -2.04 8.74 -6.17
CA SER A 31 -0.63 9.07 -6.09
C SER A 31 -0.38 10.19 -5.06
N ASP A 32 -1.45 10.76 -4.51
CA ASP A 32 -1.33 11.84 -3.52
C ASP A 32 -1.87 11.39 -2.16
N ALA A 33 -2.91 10.56 -2.17
CA ALA A 33 -3.52 10.06 -0.94
C ALA A 33 -2.47 9.46 -0.01
N PRO A 34 -2.67 9.58 1.32
CA PRO A 34 -1.74 9.06 2.32
C PRO A 34 -1.45 7.57 2.15
N LEU A 35 -0.20 7.18 2.39
CA LEU A 35 0.20 5.77 2.28
C LEU A 35 -0.33 4.97 3.45
N GLU A 36 -0.42 5.61 4.62
CA GLU A 36 -0.93 4.95 5.83
C GLU A 36 -2.33 4.36 5.61
N GLU A 37 -3.05 4.85 4.60
CA GLU A 37 -4.39 4.36 4.30
C GLU A 37 -4.41 2.83 4.20
N ALA A 38 -3.39 2.27 3.54
CA ALA A 38 -3.28 0.82 3.38
C ALA A 38 -2.97 0.14 4.72
N ARG A 39 -2.21 0.84 5.57
CA ARG A 39 -1.84 0.31 6.89
C ARG A 39 -3.05 0.30 7.82
N GLN A 40 -3.74 1.45 7.92
CA GLN A 40 -4.92 1.56 8.78
C GLN A 40 -6.06 0.68 8.30
N PHE A 41 -6.21 0.54 6.98
CA PHE A 41 -7.26 -0.29 6.40
C PHE A 41 -7.11 -1.74 6.83
N ALA A 42 -5.93 -2.31 6.58
CA ALA A 42 -5.64 -3.70 6.95
C ALA A 42 -5.96 -3.96 8.42
N ALA A 43 -5.60 -2.99 9.27
CA ALA A 43 -5.86 -3.11 10.71
C ALA A 43 -7.35 -3.24 11.00
N GLN A 44 -8.16 -2.51 10.24
CA GLN A 44 -9.61 -2.55 10.41
C GLN A 44 -10.21 -3.83 9.80
N THR A 45 -9.64 -4.27 8.67
CA THR A 45 -10.13 -5.47 7.99
C THR A 45 -10.04 -6.69 8.90
N VAL A 46 -8.82 -7.03 9.32
CA VAL A 46 -8.61 -8.20 10.19
C VAL A 46 -9.01 -7.91 11.63
N GLY A 47 -8.93 -6.64 12.03
CA GLY A 47 -9.29 -6.27 13.39
C GLY A 47 -8.15 -6.47 14.36
N ASN A 48 -6.94 -6.14 13.93
CA ASN A 48 -5.75 -6.28 14.76
C ASN A 48 -5.52 -7.73 15.18
N THR A 49 -5.24 -8.59 14.20
CA THR A 49 -5.00 -10.00 14.46
C THR A 49 -3.52 -10.35 14.33
N TYR A 50 -2.85 -9.73 13.35
CA TYR A 50 -1.42 -9.97 13.12
C TYR A 50 -0.56 -9.42 14.25
N GLY A 51 -1.08 -8.42 14.97
CA GLY A 51 -0.34 -7.82 16.06
C GLY A 51 0.66 -6.79 15.60
N ASN A 52 1.94 -7.00 15.89
CA ASN A 52 2.99 -6.07 15.49
C ASN A 52 3.59 -6.48 14.15
N PHE A 53 2.80 -6.35 13.09
CA PHE A 53 3.24 -6.70 11.75
C PHE A 53 4.00 -5.55 11.10
N SER A 54 4.93 -5.89 10.22
CA SER A 54 5.73 -4.89 9.53
C SER A 54 5.38 -4.85 8.05
N LEU A 55 5.29 -3.65 7.49
CA LEU A 55 4.97 -3.48 6.07
C LEU A 55 6.19 -3.07 5.27
N ALA A 56 6.43 -3.76 4.15
CA ALA A 56 7.57 -3.47 3.30
C ALA A 56 7.31 -3.90 1.85
N THR A 57 7.92 -3.21 0.91
CA THR A 57 7.75 -3.54 -0.51
C THR A 57 8.79 -4.57 -0.96
N MET A 58 8.54 -5.20 -2.12
CA MET A 58 9.44 -6.21 -2.66
C MET A 58 10.85 -5.64 -2.84
N PHE A 59 11.06 -4.94 -3.95
CA PHE A 59 12.36 -4.33 -4.24
C PHE A 59 12.19 -2.92 -4.80
N PRO A 60 13.03 -1.97 -4.35
CA PRO A 60 14.08 -2.22 -3.37
C PRO A 60 13.54 -2.38 -1.95
N ARG A 61 14.37 -2.90 -1.05
CA ARG A 61 13.96 -3.09 0.34
C ARG A 61 14.09 -1.80 1.14
N ARG A 62 12.95 -1.15 1.37
CA ARG A 62 12.93 0.11 2.13
C ARG A 62 12.33 -0.09 3.53
N GLU A 63 11.42 -1.05 3.66
CA GLU A 63 10.77 -1.34 4.94
C GLU A 63 9.86 -0.19 5.36
N PHE A 64 9.16 -0.37 6.48
CA PHE A 64 8.25 0.66 7.00
C PHE A 64 9.03 1.87 7.49
N THR A 65 8.61 3.05 7.07
CA THR A 65 9.26 4.30 7.46
C THR A 65 8.25 5.27 8.08
N LYS A 66 8.75 6.25 8.83
CA LYS A 66 7.89 7.23 9.48
C LYS A 66 7.35 8.24 8.47
N GLU A 67 8.21 8.67 7.54
CA GLU A 67 7.81 9.65 6.52
C GLU A 67 7.05 8.99 5.37
N ASP A 68 7.35 7.71 5.11
CA ASP A 68 6.71 6.97 4.03
C ASP A 68 5.19 6.92 4.18
N TYR A 69 4.70 6.89 5.42
CA TYR A 69 3.26 6.82 5.67
C TYR A 69 2.61 8.19 5.57
N LYS A 70 3.18 9.17 6.30
CA LYS A 70 2.65 10.53 6.30
C LYS A 70 2.65 11.14 4.89
N LYS A 71 3.57 10.70 4.04
CA LYS A 71 3.67 11.21 2.67
C LYS A 71 2.68 10.49 1.74
N LYS A 72 2.73 10.85 0.45
CA LYS A 72 1.84 10.25 -0.56
C LYS A 72 2.26 8.81 -0.90
N LEU A 73 1.74 8.29 -2.01
CA LEU A 73 2.04 6.92 -2.44
C LEU A 73 3.11 6.87 -3.52
N LEU A 74 2.86 7.54 -4.65
CA LEU A 74 3.81 7.54 -5.77
C LEU A 74 5.23 7.94 -5.34
N ASP A 75 5.32 8.69 -4.24
CA ASP A 75 6.62 9.13 -3.72
C ASP A 75 7.59 7.96 -3.60
N LEU A 76 7.05 6.76 -3.35
CA LEU A 76 7.87 5.55 -3.22
C LEU A 76 7.68 4.61 -4.42
N GLU A 77 7.26 5.18 -5.55
CA GLU A 77 7.03 4.41 -6.78
C GLU A 77 6.02 3.29 -6.56
N LEU A 78 4.74 3.66 -6.40
CA LEU A 78 3.68 2.68 -6.18
C LEU A 78 2.79 2.53 -7.42
N ALA A 79 2.68 3.61 -8.19
CA ALA A 79 1.87 3.59 -9.40
C ALA A 79 2.64 2.98 -10.57
N PRO A 80 1.95 2.22 -11.44
CA PRO A 80 0.52 1.96 -11.33
C PRO A 80 0.18 0.74 -10.46
N SER A 81 1.20 0.01 -10.01
CA SER A 81 0.97 -1.17 -9.17
C SER A 81 2.16 -1.43 -8.24
N ALA A 82 1.88 -2.02 -7.07
CA ALA A 82 2.92 -2.31 -6.09
C ALA A 82 2.54 -3.51 -5.20
N SER A 83 3.52 -4.03 -4.47
CA SER A 83 3.30 -5.18 -3.58
C SER A 83 3.86 -4.92 -2.18
N VAL A 84 3.20 -5.46 -1.17
CA VAL A 84 3.64 -5.30 0.22
C VAL A 84 3.94 -6.66 0.87
N VAL A 85 4.58 -6.63 2.02
CA VAL A 85 4.92 -7.86 2.75
C VAL A 85 4.57 -7.71 4.23
N LEU A 86 3.68 -8.57 4.72
CA LEU A 86 3.27 -8.54 6.12
C LEU A 86 4.23 -9.34 6.99
N LEU A 87 4.73 -8.70 8.06
CA LEU A 87 5.65 -9.36 8.98
C LEU A 87 5.06 -9.40 10.39
N PRO A 88 3.96 -10.14 10.57
CA PRO A 88 3.28 -10.28 11.86
C PRO A 88 4.22 -10.70 13.00
N ALA A 89 3.82 -10.40 14.22
CA ALA A 89 4.62 -10.73 15.40
C ALA A 89 3.73 -11.06 16.60
N GLY A 90 2.57 -11.67 16.33
CA GLY A 90 1.65 -12.03 17.40
C GLY A 90 1.47 -13.54 17.51
N MET A 1 -10.23 1.51 -14.19
CA MET A 1 -10.09 0.15 -13.60
C MET A 1 -10.92 -0.02 -12.33
N GLY A 2 -11.08 1.08 -11.58
CA GLY A 2 -11.86 1.02 -10.34
C GLY A 2 -12.51 2.36 -10.01
N HIS A 3 -11.70 3.41 -9.96
CA HIS A 3 -12.20 4.74 -9.65
C HIS A 3 -11.96 5.71 -10.81
N HIS A 4 -12.97 5.84 -11.68
CA HIS A 4 -12.87 6.73 -12.83
C HIS A 4 -13.68 8.00 -12.61
N HIS A 5 -13.26 8.80 -11.62
CA HIS A 5 -13.94 10.04 -11.29
C HIS A 5 -13.15 11.25 -11.81
N HIS A 6 -12.50 11.09 -12.97
CA HIS A 6 -11.71 12.15 -13.58
C HIS A 6 -12.23 12.48 -14.99
N HIS A 7 -11.53 13.37 -15.68
CA HIS A 7 -11.92 13.78 -17.03
C HIS A 7 -11.25 12.91 -18.11
N HIS A 8 -9.95 12.66 -17.95
CA HIS A 8 -9.21 11.85 -18.92
C HIS A 8 -8.27 10.88 -18.21
N MET A 9 -7.28 11.42 -17.50
CA MET A 9 -6.32 10.60 -16.76
C MET A 9 -6.73 10.49 -15.30
N SER A 10 -5.99 9.68 -14.53
CA SER A 10 -6.29 9.49 -13.11
C SER A 10 -5.05 9.77 -12.26
N THR A 11 -3.91 9.21 -12.65
CA THR A 11 -2.66 9.40 -11.92
C THR A 11 -2.78 8.86 -10.49
N VAL A 12 -3.09 7.57 -10.37
CA VAL A 12 -3.24 6.93 -9.06
C VAL A 12 -2.29 5.75 -8.92
N ALA A 13 -2.16 5.24 -7.70
CA ALA A 13 -1.28 4.10 -7.42
C ALA A 13 -2.06 2.89 -6.95
N ARG A 14 -1.54 1.70 -7.23
CA ARG A 14 -2.19 0.45 -6.83
C ARG A 14 -1.27 -0.36 -5.93
N ILE A 15 -1.79 -0.79 -4.79
CA ILE A 15 -1.01 -1.59 -3.84
C ILE A 15 -1.74 -2.87 -3.47
N GLN A 16 -0.98 -3.93 -3.27
CA GLN A 16 -1.54 -5.23 -2.90
C GLN A 16 -1.12 -5.61 -1.49
N PHE A 17 -2.08 -5.63 -0.56
CA PHE A 17 -1.80 -5.97 0.82
C PHE A 17 -1.79 -7.48 1.01
N ARG A 18 -0.61 -8.04 1.22
CA ARG A 18 -0.45 -9.47 1.41
C ARG A 18 -0.56 -9.85 2.89
N LEU A 19 -0.43 -11.14 3.16
CA LEU A 19 -0.52 -11.64 4.53
C LEU A 19 -0.05 -13.10 4.61
N PRO A 20 0.38 -13.55 5.81
CA PRO A 20 0.84 -14.93 6.03
C PRO A 20 -0.14 -15.97 5.50
N ASP A 21 -1.42 -15.61 5.47
CA ASP A 21 -2.46 -16.52 4.99
C ASP A 21 -2.15 -17.01 3.57
N GLY A 22 -1.56 -16.13 2.75
CA GLY A 22 -1.22 -16.49 1.39
C GLY A 22 -1.79 -15.53 0.36
N SER A 23 -3.07 -15.20 0.51
CA SER A 23 -3.74 -14.28 -0.40
C SER A 23 -3.43 -12.82 -0.05
N SER A 24 -3.92 -11.90 -0.89
CA SER A 24 -3.69 -10.46 -0.66
C SER A 24 -4.90 -9.64 -1.09
N PHE A 25 -4.94 -8.38 -0.64
CA PHE A 25 -6.04 -7.48 -0.98
C PHE A 25 -5.57 -6.37 -1.90
N THR A 26 -6.26 -6.19 -3.03
CA THR A 26 -5.90 -5.16 -4.00
C THR A 26 -6.85 -3.97 -3.91
N ASN A 27 -6.28 -2.79 -3.65
CA ASN A 27 -7.07 -1.56 -3.54
C ASN A 27 -6.48 -0.45 -4.42
N GLN A 28 -7.18 0.68 -4.51
CA GLN A 28 -6.72 1.81 -5.31
C GLN A 28 -6.37 3.00 -4.41
N PHE A 29 -5.12 3.43 -4.47
CA PHE A 29 -4.65 4.56 -3.68
C PHE A 29 -3.93 5.55 -4.59
N PRO A 30 -4.45 6.79 -4.71
CA PRO A 30 -3.84 7.82 -5.56
C PRO A 30 -2.36 8.04 -5.28
N SER A 31 -1.70 8.69 -6.23
CA SER A 31 -0.28 8.99 -6.11
C SER A 31 -0.02 10.09 -5.07
N ASP A 32 -1.10 10.68 -4.53
CA ASP A 32 -0.98 11.74 -3.54
C ASP A 32 -1.60 11.35 -2.20
N ALA A 33 -2.66 10.53 -2.25
CA ALA A 33 -3.34 10.07 -1.05
C ALA A 33 -2.36 9.46 -0.05
N PRO A 34 -2.66 9.57 1.27
CA PRO A 34 -1.79 9.04 2.32
C PRO A 34 -1.48 7.55 2.14
N LEU A 35 -0.20 7.19 2.32
CA LEU A 35 0.24 5.80 2.19
C LEU A 35 -0.44 4.93 3.24
N GLU A 36 -0.64 5.48 4.43
CA GLU A 36 -1.28 4.76 5.53
C GLU A 36 -2.70 4.30 5.16
N GLU A 37 -3.30 4.92 4.13
CA GLU A 37 -4.66 4.56 3.70
C GLU A 37 -4.79 3.05 3.53
N ALA A 38 -3.71 2.41 3.05
CA ALA A 38 -3.72 0.95 2.85
C ALA A 38 -3.52 0.22 4.17
N ARG A 39 -2.64 0.75 5.02
CA ARG A 39 -2.37 0.13 6.32
C ARG A 39 -3.62 0.12 7.19
N GLN A 40 -4.25 1.30 7.34
CA GLN A 40 -5.46 1.43 8.15
C GLN A 40 -6.58 0.53 7.62
N PHE A 41 -6.62 0.34 6.30
CA PHE A 41 -7.63 -0.50 5.67
C PHE A 41 -7.52 -1.95 6.15
N ALA A 42 -6.33 -2.54 6.00
CA ALA A 42 -6.10 -3.92 6.42
C ALA A 42 -6.30 -4.06 7.93
N ALA A 43 -5.70 -3.13 8.69
CA ALA A 43 -5.81 -3.14 10.15
C ALA A 43 -7.28 -3.12 10.59
N GLN A 44 -8.13 -2.46 9.80
CA GLN A 44 -9.55 -2.36 10.11
C GLN A 44 -10.18 -3.75 10.24
N THR A 45 -9.80 -4.65 9.32
CA THR A 45 -10.32 -6.01 9.31
C THR A 45 -9.50 -6.92 10.23
N VAL A 46 -8.18 -6.88 10.07
CA VAL A 46 -7.28 -7.71 10.88
C VAL A 46 -6.61 -6.88 11.98
N GLY A 47 -7.43 -6.22 12.79
CA GLY A 47 -6.91 -5.41 13.88
C GLY A 47 -6.87 -6.15 15.20
N ASN A 48 -6.74 -7.48 15.13
CA ASN A 48 -6.68 -8.32 16.33
C ASN A 48 -6.15 -9.71 16.01
N THR A 49 -5.25 -9.79 15.03
CA THR A 49 -4.66 -11.06 14.64
C THR A 49 -3.14 -10.96 14.50
N TYR A 50 -2.67 -10.13 13.57
CA TYR A 50 -1.25 -9.94 13.35
C TYR A 50 -0.62 -9.11 14.47
N GLY A 51 -1.37 -8.11 14.96
CA GLY A 51 -0.87 -7.26 16.02
C GLY A 51 0.09 -6.21 15.53
N ASN A 52 1.38 -6.41 15.77
CA ASN A 52 2.41 -5.47 15.35
C ASN A 52 3.09 -5.94 14.06
N PHE A 53 2.37 -5.84 12.95
CA PHE A 53 2.90 -6.24 11.65
C PHE A 53 3.63 -5.09 10.98
N SER A 54 4.58 -5.44 10.12
CA SER A 54 5.36 -4.44 9.40
C SER A 54 4.96 -4.44 7.92
N LEU A 55 5.02 -3.26 7.29
CA LEU A 55 4.68 -3.13 5.88
C LEU A 55 5.87 -2.58 5.10
N ALA A 56 6.19 -3.25 3.98
CA ALA A 56 7.30 -2.83 3.14
C ALA A 56 7.08 -3.28 1.70
N THR A 57 7.71 -2.59 0.75
CA THR A 57 7.58 -2.93 -0.65
C THR A 57 8.31 -4.24 -0.96
N MET A 58 8.08 -4.79 -2.15
CA MET A 58 8.71 -6.04 -2.56
C MET A 58 10.12 -5.80 -3.10
N PHE A 59 10.20 -5.14 -4.26
CA PHE A 59 11.48 -4.85 -4.89
C PHE A 59 11.53 -3.40 -5.35
N PRO A 60 12.54 -2.62 -4.90
CA PRO A 60 13.58 -3.10 -3.98
C PRO A 60 13.08 -3.17 -2.54
N ARG A 61 13.78 -3.94 -1.71
CA ARG A 61 13.41 -4.10 -0.31
C ARG A 61 14.17 -3.12 0.58
N ARG A 62 13.53 -2.00 0.91
CA ARG A 62 14.15 -0.96 1.75
C ARG A 62 13.35 -0.70 3.03
N GLU A 63 12.20 -1.36 3.18
CA GLU A 63 11.34 -1.19 4.36
C GLU A 63 10.74 0.21 4.40
N PHE A 64 9.64 0.36 5.14
CA PHE A 64 8.95 1.64 5.26
C PHE A 64 9.11 2.24 6.65
N THR A 65 9.22 3.56 6.70
CA THR A 65 9.39 4.30 7.97
C THR A 65 8.09 5.00 8.37
N LYS A 66 8.11 5.68 9.51
CA LYS A 66 6.94 6.39 10.00
C LYS A 66 6.57 7.55 9.07
N GLU A 67 7.60 8.19 8.50
CA GLU A 67 7.40 9.30 7.58
C GLU A 67 6.88 8.82 6.22
N ASP A 68 7.09 7.52 5.93
CA ASP A 68 6.65 6.94 4.66
C ASP A 68 5.12 6.81 4.61
N TYR A 69 4.49 6.69 5.78
CA TYR A 69 3.04 6.56 5.87
C TYR A 69 2.37 7.92 5.77
N LYS A 70 2.84 8.87 6.57
CA LYS A 70 2.28 10.22 6.59
C LYS A 70 2.36 10.89 5.21
N LYS A 71 3.30 10.45 4.37
CA LYS A 71 3.46 11.01 3.03
C LYS A 71 2.53 10.32 2.02
N LYS A 72 2.68 10.69 0.73
CA LYS A 72 1.86 10.10 -0.33
C LYS A 72 2.36 8.70 -0.70
N LEU A 73 1.77 8.11 -1.75
CA LEU A 73 2.15 6.77 -2.19
C LEU A 73 3.25 6.82 -3.25
N LEU A 74 2.96 7.44 -4.40
CA LEU A 74 3.94 7.52 -5.50
C LEU A 74 5.34 7.93 -4.99
N ASP A 75 5.39 8.68 -3.89
CA ASP A 75 6.66 9.11 -3.31
C ASP A 75 7.63 7.93 -3.16
N LEU A 76 7.09 6.75 -2.89
CA LEU A 76 7.91 5.56 -2.73
C LEU A 76 7.74 4.61 -3.93
N GLU A 77 7.34 5.14 -5.08
CA GLU A 77 7.14 4.37 -6.30
C GLU A 77 6.09 3.27 -6.10
N LEU A 78 4.82 3.66 -6.14
CA LEU A 78 3.71 2.72 -5.99
C LEU A 78 2.92 2.58 -7.28
N ALA A 79 2.77 3.68 -8.01
CA ALA A 79 2.02 3.67 -9.27
C ALA A 79 2.87 3.08 -10.40
N PRO A 80 2.25 2.31 -11.31
CA PRO A 80 0.82 2.00 -11.27
C PRO A 80 0.46 0.86 -10.31
N SER A 81 1.38 -0.10 -10.14
CA SER A 81 1.13 -1.23 -9.25
C SER A 81 2.29 -1.44 -8.28
N ALA A 82 1.98 -1.97 -7.10
CA ALA A 82 2.99 -2.21 -6.07
C ALA A 82 2.57 -3.35 -5.14
N SER A 83 3.55 -4.04 -4.56
CA SER A 83 3.29 -5.15 -3.65
C SER A 83 3.88 -4.86 -2.27
N VAL A 84 3.16 -5.28 -1.22
CA VAL A 84 3.61 -5.07 0.15
C VAL A 84 3.98 -6.39 0.82
N VAL A 85 4.63 -6.30 1.98
CA VAL A 85 5.04 -7.49 2.73
C VAL A 85 4.65 -7.36 4.21
N LEU A 86 3.77 -8.24 4.67
CA LEU A 86 3.32 -8.21 6.06
C LEU A 86 4.32 -8.88 6.98
N LEU A 87 4.71 -8.18 8.04
CA LEU A 87 5.67 -8.72 9.01
C LEU A 87 5.05 -8.79 10.40
N PRO A 88 4.02 -9.64 10.56
CA PRO A 88 3.32 -9.81 11.84
C PRO A 88 4.25 -10.16 13.00
N ALA A 89 3.79 -9.92 14.22
CA ALA A 89 4.57 -10.21 15.41
C ALA A 89 3.77 -11.06 16.41
N GLY A 90 2.95 -11.97 15.89
CA GLY A 90 2.15 -12.82 16.75
C GLY A 90 2.98 -13.91 17.42
N MET A 1 -25.35 -0.74 -9.82
CA MET A 1 -24.22 -1.54 -10.36
C MET A 1 -23.97 -1.22 -11.83
N GLY A 2 -22.98 -0.36 -12.08
CA GLY A 2 -22.65 0.02 -13.45
C GLY A 2 -21.58 1.09 -13.52
N HIS A 3 -20.44 0.83 -12.87
CA HIS A 3 -19.33 1.78 -12.86
C HIS A 3 -18.65 1.84 -14.22
N HIS A 4 -18.14 3.03 -14.56
CA HIS A 4 -17.46 3.23 -15.84
C HIS A 4 -15.96 3.44 -15.63
N HIS A 5 -15.16 2.46 -16.08
CA HIS A 5 -13.71 2.54 -15.94
C HIS A 5 -13.11 3.38 -17.07
N HIS A 6 -12.58 4.54 -16.72
CA HIS A 6 -11.96 5.44 -17.70
C HIS A 6 -10.74 6.13 -17.13
N HIS A 7 -9.56 5.55 -17.39
CA HIS A 7 -8.30 6.10 -16.90
C HIS A 7 -7.59 6.89 -18.00
N HIS A 8 -8.00 8.15 -18.19
CA HIS A 8 -7.40 9.01 -19.20
C HIS A 8 -6.83 10.28 -18.57
N MET A 9 -7.64 10.92 -17.72
CA MET A 9 -7.22 12.15 -17.02
C MET A 9 -7.09 11.90 -15.51
N SER A 10 -6.48 10.76 -15.15
CA SER A 10 -6.28 10.40 -13.75
C SER A 10 -4.84 9.93 -13.49
N THR A 11 -4.45 9.92 -12.21
CA THR A 11 -3.10 9.50 -11.84
C THR A 11 -3.08 8.91 -10.41
N VAL A 12 -3.70 7.74 -10.25
CA VAL A 12 -3.75 7.07 -8.95
C VAL A 12 -2.77 5.91 -8.88
N ALA A 13 -2.57 5.38 -7.67
CA ALA A 13 -1.66 4.25 -7.44
C ALA A 13 -2.40 3.02 -6.93
N ARG A 14 -1.86 1.85 -7.24
CA ARG A 14 -2.46 0.59 -6.82
C ARG A 14 -1.49 -0.23 -5.97
N ILE A 15 -1.96 -0.68 -4.81
CA ILE A 15 -1.13 -1.48 -3.91
C ILE A 15 -1.82 -2.77 -3.52
N GLN A 16 -1.04 -3.83 -3.36
CA GLN A 16 -1.58 -5.13 -2.98
C GLN A 16 -1.08 -5.52 -1.59
N PHE A 17 -2.01 -5.60 -0.64
CA PHE A 17 -1.68 -5.96 0.73
C PHE A 17 -1.65 -7.48 0.92
N ARG A 18 -0.45 -8.03 1.08
CA ARG A 18 -0.27 -9.46 1.27
C ARG A 18 -0.32 -9.83 2.75
N LEU A 19 -0.07 -11.12 3.05
CA LEU A 19 -0.08 -11.60 4.43
C LEU A 19 0.48 -13.03 4.51
N PRO A 20 0.83 -13.50 5.73
CA PRO A 20 1.37 -14.85 5.94
C PRO A 20 0.54 -15.95 5.29
N ASP A 21 -0.79 -15.76 5.30
CA ASP A 21 -1.71 -16.73 4.70
C ASP A 21 -1.37 -17.01 3.23
N GLY A 22 -0.78 -16.03 2.56
CA GLY A 22 -0.42 -16.19 1.15
C GLY A 22 -1.25 -15.31 0.23
N SER A 23 -2.51 -15.07 0.61
CA SER A 23 -3.40 -14.24 -0.19
C SER A 23 -3.11 -12.74 0.01
N SER A 24 -3.67 -11.92 -0.86
CA SER A 24 -3.47 -10.47 -0.79
C SER A 24 -4.70 -9.73 -1.35
N PHE A 25 -4.96 -8.54 -0.82
CA PHE A 25 -6.10 -7.74 -1.27
C PHE A 25 -5.62 -6.48 -2.00
N THR A 26 -6.17 -6.26 -3.20
CA THR A 26 -5.80 -5.11 -4.01
C THR A 26 -6.77 -3.95 -3.81
N ASN A 27 -6.22 -2.77 -3.55
CA ASN A 27 -7.03 -1.57 -3.34
C ASN A 27 -6.53 -0.41 -4.22
N GLN A 28 -7.30 0.67 -4.25
CA GLN A 28 -6.94 1.84 -5.05
C GLN A 28 -6.57 3.01 -4.16
N PHE A 29 -5.33 3.48 -4.30
CA PHE A 29 -4.84 4.62 -3.52
C PHE A 29 -4.18 5.64 -4.44
N PRO A 30 -4.74 6.87 -4.52
CA PRO A 30 -4.20 7.92 -5.39
C PRO A 30 -2.73 8.19 -5.15
N SER A 31 -2.11 8.86 -6.13
CA SER A 31 -0.70 9.20 -6.05
C SER A 31 -0.42 10.26 -4.97
N ASP A 32 -1.49 10.83 -4.39
CA ASP A 32 -1.33 11.85 -3.35
C ASP A 32 -1.92 11.40 -2.00
N ALA A 33 -2.95 10.55 -2.05
CA ALA A 33 -3.60 10.05 -0.84
C ALA A 33 -2.58 9.41 0.11
N PRO A 34 -2.82 9.51 1.43
CA PRO A 34 -1.92 8.96 2.45
C PRO A 34 -1.61 7.48 2.23
N LEU A 35 -0.33 7.12 2.43
CA LEU A 35 0.11 5.73 2.27
C LEU A 35 -0.47 4.86 3.39
N GLU A 36 -0.61 5.44 4.58
CA GLU A 36 -1.15 4.72 5.73
C GLU A 36 -2.54 4.14 5.45
N GLU A 37 -3.24 4.71 4.46
CA GLU A 37 -4.57 4.23 4.09
C GLU A 37 -4.59 2.71 3.90
N ALA A 38 -3.51 2.16 3.34
CA ALA A 38 -3.39 0.73 3.12
C ALA A 38 -3.14 -0.01 4.43
N ARG A 39 -2.35 0.60 5.32
CA ARG A 39 -2.03 0.00 6.61
C ARG A 39 -3.26 -0.08 7.50
N GLN A 40 -3.91 1.07 7.73
CA GLN A 40 -5.10 1.14 8.58
C GLN A 40 -6.24 0.28 8.01
N PHE A 41 -6.35 0.22 6.68
CA PHE A 41 -7.40 -0.56 6.03
C PHE A 41 -7.29 -2.04 6.41
N ALA A 42 -6.08 -2.60 6.30
CA ALA A 42 -5.83 -3.99 6.66
C ALA A 42 -6.15 -4.25 8.13
N ALA A 43 -5.79 -3.29 8.98
CA ALA A 43 -6.04 -3.42 10.42
C ALA A 43 -7.51 -3.20 10.76
N GLN A 44 -8.19 -2.36 9.98
CA GLN A 44 -9.61 -2.07 10.22
C GLN A 44 -10.47 -3.30 9.91
N THR A 45 -10.09 -4.05 8.87
CA THR A 45 -10.84 -5.24 8.48
C THR A 45 -10.69 -6.36 9.51
N VAL A 46 -9.44 -6.77 9.77
CA VAL A 46 -9.17 -7.85 10.73
C VAL A 46 -9.42 -7.41 12.18
N GLY A 47 -9.00 -6.18 12.52
CA GLY A 47 -9.20 -5.68 13.87
C GLY A 47 -8.23 -6.28 14.88
N ASN A 48 -6.98 -5.84 14.81
CA ASN A 48 -5.94 -6.32 15.73
C ASN A 48 -5.81 -7.83 15.69
N THR A 49 -5.50 -8.37 14.52
CA THR A 49 -5.36 -9.82 14.35
C THR A 49 -3.90 -10.21 14.04
N TYR A 50 -3.07 -9.24 13.65
CA TYR A 50 -1.67 -9.52 13.32
C TYR A 50 -0.73 -9.10 14.46
N GLY A 51 -1.12 -8.07 15.21
CA GLY A 51 -0.28 -7.60 16.31
C GLY A 51 0.75 -6.58 15.85
N ASN A 52 2.03 -6.94 15.97
CA ASN A 52 3.11 -6.04 15.56
C ASN A 52 3.59 -6.39 14.15
N PHE A 53 2.75 -6.11 13.16
CA PHE A 53 3.09 -6.39 11.77
C PHE A 53 3.84 -5.22 11.14
N SER A 54 4.76 -5.54 10.25
CA SER A 54 5.55 -4.52 9.57
C SER A 54 5.30 -4.56 8.05
N LEU A 55 5.18 -3.39 7.44
CA LEU A 55 4.95 -3.29 6.00
C LEU A 55 6.22 -2.90 5.27
N ALA A 56 6.48 -3.55 4.14
CA ALA A 56 7.66 -3.26 3.33
C ALA A 56 7.40 -3.56 1.85
N THR A 57 8.17 -2.93 0.98
CA THR A 57 8.03 -3.13 -0.47
C THR A 57 8.64 -4.47 -0.89
N MET A 58 8.32 -4.91 -2.11
CA MET A 58 8.84 -6.17 -2.63
C MET A 58 10.33 -6.03 -2.96
N PHE A 59 10.65 -5.24 -4.00
CA PHE A 59 12.03 -5.02 -4.42
C PHE A 59 12.22 -3.57 -4.85
N PRO A 60 13.31 -2.91 -4.39
CA PRO A 60 14.30 -3.52 -3.50
C PRO A 60 13.82 -3.58 -2.05
N ARG A 61 14.40 -4.50 -1.27
CA ARG A 61 14.03 -4.64 0.12
C ARG A 61 14.76 -3.62 1.00
N ARG A 62 14.12 -2.46 1.19
CA ARG A 62 14.70 -1.39 2.01
C ARG A 62 13.83 -1.08 3.24
N GLU A 63 12.68 -1.76 3.37
CA GLU A 63 11.78 -1.55 4.50
C GLU A 63 11.13 -0.17 4.46
N PHE A 64 10.04 -0.01 5.21
CA PHE A 64 9.31 1.26 5.25
C PHE A 64 9.76 2.10 6.44
N THR A 65 9.19 3.31 6.55
CA THR A 65 9.53 4.22 7.64
C THR A 65 8.28 4.93 8.16
N LYS A 66 8.46 5.75 9.21
CA LYS A 66 7.35 6.49 9.81
C LYS A 66 6.86 7.58 8.86
N GLU A 67 7.78 8.14 8.06
CA GLU A 67 7.43 9.19 7.11
C GLU A 67 6.74 8.62 5.88
N ASP A 68 7.09 7.38 5.50
CA ASP A 68 6.51 6.73 4.33
C ASP A 68 4.99 6.64 4.41
N TYR A 69 4.46 6.56 5.63
CA TYR A 69 3.01 6.45 5.83
C TYR A 69 2.34 7.82 5.75
N LYS A 70 2.85 8.78 6.51
CA LYS A 70 2.31 10.14 6.54
C LYS A 70 2.35 10.81 5.15
N LYS A 71 3.29 10.37 4.30
CA LYS A 71 3.44 10.93 2.96
C LYS A 71 2.41 10.33 1.99
N LYS A 72 2.54 10.67 0.70
CA LYS A 72 1.63 10.16 -0.34
C LYS A 72 2.02 8.74 -0.78
N LEU A 73 1.53 8.32 -1.94
CA LEU A 73 1.80 6.98 -2.46
C LEU A 73 2.91 6.98 -3.52
N LEU A 74 2.71 7.70 -4.61
CA LEU A 74 3.68 7.75 -5.70
C LEU A 74 5.08 8.16 -5.22
N ASP A 75 5.16 8.86 -4.09
CA ASP A 75 6.45 9.30 -3.53
C ASP A 75 7.42 8.12 -3.43
N LEU A 76 6.89 6.91 -3.21
CA LEU A 76 7.72 5.70 -3.10
C LEU A 76 7.58 4.83 -4.36
N GLU A 77 7.15 5.45 -5.47
CA GLU A 77 7.00 4.76 -6.75
C GLU A 77 6.03 3.57 -6.62
N LEU A 78 4.74 3.87 -6.50
CA LEU A 78 3.71 2.82 -6.37
C LEU A 78 2.86 2.71 -7.63
N ALA A 79 2.65 3.83 -8.32
CA ALA A 79 1.86 3.83 -9.55
C ALA A 79 2.61 3.14 -10.69
N PRO A 80 1.89 2.31 -11.48
CA PRO A 80 0.46 2.06 -11.32
C PRO A 80 0.14 0.96 -10.30
N SER A 81 1.03 -0.03 -10.16
CA SER A 81 0.81 -1.14 -9.22
C SER A 81 2.03 -1.38 -8.33
N ALA A 82 1.78 -1.89 -7.11
CA ALA A 82 2.85 -2.16 -6.15
C ALA A 82 2.51 -3.36 -5.25
N SER A 83 3.52 -3.88 -4.56
CA SER A 83 3.33 -5.02 -3.66
C SER A 83 3.91 -4.73 -2.27
N VAL A 84 3.30 -5.30 -1.24
CA VAL A 84 3.74 -5.12 0.14
C VAL A 84 4.02 -6.46 0.82
N VAL A 85 4.68 -6.41 1.97
CA VAL A 85 4.99 -7.62 2.73
C VAL A 85 4.61 -7.45 4.20
N LEU A 86 3.69 -8.30 4.68
CA LEU A 86 3.25 -8.24 6.07
C LEU A 86 4.20 -9.00 6.98
N LEU A 87 4.57 -8.38 8.10
CA LEU A 87 5.48 -9.01 9.06
C LEU A 87 4.83 -9.18 10.44
N PRO A 88 3.60 -9.73 10.51
CA PRO A 88 2.88 -9.95 11.77
C PRO A 88 3.76 -10.49 12.89
N ALA A 89 3.52 -10.04 14.11
CA ALA A 89 4.28 -10.49 15.28
C ALA A 89 3.36 -10.63 16.50
N GLY A 90 2.61 -11.75 16.52
CA GLY A 90 1.70 -12.01 17.63
C GLY A 90 1.84 -13.42 18.16
N MET A 1 -17.89 20.65 -18.53
CA MET A 1 -17.25 19.75 -19.53
C MET A 1 -18.26 18.76 -20.11
N GLY A 2 -17.82 18.01 -21.11
CA GLY A 2 -18.70 17.02 -21.73
C GLY A 2 -17.94 15.80 -22.22
N HIS A 3 -17.33 15.91 -23.40
CA HIS A 3 -16.57 14.81 -23.98
C HIS A 3 -15.19 14.69 -23.32
N HIS A 4 -14.60 15.84 -22.96
CA HIS A 4 -13.29 15.87 -22.32
C HIS A 4 -13.34 16.70 -21.04
N HIS A 5 -12.68 16.21 -19.99
CA HIS A 5 -12.65 16.90 -18.70
C HIS A 5 -11.51 17.91 -18.65
N HIS A 6 -10.27 17.41 -18.68
CA HIS A 6 -9.09 18.27 -18.63
C HIS A 6 -8.01 17.76 -19.58
N HIS A 7 -7.44 16.59 -19.25
CA HIS A 7 -6.38 15.99 -20.07
C HIS A 7 -6.32 14.48 -19.86
N HIS A 8 -5.64 13.78 -20.77
CA HIS A 8 -5.51 12.33 -20.67
C HIS A 8 -4.48 11.96 -19.60
N MET A 9 -4.17 10.66 -19.51
CA MET A 9 -3.20 10.16 -18.52
C MET A 9 -3.84 10.07 -17.13
N SER A 10 -3.61 8.96 -16.44
CA SER A 10 -4.15 8.74 -15.10
C SER A 10 -3.28 9.42 -14.04
N THR A 11 -3.72 9.35 -12.79
CA THR A 11 -2.98 9.93 -11.67
C THR A 11 -3.32 9.22 -10.36
N VAL A 12 -3.18 7.88 -10.35
CA VAL A 12 -3.46 7.09 -9.16
C VAL A 12 -2.45 5.94 -9.00
N ALA A 13 -2.42 5.35 -7.82
CA ALA A 13 -1.50 4.24 -7.53
C ALA A 13 -2.25 2.99 -7.07
N ARG A 14 -1.66 1.83 -7.34
CA ARG A 14 -2.27 0.56 -6.98
C ARG A 14 -1.36 -0.23 -6.05
N ILE A 15 -1.88 -0.65 -4.90
CA ILE A 15 -1.11 -1.42 -3.93
C ILE A 15 -1.83 -2.71 -3.57
N GLN A 16 -1.04 -3.76 -3.33
CA GLN A 16 -1.59 -5.07 -2.96
C GLN A 16 -1.15 -5.46 -1.56
N PHE A 17 -2.12 -5.63 -0.66
CA PHE A 17 -1.83 -6.00 0.72
C PHE A 17 -1.69 -7.52 0.87
N ARG A 18 -0.52 -7.96 1.34
CA ARG A 18 -0.26 -9.39 1.53
C ARG A 18 -0.32 -9.79 3.00
N LEU A 19 -0.11 -11.08 3.26
CA LEU A 19 -0.14 -11.60 4.62
C LEU A 19 0.41 -13.04 4.66
N PRO A 20 0.79 -13.54 5.86
CA PRO A 20 1.30 -14.90 6.03
C PRO A 20 0.38 -15.97 5.45
N ASP A 21 -0.93 -15.69 5.45
CA ASP A 21 -1.92 -16.62 4.92
C ASP A 21 -1.59 -17.02 3.47
N GLY A 22 -0.97 -16.11 2.72
CA GLY A 22 -0.63 -16.37 1.35
C GLY A 22 -1.37 -15.48 0.39
N SER A 23 -2.69 -15.38 0.58
CA SER A 23 -3.55 -14.55 -0.26
C SER A 23 -3.30 -13.06 0.01
N SER A 24 -3.61 -12.22 -0.98
CA SER A 24 -3.43 -10.78 -0.85
C SER A 24 -4.65 -10.01 -1.34
N PHE A 25 -4.72 -8.73 -0.99
CA PHE A 25 -5.83 -7.86 -1.38
C PHE A 25 -5.35 -6.81 -2.37
N THR A 26 -6.27 -6.27 -3.17
CA THR A 26 -5.93 -5.25 -4.16
C THR A 26 -6.90 -4.07 -4.09
N ASN A 27 -6.37 -2.88 -3.80
CA ASN A 27 -7.18 -1.67 -3.71
C ASN A 27 -6.58 -0.54 -4.55
N GLN A 28 -7.33 0.56 -4.69
CA GLN A 28 -6.86 1.71 -5.46
C GLN A 28 -6.55 2.88 -4.54
N PHE A 29 -5.30 3.33 -4.58
CA PHE A 29 -4.84 4.45 -3.76
C PHE A 29 -4.17 5.49 -4.64
N PRO A 30 -4.73 6.72 -4.70
CA PRO A 30 -4.17 7.80 -5.53
C PRO A 30 -2.70 8.06 -5.26
N SER A 31 -2.07 8.78 -6.19
CA SER A 31 -0.66 9.12 -6.07
C SER A 31 -0.42 10.18 -4.99
N ASP A 32 -1.50 10.74 -4.42
CA ASP A 32 -1.39 11.76 -3.39
C ASP A 32 -1.99 11.28 -2.06
N ALA A 33 -3.02 10.42 -2.14
CA ALA A 33 -3.68 9.88 -0.95
C ALA A 33 -2.66 9.31 0.03
N PRO A 34 -2.91 9.43 1.35
CA PRO A 34 -2.00 8.93 2.39
C PRO A 34 -1.64 7.45 2.20
N LEU A 35 -0.40 7.11 2.55
CA LEU A 35 0.07 5.73 2.44
C LEU A 35 -0.51 4.87 3.56
N GLU A 36 -0.68 5.48 4.74
CA GLU A 36 -1.22 4.77 5.90
C GLU A 36 -2.62 4.19 5.62
N GLU A 37 -3.30 4.70 4.60
CA GLU A 37 -4.64 4.21 4.25
C GLU A 37 -4.65 2.69 4.15
N ALA A 38 -3.70 2.13 3.40
CA ALA A 38 -3.60 0.67 3.24
C ALA A 38 -3.38 -0.02 4.59
N ARG A 39 -2.63 0.64 5.47
CA ARG A 39 -2.34 0.09 6.80
C ARG A 39 -3.60 0.06 7.66
N GLN A 40 -4.20 1.23 7.88
CA GLN A 40 -5.42 1.34 8.69
C GLN A 40 -6.55 0.48 8.12
N PHE A 41 -6.61 0.38 6.79
CA PHE A 41 -7.64 -0.42 6.12
C PHE A 41 -7.53 -1.89 6.51
N ALA A 42 -6.34 -2.46 6.31
CA ALA A 42 -6.10 -3.87 6.65
C ALA A 42 -6.30 -4.12 8.14
N ALA A 43 -5.71 -3.25 8.96
CA ALA A 43 -5.82 -3.36 10.42
C ALA A 43 -7.27 -3.37 10.87
N GLN A 44 -8.09 -2.54 10.23
CA GLN A 44 -9.52 -2.47 10.55
C GLN A 44 -10.27 -3.68 10.03
N THR A 45 -9.92 -4.12 8.81
CA THR A 45 -10.56 -5.28 8.20
C THR A 45 -10.31 -6.55 9.02
N VAL A 46 -9.05 -6.79 9.39
CA VAL A 46 -8.69 -7.96 10.18
C VAL A 46 -9.12 -7.80 11.65
N GLY A 47 -9.14 -6.57 12.12
CA GLY A 47 -9.53 -6.30 13.49
C GLY A 47 -8.39 -6.54 14.48
N ASN A 48 -7.17 -6.18 14.07
CA ASN A 48 -5.98 -6.35 14.91
C ASN A 48 -5.76 -7.83 15.27
N THR A 49 -5.07 -8.54 14.37
CA THR A 49 -4.78 -9.96 14.59
C THR A 49 -3.28 -10.24 14.55
N TYR A 50 -2.60 -9.69 13.54
CA TYR A 50 -1.16 -9.88 13.39
C TYR A 50 -0.39 -9.22 14.55
N GLY A 51 -0.75 -7.98 14.87
CA GLY A 51 -0.09 -7.27 15.96
C GLY A 51 1.36 -6.94 15.69
N ASN A 52 1.76 -5.72 16.03
CA ASN A 52 3.13 -5.26 15.83
C ASN A 52 3.66 -5.65 14.44
N PHE A 53 2.78 -5.62 13.45
CA PHE A 53 3.14 -5.97 12.08
C PHE A 53 3.80 -4.79 11.38
N SER A 54 4.74 -5.08 10.49
CA SER A 54 5.45 -4.05 9.75
C SER A 54 5.20 -4.19 8.25
N LEU A 55 4.90 -3.07 7.60
CA LEU A 55 4.64 -3.06 6.17
C LEU A 55 5.84 -2.54 5.40
N ALA A 56 6.14 -3.16 4.26
CA ALA A 56 7.26 -2.76 3.42
C ALA A 56 7.00 -3.14 1.97
N THR A 57 7.86 -2.67 1.07
CA THR A 57 7.72 -2.98 -0.36
C THR A 57 8.38 -4.30 -0.70
N MET A 58 8.14 -4.79 -1.91
CA MET A 58 8.72 -6.05 -2.37
C MET A 58 9.96 -5.82 -3.21
N PHE A 59 9.87 -4.88 -4.15
CA PHE A 59 10.99 -4.56 -5.04
C PHE A 59 11.16 -3.05 -5.18
N PRO A 60 12.28 -2.50 -4.66
CA PRO A 60 13.33 -3.26 -3.99
C PRO A 60 13.00 -3.55 -2.52
N ARG A 61 13.76 -4.44 -1.90
CA ARG A 61 13.54 -4.78 -0.50
C ARG A 61 14.39 -3.90 0.42
N ARG A 62 13.83 -2.75 0.82
CA ARG A 62 14.54 -1.82 1.69
C ARG A 62 13.76 -1.51 2.97
N GLU A 63 12.54 -2.05 3.10
CA GLU A 63 11.69 -1.83 4.27
C GLU A 63 11.19 -0.38 4.34
N PHE A 64 9.98 -0.21 4.87
CA PHE A 64 9.37 1.11 4.99
C PHE A 64 9.64 1.74 6.36
N THR A 65 9.39 3.05 6.47
CA THR A 65 9.61 3.78 7.71
C THR A 65 8.34 4.52 8.16
N LYS A 66 8.46 5.33 9.20
CA LYS A 66 7.32 6.10 9.72
C LYS A 66 6.90 7.19 8.74
N GLU A 67 7.87 7.79 8.06
CA GLU A 67 7.61 8.85 7.09
C GLU A 67 6.86 8.29 5.88
N ASP A 68 7.18 7.05 5.52
CA ASP A 68 6.56 6.37 4.39
C ASP A 68 5.03 6.39 4.49
N TYR A 69 4.52 6.33 5.71
CA TYR A 69 3.08 6.33 5.95
C TYR A 69 2.49 7.73 5.83
N LYS A 70 3.06 8.68 6.58
CA LYS A 70 2.58 10.07 6.58
C LYS A 70 2.62 10.69 5.18
N LYS A 71 3.63 10.35 4.38
CA LYS A 71 3.75 10.90 3.03
C LYS A 71 2.76 10.25 2.07
N LYS A 72 2.85 10.61 0.79
CA LYS A 72 1.94 10.08 -0.23
C LYS A 72 2.38 8.69 -0.74
N LEU A 73 1.62 8.16 -1.70
CA LEU A 73 1.91 6.85 -2.27
C LEU A 73 3.04 6.89 -3.31
N LEU A 74 2.83 7.65 -4.38
CA LEU A 74 3.83 7.76 -5.45
C LEU A 74 5.20 8.19 -4.91
N ASP A 75 5.21 8.83 -3.74
CA ASP A 75 6.46 9.28 -3.12
C ASP A 75 7.48 8.14 -3.03
N LEU A 76 6.98 6.90 -2.98
CA LEU A 76 7.85 5.72 -2.90
C LEU A 76 7.74 4.88 -4.19
N GLU A 77 7.31 5.51 -5.29
CA GLU A 77 7.17 4.83 -6.58
C GLU A 77 6.21 3.64 -6.47
N LEU A 78 4.91 3.92 -6.36
CA LEU A 78 3.90 2.87 -6.26
C LEU A 78 3.11 2.75 -7.56
N ALA A 79 2.87 3.88 -8.22
CA ALA A 79 2.13 3.89 -9.48
C ALA A 79 2.93 3.22 -10.60
N PRO A 80 2.26 2.40 -11.43
CA PRO A 80 0.83 2.14 -11.33
C PRO A 80 0.47 1.02 -10.35
N SER A 81 1.36 0.04 -10.17
CA SER A 81 1.10 -1.08 -9.26
C SER A 81 2.28 -1.32 -8.32
N ALA A 82 1.96 -1.78 -7.09
CA ALA A 82 2.98 -2.06 -6.08
C ALA A 82 2.57 -3.23 -5.17
N SER A 83 3.55 -3.77 -4.44
CA SER A 83 3.31 -4.88 -3.52
C SER A 83 3.83 -4.56 -2.12
N VAL A 84 3.15 -5.10 -1.10
CA VAL A 84 3.54 -4.87 0.29
C VAL A 84 3.91 -6.19 0.98
N VAL A 85 4.56 -6.09 2.14
CA VAL A 85 4.96 -7.26 2.90
C VAL A 85 4.62 -7.09 4.38
N LEU A 86 3.77 -7.98 4.90
CA LEU A 86 3.36 -7.93 6.31
C LEU A 86 4.40 -8.58 7.21
N LEU A 87 4.68 -7.96 8.36
CA LEU A 87 5.67 -8.48 9.30
C LEU A 87 5.03 -8.77 10.67
N PRO A 88 3.90 -9.53 10.70
CA PRO A 88 3.19 -9.88 11.94
C PRO A 88 4.13 -10.25 13.08
N ALA A 89 3.82 -9.77 14.29
CA ALA A 89 4.65 -10.05 15.46
C ALA A 89 3.81 -10.56 16.64
N GLY A 90 2.76 -11.34 16.33
CA GLY A 90 1.91 -11.89 17.37
C GLY A 90 0.76 -10.97 17.75
N MET A 1 15.45 5.93 -21.42
CA MET A 1 16.50 6.71 -22.14
C MET A 1 16.00 7.20 -23.51
N GLY A 2 14.69 7.34 -23.67
CA GLY A 2 14.14 7.79 -24.95
C GLY A 2 13.12 8.92 -24.78
N HIS A 3 12.48 9.30 -25.89
CA HIS A 3 11.47 10.37 -25.89
C HIS A 3 10.18 9.93 -25.18
N HIS A 4 9.40 10.91 -24.74
CA HIS A 4 8.14 10.65 -24.05
C HIS A 4 7.04 11.60 -24.50
N HIS A 5 5.80 11.15 -24.43
CA HIS A 5 4.64 11.96 -24.83
C HIS A 5 3.34 11.42 -24.24
N HIS A 6 3.43 10.87 -23.02
CA HIS A 6 2.26 10.31 -22.33
C HIS A 6 2.64 9.81 -20.94
N HIS A 7 1.78 10.08 -19.96
CA HIS A 7 2.02 9.66 -18.57
C HIS A 7 0.74 9.09 -17.96
N HIS A 8 0.08 8.19 -18.69
CA HIS A 8 -1.16 7.56 -18.23
C HIS A 8 -2.26 8.61 -18.00
N MET A 9 -3.44 8.15 -17.58
CA MET A 9 -4.57 9.05 -17.32
C MET A 9 -5.36 8.60 -16.09
N SER A 10 -4.66 7.99 -15.13
CA SER A 10 -5.30 7.52 -13.90
C SER A 10 -4.92 8.38 -12.70
N THR A 11 -3.70 8.93 -12.72
CA THR A 11 -3.20 9.78 -11.63
C THR A 11 -3.47 9.15 -10.26
N VAL A 12 -3.36 7.82 -10.19
CA VAL A 12 -3.58 7.08 -8.95
C VAL A 12 -2.59 5.93 -8.80
N ALA A 13 -2.53 5.33 -7.62
CA ALA A 13 -1.62 4.22 -7.35
C ALA A 13 -2.37 2.94 -6.97
N ARG A 14 -1.79 1.79 -7.29
CA ARG A 14 -2.40 0.52 -6.97
C ARG A 14 -1.49 -0.32 -6.07
N ILE A 15 -2.02 -0.72 -4.92
CA ILE A 15 -1.24 -1.52 -3.98
C ILE A 15 -1.99 -2.80 -3.61
N GLN A 16 -1.22 -3.86 -3.38
CA GLN A 16 -1.78 -5.15 -3.00
C GLN A 16 -1.30 -5.54 -1.61
N PHE A 17 -2.24 -5.63 -0.67
CA PHE A 17 -1.92 -5.99 0.71
C PHE A 17 -1.84 -7.50 0.87
N ARG A 18 -0.62 -8.00 1.06
CA ARG A 18 -0.38 -9.42 1.23
C ARG A 18 -0.36 -9.81 2.71
N LEU A 19 -0.18 -11.10 2.97
CA LEU A 19 -0.14 -11.62 4.34
C LEU A 19 0.38 -13.05 4.37
N PRO A 20 0.82 -13.54 5.56
CA PRO A 20 1.33 -14.91 5.72
C PRO A 20 0.35 -15.97 5.21
N ASP A 21 -0.94 -15.64 5.23
CA ASP A 21 -1.98 -16.56 4.76
C ASP A 21 -1.71 -17.05 3.34
N GLY A 22 -1.08 -16.20 2.52
CA GLY A 22 -0.77 -16.56 1.15
C GLY A 22 -1.42 -15.63 0.15
N SER A 23 -2.70 -15.31 0.38
CA SER A 23 -3.44 -14.42 -0.52
C SER A 23 -3.17 -12.94 -0.18
N SER A 24 -3.74 -12.05 -0.98
CA SER A 24 -3.57 -10.60 -0.78
C SER A 24 -4.82 -9.84 -1.23
N PHE A 25 -4.92 -8.59 -0.79
CA PHE A 25 -6.06 -7.73 -1.13
C PHE A 25 -5.62 -6.59 -2.05
N THR A 26 -6.37 -6.39 -3.14
CA THR A 26 -6.05 -5.33 -4.09
C THR A 26 -6.98 -4.13 -3.91
N ASN A 27 -6.40 -2.95 -3.65
CA ASN A 27 -7.17 -1.72 -3.45
C ASN A 27 -6.62 -0.60 -4.33
N GLN A 28 -7.32 0.53 -4.36
CA GLN A 28 -6.90 1.69 -5.15
C GLN A 28 -6.55 2.87 -4.25
N PHE A 29 -5.31 3.32 -4.33
CA PHE A 29 -4.84 4.45 -3.53
C PHE A 29 -4.20 5.48 -4.45
N PRO A 30 -4.73 6.72 -4.48
CA PRO A 30 -4.21 7.79 -5.33
C PRO A 30 -2.73 8.05 -5.13
N SER A 31 -2.13 8.73 -6.09
CA SER A 31 -0.71 9.07 -6.03
C SER A 31 -0.45 10.19 -5.01
N ASP A 32 -1.52 10.78 -4.46
CA ASP A 32 -1.39 11.85 -3.47
C ASP A 32 -1.91 11.42 -2.09
N ALA A 33 -2.87 10.49 -2.08
CA ALA A 33 -3.44 9.99 -0.83
C ALA A 33 -2.35 9.48 0.10
N PRO A 34 -2.62 9.45 1.42
CA PRO A 34 -1.63 8.99 2.41
C PRO A 34 -1.37 7.49 2.32
N LEU A 35 -0.09 7.11 2.35
CA LEU A 35 0.30 5.71 2.28
C LEU A 35 -0.34 4.91 3.40
N GLU A 36 -0.51 5.55 4.57
CA GLU A 36 -1.11 4.91 5.73
C GLU A 36 -2.49 4.32 5.40
N GLU A 37 -3.13 4.83 4.36
CA GLU A 37 -4.46 4.34 3.95
C GLU A 37 -4.46 2.80 3.85
N ALA A 38 -3.42 2.24 3.23
CA ALA A 38 -3.31 0.80 3.08
C ALA A 38 -3.13 0.12 4.45
N ARG A 39 -2.39 0.78 5.34
CA ARG A 39 -2.15 0.25 6.68
C ARG A 39 -3.42 0.25 7.52
N GLN A 40 -4.06 1.42 7.61
CA GLN A 40 -5.29 1.57 8.39
C GLN A 40 -6.38 0.62 7.89
N PHE A 41 -6.42 0.40 6.58
CA PHE A 41 -7.41 -0.50 5.98
C PHE A 41 -7.28 -1.90 6.57
N ALA A 42 -6.09 -2.50 6.44
CA ALA A 42 -5.84 -3.83 6.97
C ALA A 42 -6.08 -3.89 8.48
N ALA A 43 -5.63 -2.85 9.19
CA ALA A 43 -5.80 -2.77 10.63
C ALA A 43 -7.27 -2.70 11.01
N GLN A 44 -8.05 -1.94 10.24
CA GLN A 44 -9.48 -1.79 10.50
C GLN A 44 -10.24 -3.06 10.11
N THR A 45 -9.77 -3.76 9.08
CA THR A 45 -10.42 -4.98 8.61
C THR A 45 -10.42 -6.07 9.69
N VAL A 46 -9.23 -6.48 10.12
CA VAL A 46 -9.11 -7.53 11.14
C VAL A 46 -9.25 -6.96 12.55
N GLY A 47 -8.62 -5.81 12.81
CA GLY A 47 -8.69 -5.19 14.11
C GLY A 47 -7.57 -5.64 15.02
N ASN A 48 -7.39 -6.96 15.14
CA ASN A 48 -6.34 -7.52 15.98
C ASN A 48 -6.08 -8.99 15.63
N THR A 49 -5.08 -9.21 14.77
CA THR A 49 -4.72 -10.56 14.34
C THR A 49 -3.23 -10.66 14.04
N TYR A 50 -2.74 -9.79 13.17
CA TYR A 50 -1.33 -9.78 12.79
C TYR A 50 -0.44 -9.22 13.91
N GLY A 51 -1.00 -8.29 14.70
CA GLY A 51 -0.24 -7.70 15.79
C GLY A 51 0.69 -6.61 15.32
N ASN A 52 1.96 -6.69 15.72
CA ASN A 52 2.96 -5.70 15.33
C ASN A 52 3.55 -6.03 13.96
N PHE A 53 2.70 -5.96 12.93
CA PHE A 53 3.13 -6.25 11.57
C PHE A 53 3.82 -5.05 10.94
N SER A 54 4.68 -5.31 9.96
CA SER A 54 5.39 -4.25 9.26
C SER A 54 5.08 -4.28 7.77
N LEU A 55 5.01 -3.10 7.15
CA LEU A 55 4.72 -3.00 5.72
C LEU A 55 5.98 -2.65 4.94
N ALA A 56 6.20 -3.35 3.83
CA ALA A 56 7.37 -3.11 2.98
C ALA A 56 7.11 -3.57 1.55
N THR A 57 7.88 -3.02 0.60
CA THR A 57 7.72 -3.39 -0.80
C THR A 57 8.62 -4.60 -1.13
N MET A 58 8.37 -5.21 -2.29
CA MET A 58 9.16 -6.36 -2.73
C MET A 58 10.61 -5.96 -2.99
N PHE A 59 10.82 -5.06 -3.95
CA PHE A 59 12.15 -4.58 -4.29
C PHE A 59 12.11 -3.10 -4.66
N PRO A 60 13.07 -2.30 -4.13
CA PRO A 60 14.12 -2.78 -3.24
C PRO A 60 13.64 -2.95 -1.80
N ARG A 61 14.50 -3.50 -0.95
CA ARG A 61 14.17 -3.71 0.45
C ARG A 61 14.64 -2.54 1.32
N ARG A 62 13.77 -1.54 1.47
CA ARG A 62 14.09 -0.35 2.26
C ARG A 62 13.26 -0.30 3.55
N GLU A 63 12.11 -0.99 3.57
CA GLU A 63 11.23 -1.02 4.74
C GLU A 63 10.55 0.34 4.94
N PHE A 64 9.24 0.30 5.23
CA PHE A 64 8.47 1.53 5.42
C PHE A 64 8.71 2.11 6.81
N THR A 65 9.04 3.40 6.84
CA THR A 65 9.30 4.10 8.09
C THR A 65 8.11 5.01 8.45
N LYS A 66 8.19 5.66 9.60
CA LYS A 66 7.13 6.56 10.05
C LYS A 66 6.86 7.64 9.00
N GLU A 67 7.89 8.02 8.25
CA GLU A 67 7.77 9.04 7.22
C GLU A 67 7.12 8.49 5.95
N ASP A 68 7.25 7.18 5.73
CA ASP A 68 6.68 6.54 4.54
C ASP A 68 5.15 6.51 4.59
N TYR A 69 4.60 6.48 5.79
CA TYR A 69 3.14 6.44 5.96
C TYR A 69 2.54 7.84 5.82
N LYS A 70 3.12 8.80 6.54
CA LYS A 70 2.65 10.19 6.49
C LYS A 70 2.70 10.77 5.07
N LYS A 71 3.58 10.23 4.22
CA LYS A 71 3.72 10.70 2.85
C LYS A 71 2.68 10.04 1.94
N LYS A 72 2.76 10.33 0.64
CA LYS A 72 1.83 9.76 -0.34
C LYS A 72 2.26 8.35 -0.75
N LEU A 73 1.65 7.81 -1.80
CA LEU A 73 1.96 6.46 -2.27
C LEU A 73 3.02 6.45 -3.37
N LEU A 74 2.78 7.17 -4.46
CA LEU A 74 3.73 7.21 -5.58
C LEU A 74 5.14 7.61 -5.13
N ASP A 75 5.23 8.32 -4.01
CA ASP A 75 6.53 8.76 -3.47
C ASP A 75 7.50 7.58 -3.37
N LEU A 76 6.95 6.39 -3.09
CA LEU A 76 7.76 5.18 -2.97
C LEU A 76 7.67 4.32 -4.23
N GLU A 77 7.36 4.95 -5.37
CA GLU A 77 7.25 4.25 -6.65
C GLU A 77 6.22 3.12 -6.57
N LEU A 78 4.95 3.49 -6.38
CA LEU A 78 3.87 2.49 -6.29
C LEU A 78 3.05 2.46 -7.58
N ALA A 79 2.72 3.64 -8.10
CA ALA A 79 1.93 3.73 -9.33
C ALA A 79 2.71 3.14 -10.52
N PRO A 80 2.02 2.41 -11.42
CA PRO A 80 0.58 2.16 -11.32
C PRO A 80 0.21 0.91 -10.51
N SER A 81 1.21 0.13 -10.08
CA SER A 81 0.95 -1.09 -9.31
C SER A 81 2.16 -1.45 -8.43
N ALA A 82 1.88 -1.90 -7.20
CA ALA A 82 2.93 -2.29 -6.27
C ALA A 82 2.45 -3.35 -5.27
N SER A 83 3.39 -4.13 -4.73
CA SER A 83 3.07 -5.18 -3.77
C SER A 83 3.70 -4.90 -2.41
N VAL A 84 3.03 -5.31 -1.34
CA VAL A 84 3.53 -5.11 0.01
C VAL A 84 3.87 -6.45 0.69
N VAL A 85 4.54 -6.38 1.83
CA VAL A 85 4.91 -7.58 2.58
C VAL A 85 4.55 -7.43 4.05
N LEU A 86 3.68 -8.31 4.54
CA LEU A 86 3.25 -8.26 5.93
C LEU A 86 4.23 -8.99 6.85
N LEU A 87 4.62 -8.34 7.94
CA LEU A 87 5.56 -8.94 8.89
C LEU A 87 4.94 -9.08 10.29
N PRO A 88 3.73 -9.68 10.38
CA PRO A 88 3.03 -9.87 11.66
C PRO A 88 3.96 -10.30 12.80
N ALA A 89 3.86 -9.61 13.93
CA ALA A 89 4.67 -9.92 15.10
C ALA A 89 3.82 -10.11 16.35
N GLY A 90 2.63 -10.69 16.18
CA GLY A 90 1.73 -10.93 17.30
C GLY A 90 2.11 -12.15 18.11
N MET A 1 -27.08 0.17 -8.50
CA MET A 1 -25.61 0.00 -8.58
C MET A 1 -24.89 1.35 -8.67
N GLY A 2 -24.16 1.70 -7.61
CA GLY A 2 -23.45 2.97 -7.58
C GLY A 2 -22.00 2.84 -8.05
N HIS A 3 -21.70 3.42 -9.21
CA HIS A 3 -20.35 3.37 -9.76
C HIS A 3 -20.06 4.56 -10.67
N HIS A 4 -18.78 4.81 -10.93
CA HIS A 4 -18.36 5.92 -11.78
C HIS A 4 -18.82 5.71 -13.23
N HIS A 5 -18.79 6.79 -14.01
CA HIS A 5 -19.21 6.73 -15.42
C HIS A 5 -18.33 5.77 -16.22
N HIS A 6 -17.01 5.81 -15.97
CA HIS A 6 -16.07 4.93 -16.66
C HIS A 6 -15.17 4.21 -15.66
N HIS A 7 -14.52 3.15 -16.12
CA HIS A 7 -13.62 2.37 -15.27
C HIS A 7 -12.15 2.69 -15.58
N HIS A 8 -11.88 3.94 -15.96
CA HIS A 8 -10.51 4.37 -16.28
C HIS A 8 -10.31 5.84 -15.94
N MET A 9 -9.81 6.10 -14.73
CA MET A 9 -9.56 7.47 -14.27
C MET A 9 -8.05 7.75 -14.19
N SER A 10 -7.28 6.75 -13.79
CA SER A 10 -5.83 6.89 -13.67
C SER A 10 -5.47 7.94 -12.61
N THR A 11 -4.23 8.46 -12.67
CA THR A 11 -3.76 9.45 -11.72
C THR A 11 -3.83 8.90 -10.28
N VAL A 12 -3.70 7.58 -10.16
CA VAL A 12 -3.74 6.91 -8.86
C VAL A 12 -2.79 5.73 -8.81
N ALA A 13 -2.60 5.17 -7.61
CA ALA A 13 -1.71 4.03 -7.42
C ALA A 13 -2.47 2.79 -6.96
N ARG A 14 -1.95 1.61 -7.29
CA ARG A 14 -2.58 0.35 -6.91
C ARG A 14 -1.63 -0.48 -6.06
N ILE A 15 -2.12 -0.97 -4.92
CA ILE A 15 -1.30 -1.77 -4.02
C ILE A 15 -1.99 -3.09 -3.67
N GLN A 16 -1.19 -4.14 -3.53
CA GLN A 16 -1.70 -5.47 -3.18
C GLN A 16 -1.24 -5.86 -1.78
N PHE A 17 -2.20 -5.97 -0.86
CA PHE A 17 -1.89 -6.33 0.52
C PHE A 17 -1.83 -7.85 0.71
N ARG A 18 -0.64 -8.36 0.99
CA ARG A 18 -0.43 -9.79 1.20
C ARG A 18 -0.55 -10.16 2.68
N LEU A 19 -0.39 -11.45 2.97
CA LEU A 19 -0.46 -11.95 4.34
C LEU A 19 0.09 -13.37 4.44
N PRO A 20 0.40 -13.84 5.67
CA PRO A 20 0.93 -15.20 5.89
C PRO A 20 0.06 -16.29 5.25
N ASP A 21 -1.24 -16.01 5.13
CA ASP A 21 -2.18 -16.96 4.53
C ASP A 21 -1.72 -17.40 3.14
N GLY A 22 -1.02 -16.51 2.42
CA GLY A 22 -0.55 -16.83 1.09
C GLY A 22 -1.19 -15.95 0.02
N SER A 23 -2.43 -15.54 0.25
CA SER A 23 -3.16 -14.70 -0.69
C SER A 23 -2.93 -13.21 -0.41
N SER A 24 -3.49 -12.36 -1.27
CA SER A 24 -3.36 -10.91 -1.12
C SER A 24 -4.58 -10.19 -1.69
N PHE A 25 -4.92 -9.03 -1.13
CA PHE A 25 -6.07 -8.27 -1.60
C PHE A 25 -5.61 -6.94 -2.23
N THR A 26 -6.18 -6.61 -3.38
CA THR A 26 -5.83 -5.38 -4.08
C THR A 26 -6.78 -4.24 -3.75
N ASN A 27 -6.28 -3.01 -3.78
CA ASN A 27 -7.07 -1.82 -3.49
C ASN A 27 -6.60 -0.64 -4.33
N GLN A 28 -7.34 0.47 -4.27
CA GLN A 28 -6.99 1.65 -5.03
C GLN A 28 -6.55 2.78 -4.10
N PHE A 29 -5.31 3.23 -4.29
CA PHE A 29 -4.76 4.31 -3.48
C PHE A 29 -4.12 5.36 -4.40
N PRO A 30 -4.65 6.60 -4.39
CA PRO A 30 -4.15 7.68 -5.23
C PRO A 30 -2.65 7.91 -5.05
N SER A 31 -2.07 8.60 -6.02
CA SER A 31 -0.65 8.91 -6.00
C SER A 31 -0.32 9.99 -4.97
N ASP A 32 -1.35 10.57 -4.33
CA ASP A 32 -1.15 11.60 -3.33
C ASP A 32 -1.73 11.20 -1.97
N ALA A 33 -2.72 10.31 -1.97
CA ALA A 33 -3.35 9.85 -0.73
C ALA A 33 -2.30 9.32 0.25
N PRO A 34 -2.52 9.51 1.57
CA PRO A 34 -1.59 9.07 2.61
C PRO A 34 -1.23 7.59 2.49
N LEU A 35 0.06 7.29 2.61
CA LEU A 35 0.55 5.91 2.53
C LEU A 35 -0.04 5.07 3.66
N GLU A 36 -0.25 5.69 4.83
CA GLU A 36 -0.81 5.01 5.99
C GLU A 36 -2.24 4.52 5.73
N GLU A 37 -2.93 5.14 4.77
CA GLU A 37 -4.31 4.74 4.44
C GLU A 37 -4.42 3.22 4.25
N ALA A 38 -3.50 2.65 3.49
CA ALA A 38 -3.49 1.20 3.25
C ALA A 38 -3.13 0.44 4.52
N ARG A 39 -2.23 1.02 5.32
CA ARG A 39 -1.80 0.40 6.57
C ARG A 39 -2.95 0.36 7.59
N GLN A 40 -3.63 1.51 7.74
CA GLN A 40 -4.75 1.60 8.68
C GLN A 40 -5.96 0.80 8.19
N PHE A 41 -6.18 0.79 6.87
CA PHE A 41 -7.30 0.06 6.29
C PHE A 41 -7.21 -1.43 6.63
N ALA A 42 -6.03 -2.02 6.39
CA ALA A 42 -5.80 -3.43 6.67
C ALA A 42 -6.08 -3.74 8.14
N ALA A 43 -5.57 -2.90 9.04
CA ALA A 43 -5.77 -3.09 10.47
C ALA A 43 -7.26 -3.01 10.84
N GLN A 44 -8.01 -2.18 10.10
CA GLN A 44 -9.44 -2.03 10.36
C GLN A 44 -10.23 -3.23 9.83
N THR A 45 -9.80 -3.77 8.68
CA THR A 45 -10.48 -4.93 8.08
C THR A 45 -10.50 -6.12 9.04
N VAL A 46 -9.32 -6.47 9.57
CA VAL A 46 -9.22 -7.61 10.50
C VAL A 46 -9.48 -7.19 11.94
N GLY A 47 -9.15 -5.94 12.28
CA GLY A 47 -9.35 -5.45 13.64
C GLY A 47 -8.17 -5.76 14.53
N ASN A 48 -6.96 -5.48 14.04
CA ASN A 48 -5.73 -5.72 14.80
C ASN A 48 -5.57 -7.20 15.13
N THR A 49 -5.27 -8.00 14.11
CA THR A 49 -5.10 -9.44 14.29
C THR A 49 -3.64 -9.84 14.13
N TYR A 50 -2.99 -9.34 13.08
CA TYR A 50 -1.59 -9.65 12.80
C TYR A 50 -0.67 -9.20 13.95
N GLY A 51 -1.10 -8.15 14.67
CA GLY A 51 -0.31 -7.65 15.78
C GLY A 51 0.73 -6.63 15.34
N ASN A 52 1.99 -6.86 15.72
CA ASN A 52 3.07 -5.95 15.36
C ASN A 52 3.66 -6.31 14.00
N PHE A 53 2.83 -6.16 12.96
CA PHE A 53 3.25 -6.46 11.59
C PHE A 53 4.02 -5.30 10.98
N SER A 54 4.85 -5.60 9.99
CA SER A 54 5.65 -4.58 9.31
C SER A 54 5.26 -4.50 7.84
N LEU A 55 5.22 -3.28 7.30
CA LEU A 55 4.88 -3.06 5.90
C LEU A 55 6.13 -2.71 5.09
N ALA A 56 6.33 -3.44 3.99
CA ALA A 56 7.48 -3.22 3.13
C ALA A 56 7.15 -3.57 1.67
N THR A 57 7.91 -2.99 0.75
CA THR A 57 7.71 -3.25 -0.69
C THR A 57 8.57 -4.42 -1.15
N MET A 58 8.29 -4.92 -2.36
CA MET A 58 9.04 -6.03 -2.92
C MET A 58 10.52 -5.68 -3.07
N PHE A 59 10.82 -4.72 -3.95
CA PHE A 59 12.19 -4.28 -4.18
C PHE A 59 12.21 -2.87 -4.79
N PRO A 60 13.14 -2.01 -4.35
CA PRO A 60 14.14 -2.36 -3.33
C PRO A 60 13.53 -2.40 -1.92
N ARG A 61 13.99 -3.37 -1.12
CA ARG A 61 13.49 -3.53 0.24
C ARG A 61 14.13 -2.51 1.19
N ARG A 62 13.46 -1.38 1.38
CA ARG A 62 13.97 -0.32 2.26
C ARG A 62 13.15 -0.23 3.56
N GLU A 63 12.22 -1.17 3.76
CA GLU A 63 11.39 -1.19 4.97
C GLU A 63 10.53 0.07 5.07
N PHE A 64 9.79 0.20 6.17
CA PHE A 64 8.92 1.34 6.40
C PHE A 64 9.59 2.37 7.31
N THR A 65 8.98 3.56 7.40
CA THR A 65 9.49 4.64 8.23
C THR A 65 8.36 5.59 8.61
N LYS A 66 8.53 6.29 9.73
CA LYS A 66 7.52 7.25 10.19
C LYS A 66 7.17 8.25 9.08
N GLU A 67 8.18 8.59 8.26
CA GLU A 67 8.00 9.53 7.16
C GLU A 67 7.37 8.84 5.95
N ASP A 68 7.63 7.54 5.80
CA ASP A 68 7.09 6.76 4.68
C ASP A 68 5.56 6.67 4.74
N TYR A 69 5.00 6.70 5.95
CA TYR A 69 3.56 6.61 6.13
C TYR A 69 2.87 7.96 5.92
N LYS A 70 3.41 8.99 6.56
CA LYS A 70 2.84 10.35 6.46
C LYS A 70 2.77 10.85 5.02
N LYS A 71 3.73 10.47 4.18
CA LYS A 71 3.76 10.89 2.78
C LYS A 71 2.68 10.17 1.95
N LYS A 72 2.68 10.43 0.64
CA LYS A 72 1.73 9.80 -0.27
C LYS A 72 2.19 8.39 -0.67
N LEU A 73 1.39 7.73 -1.52
CA LEU A 73 1.72 6.38 -1.97
C LEU A 73 2.76 6.38 -3.10
N LEU A 74 2.41 7.03 -4.22
CA LEU A 74 3.31 7.10 -5.38
C LEU A 74 4.73 7.59 -4.98
N ASP A 75 4.82 8.28 -3.84
CA ASP A 75 6.12 8.77 -3.36
C ASP A 75 7.15 7.63 -3.32
N LEU A 76 6.67 6.42 -3.06
CA LEU A 76 7.53 5.24 -3.00
C LEU A 76 7.34 4.36 -4.24
N GLU A 77 6.91 4.98 -5.35
CA GLU A 77 6.68 4.26 -6.60
C GLU A 77 5.64 3.15 -6.44
N LEU A 78 4.38 3.54 -6.23
CA LEU A 78 3.29 2.57 -6.06
C LEU A 78 2.47 2.42 -7.35
N ALA A 79 2.27 3.54 -8.05
CA ALA A 79 1.49 3.53 -9.30
C ALA A 79 2.34 3.00 -10.46
N PRO A 80 1.73 2.23 -11.38
CA PRO A 80 0.31 1.89 -11.33
C PRO A 80 -0.01 0.69 -10.44
N SER A 81 1.00 -0.12 -10.09
CA SER A 81 0.80 -1.29 -9.25
C SER A 81 2.01 -1.55 -8.35
N ALA A 82 1.74 -2.06 -7.15
CA ALA A 82 2.80 -2.35 -6.17
C ALA A 82 2.42 -3.51 -5.25
N SER A 83 3.44 -4.21 -4.74
CA SER A 83 3.23 -5.34 -3.83
C SER A 83 3.79 -5.03 -2.44
N VAL A 84 3.12 -5.54 -1.41
CA VAL A 84 3.56 -5.33 -0.03
C VAL A 84 3.96 -6.63 0.65
N VAL A 85 4.60 -6.53 1.81
CA VAL A 85 5.02 -7.70 2.57
C VAL A 85 4.62 -7.57 4.04
N LEU A 86 3.78 -8.48 4.51
CA LEU A 86 3.32 -8.45 5.89
C LEU A 86 4.27 -9.21 6.81
N LEU A 87 4.65 -8.57 7.93
CA LEU A 87 5.57 -9.19 8.89
C LEU A 87 4.92 -9.34 10.28
N PRO A 88 3.69 -9.92 10.34
CA PRO A 88 2.98 -10.12 11.61
C PRO A 88 3.86 -10.58 12.76
N ALA A 89 3.65 -10.01 13.94
CA ALA A 89 4.43 -10.37 15.13
C ALA A 89 3.53 -10.46 16.37
N GLY A 90 2.34 -11.03 16.20
CA GLY A 90 1.42 -11.18 17.30
C GLY A 90 1.56 -12.52 18.03
N MET A 1 5.55 0.92 -36.18
CA MET A 1 5.96 2.33 -36.46
C MET A 1 4.85 3.30 -36.04
N GLY A 2 5.24 4.38 -35.37
CA GLY A 2 4.28 5.38 -34.93
C GLY A 2 4.66 6.00 -33.59
N HIS A 3 5.90 6.50 -33.51
CA HIS A 3 6.40 7.12 -32.27
C HIS A 3 5.67 8.44 -31.99
N HIS A 4 4.53 8.33 -31.29
CA HIS A 4 3.74 9.50 -30.94
C HIS A 4 3.14 9.37 -29.55
N HIS A 5 3.88 9.82 -28.54
CA HIS A 5 3.41 9.75 -27.16
C HIS A 5 2.53 10.96 -26.82
N HIS A 6 1.31 10.68 -26.39
CA HIS A 6 0.36 11.74 -26.03
C HIS A 6 0.27 11.92 -24.52
N HIS A 7 1.30 11.49 -23.78
CA HIS A 7 1.32 11.60 -22.32
C HIS A 7 0.25 10.70 -21.69
N HIS A 8 0.39 10.47 -20.39
CA HIS A 8 -0.57 9.64 -19.66
C HIS A 8 -1.38 10.44 -18.65
N MET A 9 -2.69 10.21 -18.64
CA MET A 9 -3.58 10.91 -17.72
C MET A 9 -3.83 10.09 -16.45
N SER A 10 -2.80 9.37 -15.99
CA SER A 10 -2.92 8.56 -14.78
C SER A 10 -2.27 9.25 -13.60
N THR A 11 -3.07 9.50 -12.56
CA THR A 11 -2.57 10.16 -11.35
C THR A 11 -3.00 9.40 -10.09
N VAL A 12 -2.92 8.06 -10.17
CA VAL A 12 -3.29 7.21 -9.04
C VAL A 12 -2.33 6.03 -8.91
N ALA A 13 -2.38 5.36 -7.75
CA ALA A 13 -1.51 4.21 -7.49
C ALA A 13 -2.30 2.98 -7.07
N ARG A 14 -1.76 1.80 -7.37
CA ARG A 14 -2.41 0.53 -7.03
C ARG A 14 -1.52 -0.30 -6.13
N ILE A 15 -2.05 -0.71 -4.98
CA ILE A 15 -1.29 -1.52 -4.03
C ILE A 15 -2.03 -2.80 -3.67
N GLN A 16 -1.26 -3.86 -3.45
CA GLN A 16 -1.82 -5.16 -3.09
C GLN A 16 -1.39 -5.54 -1.68
N PHE A 17 -2.36 -5.63 -0.77
CA PHE A 17 -2.09 -5.97 0.62
C PHE A 17 -2.02 -7.49 0.80
N ARG A 18 -0.81 -7.99 1.03
CA ARG A 18 -0.59 -9.42 1.23
C ARG A 18 -0.61 -9.78 2.71
N LEU A 19 -0.42 -11.07 2.99
CA LEU A 19 -0.41 -11.56 4.37
C LEU A 19 0.20 -12.95 4.45
N PRO A 20 0.60 -13.40 5.67
CA PRO A 20 1.19 -14.73 5.87
C PRO A 20 0.31 -15.85 5.31
N ASP A 21 -1.00 -15.60 5.29
CA ASP A 21 -1.96 -16.58 4.77
C ASP A 21 -1.58 -17.01 3.36
N GLY A 22 -1.11 -16.05 2.55
CA GLY A 22 -0.72 -16.35 1.18
C GLY A 22 -1.52 -15.52 0.18
N SER A 23 -2.75 -15.14 0.56
CA SER A 23 -3.61 -14.34 -0.30
C SER A 23 -3.38 -12.85 -0.10
N SER A 24 -3.93 -12.03 -0.99
CA SER A 24 -3.78 -10.58 -0.90
C SER A 24 -5.00 -9.87 -1.50
N PHE A 25 -5.28 -8.66 -1.01
CA PHE A 25 -6.41 -7.88 -1.50
C PHE A 25 -5.92 -6.62 -2.23
N THR A 26 -6.49 -6.37 -3.40
CA THR A 26 -6.11 -5.22 -4.22
C THR A 26 -7.04 -4.04 -3.97
N ASN A 27 -6.45 -2.84 -3.93
CA ASN A 27 -7.21 -1.62 -3.72
C ASN A 27 -6.65 -0.47 -4.56
N GLN A 28 -7.34 0.67 -4.57
CA GLN A 28 -6.92 1.83 -5.32
C GLN A 28 -6.52 2.98 -4.39
N PHE A 29 -5.27 3.40 -4.49
CA PHE A 29 -4.76 4.49 -3.67
C PHE A 29 -4.07 5.52 -4.56
N PRO A 30 -4.58 6.76 -4.60
CA PRO A 30 -4.01 7.82 -5.44
C PRO A 30 -2.53 8.04 -5.18
N SER A 31 -1.88 8.71 -6.12
CA SER A 31 -0.45 8.98 -6.01
C SER A 31 -0.17 10.07 -4.96
N ASP A 32 -1.24 10.70 -4.43
CA ASP A 32 -1.09 11.76 -3.43
C ASP A 32 -1.69 11.35 -2.08
N ALA A 33 -2.74 10.52 -2.13
CA ALA A 33 -3.42 10.05 -0.92
C ALA A 33 -2.42 9.48 0.10
N PRO A 34 -2.72 9.62 1.40
CA PRO A 34 -1.85 9.14 2.48
C PRO A 34 -1.50 7.66 2.35
N LEU A 35 -0.23 7.33 2.60
CA LEU A 35 0.24 5.95 2.54
C LEU A 35 -0.44 5.09 3.61
N GLU A 36 -0.67 5.70 4.78
CA GLU A 36 -1.32 5.00 5.89
C GLU A 36 -2.71 4.47 5.52
N GLU A 37 -3.32 5.05 4.47
CA GLU A 37 -4.65 4.62 4.02
C GLU A 37 -4.72 3.09 3.88
N ALA A 38 -3.70 2.52 3.23
CA ALA A 38 -3.65 1.06 3.04
C ALA A 38 -3.40 0.35 4.36
N ARG A 39 -2.57 0.96 5.22
CA ARG A 39 -2.25 0.38 6.53
C ARG A 39 -3.47 0.36 7.45
N GLN A 40 -4.06 1.54 7.68
CA GLN A 40 -5.23 1.66 8.54
C GLN A 40 -6.39 0.79 8.04
N PHE A 41 -6.52 0.66 6.72
CA PHE A 41 -7.58 -0.16 6.13
C PHE A 41 -7.41 -1.63 6.54
N ALA A 42 -6.18 -2.13 6.46
CA ALA A 42 -5.88 -3.51 6.83
C ALA A 42 -6.11 -3.73 8.33
N ALA A 43 -5.66 -2.77 9.14
CA ALA A 43 -5.81 -2.84 10.59
C ALA A 43 -7.28 -2.87 11.00
N GLN A 44 -8.12 -2.13 10.26
CA GLN A 44 -9.55 -2.09 10.56
C GLN A 44 -10.20 -3.46 10.33
N THR A 45 -9.73 -4.18 9.31
CA THR A 45 -10.27 -5.50 9.00
C THR A 45 -9.63 -6.59 9.87
N VAL A 46 -8.30 -6.72 9.79
CA VAL A 46 -7.57 -7.72 10.56
C VAL A 46 -6.77 -7.06 11.69
N GLY A 47 -7.48 -6.37 12.59
CA GLY A 47 -6.82 -5.71 13.71
C GLY A 47 -6.83 -6.53 14.98
N ASN A 48 -6.81 -7.86 14.84
CA ASN A 48 -6.80 -8.76 15.99
C ASN A 48 -6.18 -10.11 15.63
N THR A 49 -5.11 -10.07 14.84
CA THR A 49 -4.42 -11.28 14.40
C THR A 49 -2.91 -11.05 14.27
N TYR A 50 -2.54 -10.04 13.49
CA TYR A 50 -1.13 -9.72 13.29
C TYR A 50 -0.62 -8.75 14.34
N GLY A 51 -1.39 -7.69 14.61
CA GLY A 51 -1.00 -6.71 15.60
C GLY A 51 0.03 -5.74 15.07
N ASN A 52 1.28 -5.86 15.56
CA ASN A 52 2.36 -4.99 15.13
C ASN A 52 3.10 -5.59 13.94
N PHE A 53 2.47 -5.53 12.77
CA PHE A 53 3.07 -6.06 11.55
C PHE A 53 3.87 -4.98 10.82
N SER A 54 4.80 -5.43 9.98
CA SER A 54 5.62 -4.53 9.20
C SER A 54 5.15 -4.50 7.75
N LEU A 55 5.23 -3.33 7.12
CA LEU A 55 4.81 -3.16 5.73
C LEU A 55 5.98 -2.70 4.86
N ALA A 56 6.24 -3.42 3.78
CA ALA A 56 7.33 -3.09 2.86
C ALA A 56 7.07 -3.66 1.48
N THR A 57 7.83 -3.19 0.49
CA THR A 57 7.67 -3.66 -0.89
C THR A 57 8.50 -4.92 -1.13
N MET A 58 8.29 -5.56 -2.28
CA MET A 58 9.02 -6.78 -2.63
C MET A 58 10.50 -6.49 -2.85
N PHE A 59 10.81 -5.79 -3.95
CA PHE A 59 12.19 -5.45 -4.28
C PHE A 59 12.26 -4.07 -4.94
N PRO A 60 13.19 -3.19 -4.47
CA PRO A 60 14.11 -3.51 -3.38
C PRO A 60 13.43 -3.47 -2.01
N ARG A 61 14.21 -3.67 -0.95
CA ARG A 61 13.68 -3.65 0.40
C ARG A 61 13.79 -2.26 1.02
N ARG A 62 12.96 -1.33 0.54
CA ARG A 62 12.97 0.04 1.04
C ARG A 62 12.50 0.10 2.50
N GLU A 63 11.71 -0.89 2.92
CA GLU A 63 11.20 -0.96 4.29
C GLU A 63 10.22 0.18 4.57
N PHE A 64 9.85 0.33 5.84
CA PHE A 64 8.92 1.37 6.26
C PHE A 64 9.58 2.37 7.19
N THR A 65 8.88 3.47 7.46
CA THR A 65 9.41 4.52 8.35
C THR A 65 8.25 5.31 8.98
N LYS A 66 8.59 6.35 9.74
CA LYS A 66 7.58 7.19 10.39
C LYS A 66 6.94 8.15 9.39
N GLU A 67 7.75 8.64 8.46
CA GLU A 67 7.28 9.58 7.44
C GLU A 67 6.67 8.84 6.25
N ASP A 68 7.03 7.57 6.07
CA ASP A 68 6.53 6.76 4.97
C ASP A 68 5.00 6.66 4.98
N TYR A 69 4.39 6.73 6.16
CA TYR A 69 2.95 6.65 6.29
C TYR A 69 2.29 7.99 5.98
N LYS A 70 2.77 9.03 6.67
CA LYS A 70 2.24 10.39 6.49
C LYS A 70 2.38 10.89 5.04
N LYS A 71 3.34 10.34 4.30
CA LYS A 71 3.57 10.73 2.91
C LYS A 71 2.55 10.08 1.98
N LYS A 72 2.73 10.27 0.67
CA LYS A 72 1.83 9.70 -0.33
C LYS A 72 2.25 8.27 -0.70
N LEU A 73 1.74 7.77 -1.82
CA LEU A 73 2.05 6.41 -2.27
C LEU A 73 3.17 6.40 -3.30
N LEU A 74 2.97 7.10 -4.42
CA LEU A 74 3.98 7.16 -5.49
C LEU A 74 5.36 7.52 -4.96
N ASP A 75 5.43 8.19 -3.80
CA ASP A 75 6.71 8.58 -3.20
C ASP A 75 7.65 7.36 -3.09
N LEU A 76 7.06 6.19 -2.87
CA LEU A 76 7.83 4.95 -2.75
C LEU A 76 7.77 4.13 -4.03
N GLU A 77 7.44 4.79 -5.16
CA GLU A 77 7.34 4.13 -6.46
C GLU A 77 6.31 3.01 -6.42
N LEU A 78 5.03 3.38 -6.32
CA LEU A 78 3.94 2.40 -6.28
C LEU A 78 3.15 2.40 -7.58
N ALA A 79 2.98 3.57 -8.19
CA ALA A 79 2.23 3.70 -9.43
C ALA A 79 2.97 3.00 -10.58
N PRO A 80 2.24 2.25 -11.43
CA PRO A 80 0.78 2.07 -11.30
C PRO A 80 0.38 0.98 -10.32
N SER A 81 1.17 -0.08 -10.21
CA SER A 81 0.87 -1.20 -9.30
C SER A 81 2.07 -1.56 -8.43
N ALA A 82 1.79 -2.02 -7.21
CA ALA A 82 2.85 -2.40 -6.26
C ALA A 82 2.37 -3.46 -5.27
N SER A 83 3.31 -4.23 -4.72
CA SER A 83 3.00 -5.28 -3.75
C SER A 83 3.63 -4.98 -2.40
N VAL A 84 2.97 -5.40 -1.33
CA VAL A 84 3.48 -5.19 0.03
C VAL A 84 3.82 -6.52 0.71
N VAL A 85 4.51 -6.44 1.85
CA VAL A 85 4.89 -7.63 2.60
C VAL A 85 4.55 -7.44 4.08
N LEU A 86 3.66 -8.30 4.59
CA LEU A 86 3.24 -8.22 5.99
C LEU A 86 4.21 -8.97 6.89
N LEU A 87 4.69 -8.27 7.93
CA LEU A 87 5.62 -8.85 8.89
C LEU A 87 5.05 -8.84 10.30
N PRO A 88 3.97 -9.63 10.52
CA PRO A 88 3.29 -9.71 11.82
C PRO A 88 4.24 -10.00 12.98
N ALA A 89 3.81 -9.69 14.19
CA ALA A 89 4.60 -9.92 15.39
C ALA A 89 3.89 -10.83 16.38
N GLY A 90 3.13 -11.80 15.86
CA GLY A 90 2.42 -12.73 16.71
C GLY A 90 3.17 -14.03 16.92
N MET A 1 -2.76 -5.49 -22.77
CA MET A 1 -4.21 -5.15 -22.71
C MET A 1 -4.53 -4.23 -21.52
N GLY A 2 -5.75 -3.72 -21.48
CA GLY A 2 -6.16 -2.84 -20.40
C GLY A 2 -5.76 -1.40 -20.64
N HIS A 3 -6.21 -0.82 -21.75
CA HIS A 3 -5.88 0.56 -22.09
C HIS A 3 -6.95 1.16 -23.01
N HIS A 4 -7.54 2.28 -22.56
CA HIS A 4 -8.59 2.96 -23.34
C HIS A 4 -8.28 4.46 -23.45
N HIS A 5 -9.10 5.17 -24.22
CA HIS A 5 -8.92 6.62 -24.41
C HIS A 5 -7.61 6.92 -25.14
N HIS A 6 -7.26 8.21 -25.25
CA HIS A 6 -6.04 8.62 -25.92
C HIS A 6 -5.18 9.48 -24.99
N HIS A 7 -5.79 10.49 -24.37
CA HIS A 7 -5.09 11.38 -23.45
C HIS A 7 -5.84 11.52 -22.13
N HIS A 8 -5.42 10.75 -21.13
CA HIS A 8 -6.05 10.79 -19.82
C HIS A 8 -5.11 10.24 -18.74
N MET A 9 -4.62 11.14 -17.88
CA MET A 9 -3.70 10.75 -16.81
C MET A 9 -4.43 9.94 -15.74
N SER A 10 -3.69 9.01 -15.10
CA SER A 10 -4.27 8.17 -14.06
C SER A 10 -4.25 8.88 -12.70
N THR A 11 -3.13 9.54 -12.40
CA THR A 11 -2.94 10.26 -11.14
C THR A 11 -3.40 9.41 -9.94
N VAL A 12 -3.20 8.10 -10.04
CA VAL A 12 -3.58 7.16 -8.97
C VAL A 12 -2.59 6.02 -8.86
N ALA A 13 -2.58 5.37 -7.69
CA ALA A 13 -1.67 4.24 -7.45
C ALA A 13 -2.44 3.00 -7.01
N ARG A 14 -1.88 1.83 -7.32
CA ARG A 14 -2.50 0.56 -6.99
C ARG A 14 -1.59 -0.26 -6.08
N ILE A 15 -2.11 -0.69 -4.94
CA ILE A 15 -1.33 -1.49 -4.00
C ILE A 15 -2.05 -2.79 -3.66
N GLN A 16 -1.27 -3.84 -3.45
CA GLN A 16 -1.81 -5.15 -3.11
C GLN A 16 -1.34 -5.58 -1.73
N PHE A 17 -2.28 -5.74 -0.80
CA PHE A 17 -1.95 -6.13 0.56
C PHE A 17 -1.81 -7.64 0.68
N ARG A 18 -0.57 -8.10 0.86
CA ARG A 18 -0.27 -9.51 0.99
C ARG A 18 -0.08 -9.91 2.46
N LEU A 19 0.31 -11.16 2.69
CA LEU A 19 0.54 -11.67 4.05
C LEU A 19 1.22 -13.04 4.00
N PRO A 20 1.78 -13.51 5.14
CA PRO A 20 2.46 -14.80 5.23
C PRO A 20 1.61 -15.95 4.67
N ASP A 21 0.29 -15.86 4.87
CA ASP A 21 -0.63 -16.88 4.37
C ASP A 21 -0.52 -17.08 2.86
N GLY A 22 -0.18 -16.00 2.14
CA GLY A 22 -0.04 -16.09 0.69
C GLY A 22 -1.09 -15.28 -0.04
N SER A 23 -2.31 -15.24 0.50
CA SER A 23 -3.40 -14.49 -0.12
C SER A 23 -3.20 -12.97 0.02
N SER A 24 -3.61 -12.22 -1.00
CA SER A 24 -3.47 -10.76 -0.98
C SER A 24 -4.67 -10.10 -1.66
N PHE A 25 -5.03 -8.91 -1.18
CA PHE A 25 -6.15 -8.16 -1.74
C PHE A 25 -5.65 -6.88 -2.43
N THR A 26 -6.28 -6.56 -3.56
CA THR A 26 -5.89 -5.37 -4.32
C THR A 26 -6.78 -4.18 -3.96
N ASN A 27 -6.16 -3.04 -3.71
CA ASN A 27 -6.88 -1.82 -3.36
C ASN A 27 -6.43 -0.65 -4.23
N GLN A 28 -7.18 0.46 -4.17
CA GLN A 28 -6.85 1.65 -4.96
C GLN A 28 -6.44 2.81 -4.06
N PHE A 29 -5.21 3.29 -4.26
CA PHE A 29 -4.69 4.41 -3.48
C PHE A 29 -4.11 5.47 -4.42
N PRO A 30 -4.68 6.69 -4.43
CA PRO A 30 -4.19 7.77 -5.30
C PRO A 30 -2.72 8.07 -5.13
N SER A 31 -2.16 8.78 -6.09
CA SER A 31 -0.75 9.15 -6.06
C SER A 31 -0.48 10.26 -5.03
N ASP A 32 -1.53 10.79 -4.42
CA ASP A 32 -1.38 11.86 -3.42
C ASP A 32 -1.89 11.42 -2.05
N ALA A 33 -2.92 10.56 -2.03
CA ALA A 33 -3.51 10.07 -0.79
C ALA A 33 -2.42 9.50 0.13
N PRO A 34 -2.60 9.66 1.46
CA PRO A 34 -1.63 9.17 2.45
C PRO A 34 -1.35 7.68 2.32
N LEU A 35 -0.07 7.30 2.44
CA LEU A 35 0.34 5.90 2.36
C LEU A 35 -0.28 5.10 3.51
N GLU A 36 -0.44 5.75 4.65
CA GLU A 36 -1.03 5.13 5.83
C GLU A 36 -2.43 4.59 5.57
N GLU A 37 -3.10 5.11 4.53
CA GLU A 37 -4.45 4.66 4.18
C GLU A 37 -4.52 3.14 4.06
N ALA A 38 -3.45 2.54 3.54
CA ALA A 38 -3.39 1.08 3.39
C ALA A 38 -3.14 0.40 4.73
N ARG A 39 -2.35 1.05 5.60
CA ARG A 39 -2.05 0.51 6.92
C ARG A 39 -3.28 0.52 7.83
N GLN A 40 -3.88 1.71 8.00
CA GLN A 40 -5.06 1.85 8.84
C GLN A 40 -6.21 0.94 8.37
N PHE A 41 -6.34 0.80 7.05
CA PHE A 41 -7.38 -0.05 6.46
C PHE A 41 -7.19 -1.51 6.89
N ALA A 42 -5.96 -2.00 6.76
CA ALA A 42 -5.64 -3.38 7.13
C ALA A 42 -5.96 -3.63 8.61
N ALA A 43 -5.53 -2.70 9.46
CA ALA A 43 -5.76 -2.82 10.90
C ALA A 43 -7.26 -2.85 11.21
N GLN A 44 -8.06 -2.19 10.37
CA GLN A 44 -9.51 -2.16 10.55
C GLN A 44 -10.14 -3.47 10.10
N THR A 45 -9.61 -4.05 9.01
CA THR A 45 -10.13 -5.31 8.47
C THR A 45 -10.07 -6.43 9.52
N VAL A 46 -8.87 -6.69 10.04
CA VAL A 46 -8.69 -7.75 11.05
C VAL A 46 -9.00 -7.24 12.46
N GLY A 47 -8.64 -5.99 12.73
CA GLY A 47 -8.88 -5.41 14.04
C GLY A 47 -7.67 -5.55 14.94
N ASN A 48 -7.17 -6.77 15.08
CA ASN A 48 -6.01 -7.05 15.92
C ASN A 48 -5.60 -8.53 15.81
N THR A 49 -5.46 -9.01 14.59
CA THR A 49 -5.07 -10.40 14.35
C THR A 49 -3.55 -10.54 14.22
N TYR A 50 -2.98 -9.93 13.19
CA TYR A 50 -1.54 -10.00 12.95
C TYR A 50 -0.76 -9.40 14.13
N GLY A 51 -0.93 -8.10 14.34
CA GLY A 51 -0.25 -7.42 15.43
C GLY A 51 1.25 -7.33 15.22
N ASN A 52 1.83 -6.18 15.57
CA ASN A 52 3.26 -5.96 15.43
C ASN A 52 3.72 -6.32 14.01
N PHE A 53 2.84 -6.13 13.02
CA PHE A 53 3.13 -6.44 11.63
C PHE A 53 3.87 -5.30 10.96
N SER A 54 4.69 -5.63 9.97
CA SER A 54 5.45 -4.64 9.24
C SER A 54 4.92 -4.47 7.82
N LEU A 55 5.21 -3.32 7.21
CA LEU A 55 4.78 -3.03 5.85
C LEU A 55 5.97 -2.59 5.00
N ALA A 56 6.14 -3.22 3.84
CA ALA A 56 7.24 -2.90 2.94
C ALA A 56 6.92 -3.30 1.51
N THR A 57 7.74 -2.87 0.56
CA THR A 57 7.54 -3.20 -0.85
C THR A 57 8.11 -4.59 -1.16
N MET A 58 7.81 -5.09 -2.36
CA MET A 58 8.29 -6.40 -2.78
C MET A 58 9.82 -6.43 -2.84
N PHE A 59 10.39 -5.55 -3.65
CA PHE A 59 11.84 -5.47 -3.80
C PHE A 59 12.29 -4.03 -4.04
N PRO A 60 13.26 -3.52 -3.25
CA PRO A 60 13.92 -4.29 -2.19
C PRO A 60 13.12 -4.29 -0.88
N ARG A 61 13.49 -5.17 0.04
CA ARG A 61 12.81 -5.26 1.33
C ARG A 61 13.58 -4.48 2.40
N ARG A 62 13.21 -3.20 2.57
CA ARG A 62 13.86 -2.32 3.55
C ARG A 62 12.84 -1.70 4.52
N GLU A 63 11.57 -2.11 4.42
CA GLU A 63 10.51 -1.59 5.29
C GLU A 63 10.26 -0.10 5.02
N PHE A 64 9.32 0.49 5.76
CA PHE A 64 8.99 1.90 5.59
C PHE A 64 9.21 2.69 6.88
N THR A 65 9.44 4.00 6.74
CA THR A 65 9.66 4.89 7.88
C THR A 65 8.37 5.61 8.28
N LYS A 66 8.45 6.44 9.33
CA LYS A 66 7.30 7.19 9.80
C LYS A 66 6.81 8.20 8.76
N GLU A 67 7.75 8.74 7.98
CA GLU A 67 7.43 9.72 6.93
C GLU A 67 6.77 9.04 5.74
N ASP A 68 7.17 7.79 5.48
CA ASP A 68 6.63 7.02 4.35
C ASP A 68 5.12 6.88 4.42
N TYR A 69 4.57 6.87 5.64
CA TYR A 69 3.14 6.74 5.84
C TYR A 69 2.42 8.07 5.63
N LYS A 70 2.90 9.11 6.31
CA LYS A 70 2.31 10.45 6.20
C LYS A 70 2.37 10.97 4.76
N LYS A 71 3.44 10.62 4.03
CA LYS A 71 3.60 11.07 2.65
C LYS A 71 2.64 10.33 1.70
N LYS A 72 2.66 10.72 0.43
CA LYS A 72 1.79 10.12 -0.58
C LYS A 72 2.22 8.68 -0.89
N LEU A 73 1.57 8.05 -1.86
CA LEU A 73 1.87 6.67 -2.23
C LEU A 73 2.85 6.58 -3.40
N LEU A 74 2.55 7.26 -4.51
CA LEU A 74 3.42 7.22 -5.69
C LEU A 74 4.87 7.64 -5.37
N ASP A 75 5.05 8.37 -4.26
CA ASP A 75 6.39 8.80 -3.84
C ASP A 75 7.33 7.60 -3.68
N LEU A 76 6.76 6.47 -3.26
CA LEU A 76 7.53 5.25 -3.07
C LEU A 76 7.47 4.35 -4.32
N GLU A 77 7.20 4.97 -5.48
CA GLU A 77 7.10 4.25 -6.75
C GLU A 77 6.02 3.17 -6.69
N LEU A 78 4.79 3.60 -6.40
CA LEU A 78 3.65 2.67 -6.32
C LEU A 78 2.84 2.69 -7.61
N ALA A 79 2.76 3.84 -8.26
CA ALA A 79 2.01 3.98 -9.50
C ALA A 79 2.74 3.30 -10.66
N PRO A 80 2.01 2.54 -11.51
CA PRO A 80 0.56 2.36 -11.37
C PRO A 80 0.18 1.26 -10.38
N SER A 81 1.01 0.21 -10.27
CA SER A 81 0.72 -0.90 -9.36
C SER A 81 1.95 -1.26 -8.52
N ALA A 82 1.71 -1.75 -7.29
CA ALA A 82 2.79 -2.14 -6.38
C ALA A 82 2.33 -3.23 -5.40
N SER A 83 3.30 -3.98 -4.87
CA SER A 83 3.02 -5.05 -3.92
C SER A 83 3.62 -4.76 -2.56
N VAL A 84 2.93 -5.18 -1.51
CA VAL A 84 3.39 -4.96 -0.13
C VAL A 84 3.77 -6.28 0.54
N VAL A 85 4.44 -6.20 1.68
CA VAL A 85 4.85 -7.39 2.42
C VAL A 85 4.49 -7.25 3.90
N LEU A 86 3.64 -8.15 4.39
CA LEU A 86 3.22 -8.13 5.79
C LEU A 86 4.19 -8.93 6.66
N LEU A 87 4.50 -8.40 7.85
CA LEU A 87 5.40 -9.07 8.77
C LEU A 87 4.72 -9.40 10.11
N PRO A 88 3.52 -10.03 10.07
CA PRO A 88 2.77 -10.39 11.28
C PRO A 88 3.66 -11.02 12.35
N ALA A 89 3.50 -10.55 13.60
CA ALA A 89 4.29 -11.07 14.71
C ALA A 89 3.41 -11.88 15.68
N GLY A 90 2.44 -12.62 15.12
CA GLY A 90 1.55 -13.41 15.93
C GLY A 90 0.47 -14.09 15.12
N MET A 1 -14.13 26.55 -18.52
CA MET A 1 -13.60 27.89 -18.19
C MET A 1 -12.32 27.80 -17.35
N GLY A 2 -11.18 27.83 -18.01
CA GLY A 2 -9.90 27.75 -17.32
C GLY A 2 -9.71 26.43 -16.59
N HIS A 3 -8.85 26.44 -15.57
CA HIS A 3 -8.58 25.24 -14.79
C HIS A 3 -8.99 25.45 -13.33
N HIS A 4 -10.25 25.13 -13.03
CA HIS A 4 -10.78 25.27 -11.67
C HIS A 4 -11.26 23.93 -11.14
N HIS A 5 -12.07 23.23 -11.95
CA HIS A 5 -12.60 21.92 -11.56
C HIS A 5 -12.52 20.93 -12.72
N HIS A 6 -11.52 21.09 -13.57
CA HIS A 6 -11.32 20.20 -14.72
C HIS A 6 -10.22 19.18 -14.46
N HIS A 7 -10.60 17.91 -14.40
CA HIS A 7 -9.64 16.84 -14.16
C HIS A 7 -9.39 16.03 -15.44
N HIS A 8 -8.17 15.52 -15.58
CA HIS A 8 -7.79 14.73 -16.75
C HIS A 8 -6.51 13.95 -16.50
N MET A 9 -6.35 12.83 -17.22
CA MET A 9 -5.16 11.97 -17.10
C MET A 9 -5.16 11.22 -15.75
N SER A 10 -4.90 9.91 -15.81
CA SER A 10 -4.87 9.09 -14.60
C SER A 10 -3.64 9.42 -13.74
N THR A 11 -3.88 9.66 -12.45
CA THR A 11 -2.80 9.97 -11.52
C THR A 11 -3.05 9.32 -10.15
N VAL A 12 -3.07 7.99 -10.15
CA VAL A 12 -3.29 7.21 -8.92
C VAL A 12 -2.35 6.02 -8.82
N ALA A 13 -2.30 5.41 -7.64
CA ALA A 13 -1.43 4.25 -7.40
C ALA A 13 -2.22 3.03 -6.95
N ARG A 14 -1.69 1.85 -7.26
CA ARG A 14 -2.35 0.60 -6.90
C ARG A 14 -1.46 -0.25 -6.00
N ILE A 15 -1.98 -0.64 -4.84
CA ILE A 15 -1.22 -1.45 -3.90
C ILE A 15 -1.99 -2.70 -3.51
N GLN A 16 -1.24 -3.78 -3.30
CA GLN A 16 -1.83 -5.05 -2.91
C GLN A 16 -1.36 -5.46 -1.52
N PHE A 17 -2.28 -5.46 -0.57
CA PHE A 17 -1.98 -5.82 0.82
C PHE A 17 -2.00 -7.33 1.01
N ARG A 18 -0.83 -7.90 1.32
CA ARG A 18 -0.71 -9.33 1.53
C ARG A 18 -0.78 -9.68 3.01
N LEU A 19 -0.75 -10.98 3.30
CA LEU A 19 -0.80 -11.47 4.68
C LEU A 19 -0.19 -12.87 4.79
N PRO A 20 0.13 -13.32 6.01
CA PRO A 20 0.73 -14.65 6.25
C PRO A 20 -0.02 -15.78 5.55
N ASP A 21 -1.35 -15.61 5.42
CA ASP A 21 -2.20 -16.61 4.77
C ASP A 21 -1.72 -16.92 3.35
N GLY A 22 -1.20 -15.90 2.65
CA GLY A 22 -0.72 -16.09 1.29
C GLY A 22 -1.35 -15.12 0.31
N SER A 23 -2.68 -15.07 0.31
CA SER A 23 -3.42 -14.18 -0.60
C SER A 23 -3.18 -12.71 -0.25
N SER A 24 -3.77 -11.81 -1.05
CA SER A 24 -3.62 -10.37 -0.83
C SER A 24 -4.87 -9.62 -1.31
N PHE A 25 -5.02 -8.37 -0.83
CA PHE A 25 -6.16 -7.54 -1.20
C PHE A 25 -5.70 -6.38 -2.06
N THR A 26 -6.32 -6.22 -3.23
CA THR A 26 -5.97 -5.15 -4.15
C THR A 26 -6.89 -3.94 -3.96
N ASN A 27 -6.28 -2.78 -3.69
CA ASN A 27 -7.04 -1.55 -3.49
C ASN A 27 -6.48 -0.40 -4.34
N GLN A 28 -7.18 0.73 -4.33
CA GLN A 28 -6.77 1.90 -5.10
C GLN A 28 -6.33 3.03 -4.16
N PHE A 29 -5.07 3.44 -4.29
CA PHE A 29 -4.53 4.53 -3.47
C PHE A 29 -3.87 5.57 -4.38
N PRO A 30 -4.38 6.81 -4.38
CA PRO A 30 -3.83 7.89 -5.22
C PRO A 30 -2.35 8.09 -5.02
N SER A 31 -1.73 8.77 -5.97
CA SER A 31 -0.30 9.05 -5.92
C SER A 31 0.03 10.11 -4.86
N ASP A 32 -1.00 10.70 -4.24
CA ASP A 32 -0.80 11.72 -3.21
C ASP A 32 -1.36 11.28 -1.86
N ALA A 33 -2.50 10.58 -1.89
CA ALA A 33 -3.14 10.09 -0.66
C ALA A 33 -2.14 9.39 0.25
N PRO A 34 -2.38 9.45 1.58
CA PRO A 34 -1.49 8.84 2.58
C PRO A 34 -1.26 7.34 2.34
N LEU A 35 -0.04 6.89 2.64
CA LEU A 35 0.31 5.47 2.48
C LEU A 35 -0.34 4.63 3.57
N GLU A 36 -0.51 5.21 4.75
CA GLU A 36 -1.13 4.52 5.88
C GLU A 36 -2.54 4.01 5.54
N GLU A 37 -3.16 4.59 4.51
CA GLU A 37 -4.51 4.17 4.09
C GLU A 37 -4.56 2.67 3.82
N ALA A 38 -3.46 2.10 3.32
CA ALA A 38 -3.39 0.67 3.05
C ALA A 38 -3.26 -0.10 4.36
N ARG A 39 -2.50 0.44 5.31
CA ARG A 39 -2.30 -0.19 6.61
C ARG A 39 -3.61 -0.25 7.40
N GLN A 40 -4.26 0.92 7.59
CA GLN A 40 -5.52 0.99 8.33
C GLN A 40 -6.57 0.05 7.73
N PHE A 41 -6.54 -0.14 6.41
CA PHE A 41 -7.48 -1.03 5.73
C PHE A 41 -7.40 -2.45 6.30
N ALA A 42 -6.19 -3.00 6.33
CA ALA A 42 -5.97 -4.35 6.85
C ALA A 42 -6.38 -4.46 8.31
N ALA A 43 -5.98 -3.45 9.12
CA ALA A 43 -6.32 -3.43 10.54
C ALA A 43 -7.83 -3.52 10.75
N GLN A 44 -8.59 -2.89 9.84
CA GLN A 44 -10.05 -2.93 9.92
C GLN A 44 -10.60 -4.29 9.51
N THR A 45 -9.93 -4.94 8.55
CA THR A 45 -10.36 -6.25 8.06
C THR A 45 -10.18 -7.33 9.13
N VAL A 46 -8.94 -7.53 9.58
CA VAL A 46 -8.64 -8.55 10.60
C VAL A 46 -9.13 -8.13 11.99
N GLY A 47 -8.98 -6.84 12.31
CA GLY A 47 -9.41 -6.34 13.60
C GLY A 47 -8.39 -6.60 14.69
N ASN A 48 -7.17 -6.07 14.47
CA ASN A 48 -6.08 -6.23 15.42
C ASN A 48 -5.74 -7.70 15.66
N THR A 49 -4.95 -8.27 14.77
CA THR A 49 -4.54 -9.67 14.88
C THR A 49 -3.02 -9.81 14.80
N TYR A 50 -2.43 -9.27 13.72
CA TYR A 50 -0.98 -9.34 13.52
C TYR A 50 -0.23 -8.64 14.65
N GLY A 51 -0.49 -7.34 14.80
CA GLY A 51 0.17 -6.56 15.84
C GLY A 51 1.64 -6.31 15.57
N ASN A 52 2.08 -5.08 15.81
CA ASN A 52 3.48 -4.69 15.59
C ASN A 52 3.99 -5.20 14.23
N PHE A 53 3.09 -5.20 13.22
CA PHE A 53 3.43 -5.66 11.88
C PHE A 53 4.13 -4.56 11.11
N SER A 54 5.02 -4.95 10.20
CA SER A 54 5.75 -4.00 9.38
C SER A 54 5.44 -4.20 7.91
N LEU A 55 5.19 -3.09 7.20
CA LEU A 55 4.88 -3.15 5.77
C LEU A 55 6.06 -2.65 4.95
N ALA A 56 6.28 -3.28 3.80
CA ALA A 56 7.38 -2.90 2.92
C ALA A 56 7.10 -3.33 1.47
N THR A 57 7.61 -2.55 0.51
CA THR A 57 7.42 -2.87 -0.89
C THR A 57 8.22 -4.11 -1.29
N MET A 58 7.87 -4.72 -2.42
CA MET A 58 8.55 -5.91 -2.91
C MET A 58 10.00 -5.57 -3.31
N PHE A 59 10.15 -4.74 -4.34
CA PHE A 59 11.46 -4.33 -4.83
C PHE A 59 11.41 -2.92 -5.43
N PRO A 60 12.37 -2.05 -5.07
CA PRO A 60 13.47 -2.37 -4.14
C PRO A 60 12.99 -2.45 -2.69
N ARG A 61 13.53 -3.40 -1.93
CA ARG A 61 13.15 -3.58 -0.53
C ARG A 61 13.92 -2.63 0.39
N ARG A 62 13.23 -1.56 0.82
CA ARG A 62 13.84 -0.57 1.71
C ARG A 62 13.04 -0.40 3.02
N GLU A 63 11.93 -1.13 3.16
CA GLU A 63 11.08 -1.05 4.35
C GLU A 63 10.37 0.30 4.44
N PHE A 64 9.31 0.36 5.25
CA PHE A 64 8.54 1.59 5.41
C PHE A 64 8.62 2.12 6.84
N THR A 65 9.12 3.35 6.97
CA THR A 65 9.26 4.01 8.27
C THR A 65 7.99 4.79 8.64
N LYS A 66 8.04 5.48 9.77
CA LYS A 66 6.90 6.27 10.23
C LYS A 66 6.55 7.38 9.24
N GLU A 67 7.58 7.92 8.58
CA GLU A 67 7.40 8.99 7.60
C GLU A 67 6.84 8.42 6.28
N ASP A 68 7.19 7.17 5.98
CA ASP A 68 6.74 6.52 4.74
C ASP A 68 5.22 6.34 4.71
N TYR A 69 4.61 6.21 5.88
CA TYR A 69 3.16 6.03 5.96
C TYR A 69 2.44 7.37 5.82
N LYS A 70 2.86 8.36 6.61
CA LYS A 70 2.26 9.70 6.57
C LYS A 70 2.38 10.33 5.18
N LYS A 71 3.47 10.02 4.47
CA LYS A 71 3.70 10.57 3.13
C LYS A 71 2.74 9.95 2.11
N LYS A 72 2.93 10.30 0.84
CA LYS A 72 2.07 9.79 -0.24
C LYS A 72 2.42 8.32 -0.55
N LEU A 73 2.15 7.89 -1.78
CA LEU A 73 2.43 6.50 -2.18
C LEU A 73 3.46 6.42 -3.32
N LEU A 74 3.20 7.15 -4.41
CA LEU A 74 4.11 7.15 -5.56
C LEU A 74 5.57 7.46 -5.18
N ASP A 75 5.75 8.17 -4.05
CA ASP A 75 7.10 8.51 -3.59
C ASP A 75 8.01 7.28 -3.50
N LEU A 76 7.41 6.11 -3.25
CA LEU A 76 8.16 4.86 -3.16
C LEU A 76 7.96 4.01 -4.42
N GLU A 77 7.63 4.68 -5.53
CA GLU A 77 7.40 4.00 -6.82
C GLU A 77 6.30 2.94 -6.70
N LEU A 78 5.07 3.38 -6.42
CA LEU A 78 3.94 2.47 -6.28
C LEU A 78 3.08 2.46 -7.55
N ALA A 79 3.06 3.59 -8.27
CA ALA A 79 2.27 3.70 -9.49
C ALA A 79 2.96 2.97 -10.65
N PRO A 80 2.19 2.23 -11.46
CA PRO A 80 0.75 2.09 -11.29
C PRO A 80 0.34 1.01 -10.27
N SER A 81 1.13 -0.06 -10.16
CA SER A 81 0.84 -1.15 -9.24
C SER A 81 2.06 -1.51 -8.37
N ALA A 82 1.79 -1.99 -7.16
CA ALA A 82 2.86 -2.37 -6.22
C ALA A 82 2.40 -3.47 -5.25
N SER A 83 3.38 -4.12 -4.61
CA SER A 83 3.09 -5.19 -3.65
C SER A 83 3.70 -4.87 -2.28
N VAL A 84 3.02 -5.31 -1.22
CA VAL A 84 3.50 -5.07 0.15
C VAL A 84 3.87 -6.39 0.84
N VAL A 85 4.52 -6.29 1.99
CA VAL A 85 4.92 -7.46 2.77
C VAL A 85 4.60 -7.25 4.25
N LEU A 86 3.74 -8.10 4.80
CA LEU A 86 3.34 -8.01 6.21
C LEU A 86 4.37 -8.67 7.12
N LEU A 87 4.70 -7.98 8.22
CA LEU A 87 5.68 -8.51 9.18
C LEU A 87 5.05 -8.67 10.57
N PRO A 88 3.90 -9.36 10.67
CA PRO A 88 3.20 -9.59 11.95
C PRO A 88 4.15 -9.94 13.08
N ALA A 89 3.95 -9.30 14.23
CA ALA A 89 4.79 -9.53 15.41
C ALA A 89 3.94 -9.91 16.63
N GLY A 90 2.89 -10.69 16.40
CA GLY A 90 2.02 -11.11 17.48
C GLY A 90 2.29 -12.53 17.93
N MET A 1 -11.51 20.99 -19.38
CA MET A 1 -10.13 20.43 -19.40
C MET A 1 -10.06 19.12 -18.63
N GLY A 2 -10.90 18.16 -19.01
CA GLY A 2 -10.92 16.86 -18.35
C GLY A 2 -12.19 16.07 -18.61
N HIS A 3 -12.67 16.11 -19.85
CA HIS A 3 -13.89 15.39 -20.24
C HIS A 3 -13.77 14.83 -21.66
N HIS A 4 -12.55 14.47 -22.05
CA HIS A 4 -12.30 13.93 -23.39
C HIS A 4 -10.91 13.29 -23.47
N HIS A 5 -9.88 14.08 -23.18
CA HIS A 5 -8.51 13.60 -23.22
C HIS A 5 -7.99 13.30 -21.80
N HIS A 6 -8.83 12.68 -20.98
CA HIS A 6 -8.47 12.33 -19.61
C HIS A 6 -8.60 10.83 -19.40
N HIS A 7 -7.83 10.05 -20.15
CA HIS A 7 -7.85 8.59 -20.05
C HIS A 7 -6.50 8.05 -19.57
N HIS A 8 -6.36 6.72 -19.54
CA HIS A 8 -5.13 6.07 -19.10
C HIS A 8 -4.91 6.31 -17.61
N MET A 9 -5.69 5.61 -16.78
CA MET A 9 -5.60 5.73 -15.33
C MET A 9 -6.00 7.14 -14.87
N SER A 10 -6.17 7.30 -13.56
CA SER A 10 -6.54 8.59 -12.99
C SER A 10 -5.43 9.12 -12.07
N THR A 11 -4.20 9.12 -12.59
CA THR A 11 -3.03 9.59 -11.84
C THR A 11 -3.03 9.04 -10.40
N VAL A 12 -3.47 7.78 -10.26
CA VAL A 12 -3.52 7.14 -8.94
C VAL A 12 -2.54 5.96 -8.86
N ALA A 13 -2.34 5.46 -7.65
CA ALA A 13 -1.43 4.34 -7.41
C ALA A 13 -2.20 3.08 -6.97
N ARG A 14 -1.64 1.92 -7.29
CA ARG A 14 -2.27 0.64 -6.93
C ARG A 14 -1.36 -0.18 -6.02
N ILE A 15 -1.90 -0.59 -4.88
CA ILE A 15 -1.12 -1.39 -3.93
C ILE A 15 -1.87 -2.67 -3.56
N GLN A 16 -1.11 -3.74 -3.34
CA GLN A 16 -1.68 -5.02 -2.96
C GLN A 16 -1.26 -5.41 -1.54
N PHE A 17 -2.24 -5.56 -0.65
CA PHE A 17 -1.97 -5.93 0.73
C PHE A 17 -1.94 -7.44 0.92
N ARG A 18 -0.74 -7.97 1.18
CA ARG A 18 -0.55 -9.39 1.38
C ARG A 18 -0.56 -9.75 2.87
N LEU A 19 -0.27 -11.01 3.18
CA LEU A 19 -0.25 -11.48 4.56
C LEU A 19 0.31 -12.91 4.63
N PRO A 20 0.69 -13.38 5.85
CA PRO A 20 1.23 -14.74 6.04
C PRO A 20 0.36 -15.82 5.40
N ASP A 21 -0.96 -15.62 5.41
CA ASP A 21 -1.89 -16.57 4.84
C ASP A 21 -1.60 -16.83 3.35
N GLY A 22 -1.05 -15.82 2.67
CA GLY A 22 -0.73 -15.96 1.26
C GLY A 22 -1.62 -15.09 0.37
N SER A 23 -2.91 -15.03 0.71
CA SER A 23 -3.86 -14.24 -0.05
C SER A 23 -3.65 -12.74 0.17
N SER A 24 -3.84 -11.96 -0.90
CA SER A 24 -3.66 -10.51 -0.82
C SER A 24 -4.83 -9.79 -1.48
N PHE A 25 -5.15 -8.59 -1.00
CA PHE A 25 -6.25 -7.80 -1.55
C PHE A 25 -5.72 -6.55 -2.26
N THR A 26 -6.27 -6.27 -3.45
CA THR A 26 -5.85 -5.12 -4.23
C THR A 26 -6.77 -3.93 -3.97
N ASN A 27 -6.16 -2.77 -3.73
CA ASN A 27 -6.91 -1.54 -3.47
C ASN A 27 -6.40 -0.39 -4.35
N GLN A 28 -7.12 0.73 -4.34
CA GLN A 28 -6.74 1.89 -5.13
C GLN A 28 -6.37 3.07 -4.23
N PHE A 29 -5.14 3.54 -4.36
CA PHE A 29 -4.66 4.67 -3.58
C PHE A 29 -3.99 5.69 -4.48
N PRO A 30 -4.54 6.92 -4.55
CA PRO A 30 -4.01 7.99 -5.41
C PRO A 30 -2.53 8.26 -5.17
N SER A 31 -1.92 8.95 -6.13
CA SER A 31 -0.51 9.28 -6.05
C SER A 31 -0.24 10.37 -4.99
N ASP A 32 -1.32 10.92 -4.41
CA ASP A 32 -1.18 11.97 -3.40
C ASP A 32 -1.74 11.50 -2.05
N ALA A 33 -2.79 10.67 -2.08
CA ALA A 33 -3.41 10.17 -0.86
C ALA A 33 -2.37 9.53 0.06
N PRO A 34 -2.59 9.60 1.39
CA PRO A 34 -1.66 9.04 2.39
C PRO A 34 -1.41 7.55 2.20
N LEU A 35 -0.16 7.14 2.43
CA LEU A 35 0.23 5.73 2.31
C LEU A 35 -0.43 4.88 3.40
N GLU A 36 -0.56 5.45 4.60
CA GLU A 36 -1.17 4.75 5.73
C GLU A 36 -2.58 4.27 5.39
N GLU A 37 -3.22 4.89 4.39
CA GLU A 37 -4.58 4.50 3.99
C GLU A 37 -4.70 2.99 3.86
N ALA A 38 -3.70 2.35 3.24
CA ALA A 38 -3.69 0.91 3.07
C ALA A 38 -3.40 0.20 4.40
N ARG A 39 -2.42 0.74 5.14
CA ARG A 39 -2.04 0.19 6.43
C ARG A 39 -3.23 0.09 7.38
N GLN A 40 -3.94 1.21 7.55
CA GLN A 40 -5.11 1.25 8.43
C GLN A 40 -6.23 0.35 7.91
N PHE A 41 -6.37 0.28 6.58
CA PHE A 41 -7.40 -0.56 5.96
C PHE A 41 -7.24 -2.02 6.38
N ALA A 42 -6.00 -2.52 6.34
CA ALA A 42 -5.72 -3.90 6.73
C ALA A 42 -6.08 -4.16 8.19
N ALA A 43 -5.77 -3.20 9.06
CA ALA A 43 -6.08 -3.31 10.48
C ALA A 43 -7.59 -3.42 10.71
N GLN A 44 -8.37 -2.77 9.85
CA GLN A 44 -9.83 -2.82 9.96
C GLN A 44 -10.36 -4.21 9.58
N THR A 45 -9.65 -4.90 8.69
CA THR A 45 -10.07 -6.22 8.24
C THR A 45 -10.05 -7.24 9.38
N VAL A 46 -8.88 -7.41 10.02
CA VAL A 46 -8.74 -8.37 11.11
C VAL A 46 -9.07 -7.74 12.46
N GLY A 47 -8.58 -6.52 12.69
CA GLY A 47 -8.81 -5.83 13.95
C GLY A 47 -7.71 -6.08 14.96
N ASN A 48 -7.39 -7.36 15.17
CA ASN A 48 -6.34 -7.74 16.12
C ASN A 48 -5.91 -9.18 15.90
N THR A 49 -4.93 -9.37 15.02
CA THR A 49 -4.42 -10.71 14.72
C THR A 49 -2.92 -10.69 14.46
N TYR A 50 -2.50 -9.88 13.47
CA TYR A 50 -1.08 -9.77 13.13
C TYR A 50 -0.29 -9.07 14.23
N GLY A 51 -0.93 -8.12 14.92
CA GLY A 51 -0.26 -7.41 15.99
C GLY A 51 0.67 -6.33 15.48
N ASN A 52 1.97 -6.49 15.78
CA ASN A 52 2.97 -5.52 15.34
C ASN A 52 3.62 -5.96 14.03
N PHE A 53 2.88 -5.85 12.94
CA PHE A 53 3.37 -6.23 11.62
C PHE A 53 4.14 -5.09 10.95
N SER A 54 5.03 -5.44 10.04
CA SER A 54 5.83 -4.45 9.32
C SER A 54 5.48 -4.47 7.84
N LEU A 55 5.30 -3.28 7.25
CA LEU A 55 4.98 -3.16 5.83
C LEU A 55 6.21 -2.76 5.03
N ALA A 56 6.39 -3.37 3.86
CA ALA A 56 7.53 -3.07 2.99
C ALA A 56 7.21 -3.39 1.54
N THR A 57 7.88 -2.70 0.62
CA THR A 57 7.67 -2.92 -0.81
C THR A 57 8.14 -4.32 -1.22
N MET A 58 7.67 -4.78 -2.38
CA MET A 58 8.03 -6.11 -2.88
C MET A 58 9.55 -6.28 -2.95
N PHE A 59 10.19 -5.54 -3.85
CA PHE A 59 11.65 -5.60 -4.02
C PHE A 59 12.17 -4.30 -4.62
N PRO A 60 13.30 -3.77 -4.10
CA PRO A 60 14.03 -4.39 -2.99
C PRO A 60 13.36 -4.16 -1.63
N ARG A 61 14.01 -4.61 -0.57
CA ARG A 61 13.47 -4.44 0.78
C ARG A 61 13.87 -3.09 1.38
N ARG A 62 12.92 -2.16 1.41
CA ARG A 62 13.16 -0.82 1.95
C ARG A 62 12.54 -0.66 3.34
N GLU A 63 11.53 -1.49 3.64
CA GLU A 63 10.84 -1.42 4.94
C GLU A 63 10.05 -0.14 5.08
N PHE A 64 9.12 -0.12 6.04
CA PHE A 64 8.30 1.06 6.29
C PHE A 64 9.10 2.16 6.96
N THR A 65 8.57 3.39 6.91
CA THR A 65 9.23 4.53 7.50
C THR A 65 8.19 5.51 8.05
N LYS A 66 8.56 6.24 9.10
CA LYS A 66 7.66 7.21 9.71
C LYS A 66 7.13 8.22 8.68
N GLU A 67 7.99 8.59 7.74
CA GLU A 67 7.62 9.54 6.69
C GLU A 67 6.84 8.85 5.56
N ASP A 68 7.11 7.57 5.35
CA ASP A 68 6.45 6.80 4.30
C ASP A 68 4.93 6.79 4.46
N TYR A 69 4.45 6.79 5.71
CA TYR A 69 3.01 6.78 5.98
C TYR A 69 2.40 8.16 5.80
N LYS A 70 2.96 9.14 6.51
CA LYS A 70 2.49 10.53 6.44
C LYS A 70 2.59 11.10 5.03
N LYS A 71 3.51 10.57 4.21
CA LYS A 71 3.68 11.06 2.84
C LYS A 71 2.74 10.34 1.86
N LYS A 72 2.80 10.74 0.60
CA LYS A 72 1.96 10.15 -0.45
C LYS A 72 2.42 8.73 -0.79
N LEU A 73 1.78 8.13 -1.80
CA LEU A 73 2.11 6.77 -2.21
C LEU A 73 3.12 6.74 -3.37
N LEU A 74 2.82 7.45 -4.45
CA LEU A 74 3.71 7.49 -5.62
C LEU A 74 5.13 7.93 -5.25
N ASP A 75 5.28 8.61 -4.10
CA ASP A 75 6.59 9.08 -3.64
C ASP A 75 7.59 7.93 -3.58
N LEU A 76 7.09 6.71 -3.31
CA LEU A 76 7.95 5.53 -3.24
C LEU A 76 7.78 4.66 -4.49
N GLU A 77 7.37 5.29 -5.61
CA GLU A 77 7.18 4.58 -6.87
C GLU A 77 6.18 3.43 -6.73
N LEU A 78 4.93 3.77 -6.43
CA LEU A 78 3.89 2.76 -6.25
C LEU A 78 3.04 2.63 -7.51
N ALA A 79 2.79 3.76 -8.18
CA ALA A 79 2.01 3.76 -9.40
C ALA A 79 2.78 3.14 -10.57
N PRO A 80 2.09 2.38 -11.45
CA PRO A 80 0.66 2.14 -11.35
C PRO A 80 0.30 0.90 -10.50
N SER A 81 1.31 0.15 -10.04
CA SER A 81 1.06 -1.04 -9.23
C SER A 81 2.24 -1.34 -8.29
N ALA A 82 1.93 -1.80 -7.08
CA ALA A 82 2.94 -2.13 -6.08
C ALA A 82 2.48 -3.24 -5.14
N SER A 83 3.43 -3.94 -4.53
CA SER A 83 3.13 -5.03 -3.60
C SER A 83 3.74 -4.76 -2.23
N VAL A 84 3.06 -5.24 -1.18
CA VAL A 84 3.55 -5.06 0.19
C VAL A 84 3.91 -6.40 0.82
N VAL A 85 4.59 -6.35 1.97
CA VAL A 85 4.98 -7.55 2.68
C VAL A 85 4.63 -7.44 4.17
N LEU A 86 3.78 -8.35 4.65
CA LEU A 86 3.36 -8.34 6.05
C LEU A 86 4.36 -9.08 6.94
N LEU A 87 4.82 -8.41 7.99
CA LEU A 87 5.79 -8.98 8.92
C LEU A 87 5.23 -9.06 10.35
N PRO A 88 4.03 -9.64 10.53
CA PRO A 88 3.39 -9.78 11.85
C PRO A 88 4.37 -10.16 12.96
N ALA A 89 4.18 -9.57 14.14
CA ALA A 89 5.03 -9.86 15.30
C ALA A 89 4.21 -10.40 16.48
N GLY A 90 3.22 -11.21 16.18
CA GLY A 90 2.37 -11.78 17.22
C GLY A 90 2.71 -13.22 17.52
N MET A 1 -18.17 21.00 -9.24
CA MET A 1 -17.40 20.16 -10.20
C MET A 1 -16.76 21.02 -11.30
N GLY A 2 -15.52 20.68 -11.66
CA GLY A 2 -14.82 21.44 -12.69
C GLY A 2 -13.98 20.55 -13.58
N HIS A 3 -14.63 19.87 -14.54
CA HIS A 3 -13.93 18.98 -15.46
C HIS A 3 -14.28 19.30 -16.90
N HIS A 4 -13.38 18.94 -17.82
CA HIS A 4 -13.59 19.18 -19.26
C HIS A 4 -14.26 17.97 -19.91
N HIS A 5 -13.80 16.78 -19.58
CA HIS A 5 -14.35 15.54 -20.15
C HIS A 5 -14.86 14.61 -19.05
N HIS A 6 -15.47 13.49 -19.46
CA HIS A 6 -16.01 12.51 -18.51
C HIS A 6 -14.88 11.69 -17.88
N HIS A 7 -15.23 10.75 -17.00
CA HIS A 7 -14.25 9.91 -16.33
C HIS A 7 -13.48 9.04 -17.32
N HIS A 8 -12.16 9.24 -17.38
CA HIS A 8 -11.31 8.48 -18.28
C HIS A 8 -9.96 8.18 -17.62
N MET A 9 -9.31 9.22 -17.09
CA MET A 9 -8.02 9.07 -16.42
C MET A 9 -8.17 8.44 -15.04
N SER A 10 -7.05 8.11 -14.41
CA SER A 10 -7.06 7.50 -13.08
C SER A 10 -6.20 8.30 -12.09
N THR A 11 -4.96 8.62 -12.49
CA THR A 11 -4.02 9.37 -11.64
C THR A 11 -4.04 8.86 -10.19
N VAL A 12 -3.99 7.53 -10.04
CA VAL A 12 -3.99 6.90 -8.73
C VAL A 12 -3.01 5.73 -8.67
N ALA A 13 -2.76 5.22 -7.46
CA ALA A 13 -1.84 4.10 -7.27
C ALA A 13 -2.57 2.86 -6.79
N ARG A 14 -2.04 1.69 -7.13
CA ARG A 14 -2.64 0.42 -6.74
C ARG A 14 -1.66 -0.41 -5.93
N ILE A 15 -2.10 -0.87 -4.76
CA ILE A 15 -1.24 -1.69 -3.91
C ILE A 15 -1.94 -3.00 -3.52
N GLN A 16 -1.15 -4.06 -3.40
CA GLN A 16 -1.67 -5.36 -3.04
C GLN A 16 -1.17 -5.77 -1.66
N PHE A 17 -2.10 -5.85 -0.71
CA PHE A 17 -1.75 -6.22 0.66
C PHE A 17 -1.66 -7.73 0.80
N ARG A 18 -0.43 -8.24 0.96
CA ARG A 18 -0.19 -9.67 1.11
C ARG A 18 -0.13 -10.05 2.59
N LEU A 19 0.09 -11.34 2.84
CA LEU A 19 0.19 -11.85 4.21
C LEU A 19 0.75 -13.28 4.21
N PRO A 20 1.32 -13.73 5.35
CA PRO A 20 1.89 -15.08 5.48
C PRO A 20 0.93 -16.18 5.02
N ASP A 21 -0.38 -15.90 5.13
CA ASP A 21 -1.41 -16.86 4.74
C ASP A 21 -1.23 -17.30 3.27
N GLY A 22 -0.77 -16.37 2.43
CA GLY A 22 -0.57 -16.68 1.02
C GLY A 22 -1.41 -15.80 0.10
N SER A 23 -2.60 -15.43 0.56
CA SER A 23 -3.49 -14.59 -0.22
C SER A 23 -3.19 -13.10 -0.01
N SER A 24 -3.76 -12.26 -0.88
CA SER A 24 -3.57 -10.81 -0.79
C SER A 24 -4.77 -10.06 -1.34
N PHE A 25 -5.03 -8.86 -0.80
CA PHE A 25 -6.16 -8.05 -1.24
C PHE A 25 -5.67 -6.77 -1.93
N THR A 26 -6.28 -6.47 -3.08
CA THR A 26 -5.92 -5.29 -3.86
C THR A 26 -6.86 -4.12 -3.55
N ASN A 27 -6.26 -2.95 -3.32
CA ASN A 27 -7.03 -1.74 -3.02
C ASN A 27 -6.59 -0.58 -3.91
N GLN A 28 -7.33 0.53 -3.85
CA GLN A 28 -7.00 1.70 -4.66
C GLN A 28 -6.57 2.87 -3.77
N PHE A 29 -5.35 3.33 -3.98
CA PHE A 29 -4.79 4.44 -3.23
C PHE A 29 -4.19 5.47 -4.19
N PRO A 30 -4.74 6.70 -4.21
CA PRO A 30 -4.25 7.75 -5.10
C PRO A 30 -2.77 8.00 -4.98
N SER A 31 -2.21 8.62 -6.01
CA SER A 31 -0.80 8.94 -6.05
C SER A 31 -0.45 10.05 -5.04
N ASP A 32 -1.47 10.65 -4.42
CA ASP A 32 -1.25 11.72 -3.43
C ASP A 32 -1.69 11.29 -2.04
N ALA A 33 -2.70 10.42 -1.97
CA ALA A 33 -3.22 9.92 -0.70
C ALA A 33 -2.09 9.42 0.21
N PRO A 34 -2.28 9.49 1.54
CA PRO A 34 -1.26 9.06 2.50
C PRO A 34 -1.02 7.55 2.46
N LEU A 35 0.26 7.17 2.43
CA LEU A 35 0.64 5.76 2.40
C LEU A 35 0.02 5.01 3.57
N GLU A 36 -0.11 5.68 4.71
CA GLU A 36 -0.69 5.08 5.91
C GLU A 36 -2.11 4.53 5.65
N GLU A 37 -2.78 5.03 4.61
CA GLU A 37 -4.13 4.56 4.27
C GLU A 37 -4.18 3.03 4.23
N ALA A 38 -3.20 2.42 3.57
CA ALA A 38 -3.14 0.96 3.47
C ALA A 38 -2.85 0.33 4.84
N ARG A 39 -2.00 1.00 5.63
CA ARG A 39 -1.65 0.50 6.96
C ARG A 39 -2.88 0.47 7.87
N GLN A 40 -3.55 1.62 8.01
CA GLN A 40 -4.73 1.72 8.85
C GLN A 40 -5.87 0.84 8.32
N PHE A 41 -5.97 0.74 6.99
CA PHE A 41 -7.00 -0.08 6.34
C PHE A 41 -6.88 -1.53 6.77
N ALA A 42 -5.67 -2.09 6.68
CA ALA A 42 -5.42 -3.48 7.06
C ALA A 42 -5.81 -3.71 8.52
N ALA A 43 -5.48 -2.75 9.38
CA ALA A 43 -5.78 -2.85 10.81
C ALA A 43 -7.30 -2.77 11.06
N GLN A 44 -8.00 -1.99 10.24
CA GLN A 44 -9.45 -1.84 10.38
C GLN A 44 -10.19 -3.00 9.73
N THR A 45 -9.64 -3.55 8.64
CA THR A 45 -10.25 -4.66 7.93
C THR A 45 -10.40 -5.90 8.83
N VAL A 46 -9.29 -6.34 9.43
CA VAL A 46 -9.31 -7.51 10.31
C VAL A 46 -9.60 -7.11 11.76
N GLY A 47 -9.14 -5.92 12.15
CA GLY A 47 -9.34 -5.44 13.50
C GLY A 47 -8.19 -5.79 14.40
N ASN A 48 -7.86 -7.08 14.47
CA ASN A 48 -6.76 -7.56 15.29
C ASN A 48 -6.48 -9.05 15.00
N THR A 49 -5.50 -9.29 14.14
CA THR A 49 -5.13 -10.65 13.77
C THR A 49 -3.61 -10.78 13.59
N TYR A 50 -3.03 -9.89 12.78
CA TYR A 50 -1.59 -9.90 12.53
C TYR A 50 -0.80 -9.37 13.73
N GLY A 51 -1.41 -8.46 14.49
CA GLY A 51 -0.75 -7.89 15.66
C GLY A 51 0.25 -6.81 15.29
N ASN A 52 1.48 -6.94 15.79
CA ASN A 52 2.53 -5.98 15.51
C ASN A 52 3.23 -6.31 14.19
N PHE A 53 2.50 -6.18 13.09
CA PHE A 53 3.03 -6.47 11.77
C PHE A 53 3.79 -5.28 11.20
N SER A 54 4.62 -5.55 10.19
CA SER A 54 5.42 -4.52 9.55
C SER A 54 5.01 -4.36 8.07
N LEU A 55 5.25 -3.18 7.52
CA LEU A 55 4.92 -2.89 6.12
C LEU A 55 6.18 -2.61 5.31
N ALA A 56 6.34 -3.31 4.20
CA ALA A 56 7.50 -3.12 3.33
C ALA A 56 7.18 -3.54 1.89
N THR A 57 7.96 -3.01 0.93
CA THR A 57 7.77 -3.32 -0.48
C THR A 57 8.69 -4.47 -0.90
N MET A 58 8.43 -5.04 -2.08
CA MET A 58 9.24 -6.14 -2.59
C MET A 58 10.67 -5.68 -2.89
N PHE A 59 10.82 -4.82 -3.89
CA PHE A 59 12.13 -4.31 -4.27
C PHE A 59 12.02 -2.88 -4.82
N PRO A 60 12.85 -1.93 -4.32
CA PRO A 60 13.85 -2.22 -3.28
C PRO A 60 13.24 -2.33 -1.89
N ARG A 61 13.74 -3.27 -1.08
CA ARG A 61 13.23 -3.46 0.27
C ARG A 61 13.80 -2.43 1.24
N ARG A 62 13.00 -1.40 1.53
CA ARG A 62 13.42 -0.33 2.44
C ARG A 62 12.64 -0.36 3.77
N GLU A 63 11.73 -1.33 3.92
CA GLU A 63 10.94 -1.46 5.14
C GLU A 63 10.02 -0.24 5.34
N PHE A 64 9.41 -0.15 6.52
CA PHE A 64 8.50 0.96 6.84
C PHE A 64 9.27 2.16 7.41
N THR A 65 8.64 3.33 7.37
CA THR A 65 9.26 4.56 7.88
C THR A 65 8.20 5.54 8.38
N LYS A 66 8.59 6.41 9.31
CA LYS A 66 7.68 7.41 9.86
C LYS A 66 7.23 8.41 8.78
N GLU A 67 8.16 8.79 7.90
CA GLU A 67 7.86 9.73 6.83
C GLU A 67 7.19 9.04 5.64
N ASP A 68 7.56 7.77 5.41
CA ASP A 68 7.01 7.00 4.30
C ASP A 68 5.48 6.88 4.39
N TYR A 69 4.95 6.92 5.61
CA TYR A 69 3.50 6.81 5.82
C TYR A 69 2.81 8.15 5.59
N LYS A 70 3.30 9.19 6.27
CA LYS A 70 2.72 10.54 6.16
C LYS A 70 2.76 11.05 4.71
N LYS A 71 3.75 10.59 3.94
CA LYS A 71 3.89 11.02 2.54
C LYS A 71 2.88 10.30 1.63
N LYS A 72 2.94 10.61 0.33
CA LYS A 72 2.02 10.01 -0.65
C LYS A 72 2.43 8.57 -0.97
N LEU A 73 1.74 7.95 -1.94
CA LEU A 73 2.01 6.57 -2.34
C LEU A 73 3.00 6.49 -3.50
N LEU A 74 2.74 7.25 -4.58
CA LEU A 74 3.62 7.23 -5.75
C LEU A 74 5.06 7.59 -5.38
N ASP A 75 5.25 8.29 -4.27
CA ASP A 75 6.59 8.68 -3.82
C ASP A 75 7.53 7.47 -3.78
N LEU A 76 6.99 6.30 -3.41
CA LEU A 76 7.79 5.07 -3.34
C LEU A 76 7.59 4.23 -4.61
N GLU A 77 7.19 4.88 -5.71
CA GLU A 77 6.96 4.22 -6.99
C GLU A 77 5.95 3.08 -6.87
N LEU A 78 4.69 3.43 -6.58
CA LEU A 78 3.63 2.44 -6.44
C LEU A 78 2.71 2.41 -7.66
N ALA A 79 2.60 3.55 -8.35
CA ALA A 79 1.75 3.65 -9.53
C ALA A 79 2.40 2.95 -10.72
N PRO A 80 1.61 2.18 -11.51
CA PRO A 80 0.17 2.00 -11.28
C PRO A 80 -0.13 0.90 -10.25
N SER A 81 0.69 -0.15 -10.21
CA SER A 81 0.48 -1.26 -9.28
C SER A 81 1.74 -1.57 -8.48
N ALA A 82 1.55 -2.07 -7.26
CA ALA A 82 2.67 -2.41 -6.38
C ALA A 82 2.32 -3.56 -5.44
N SER A 83 3.32 -4.09 -4.74
CA SER A 83 3.11 -5.19 -3.80
C SER A 83 3.74 -4.89 -2.44
N VAL A 84 3.12 -5.43 -1.39
CA VAL A 84 3.60 -5.23 -0.02
C VAL A 84 3.90 -6.57 0.67
N VAL A 85 4.57 -6.50 1.81
CA VAL A 85 4.91 -7.70 2.58
C VAL A 85 4.56 -7.51 4.06
N LEU A 86 3.66 -8.34 4.56
CA LEU A 86 3.24 -8.25 5.96
C LEU A 86 4.17 -9.05 6.86
N LEU A 87 4.50 -8.49 8.03
CA LEU A 87 5.38 -9.15 8.99
C LEU A 87 4.67 -9.39 10.33
N PRO A 88 3.47 -10.00 10.31
CA PRO A 88 2.69 -10.28 11.52
C PRO A 88 3.56 -10.79 12.68
N ALA A 89 3.43 -10.15 13.85
CA ALA A 89 4.19 -10.55 15.03
C ALA A 89 3.27 -10.88 16.20
N GLY A 90 2.11 -11.45 15.90
CA GLY A 90 1.15 -11.82 16.94
C GLY A 90 0.93 -13.32 17.03
N MET A 1 2.37 0.78 -24.23
CA MET A 1 2.84 1.62 -25.38
C MET A 1 1.89 2.79 -25.63
N GLY A 2 2.40 4.01 -25.47
CA GLY A 2 1.59 5.19 -25.68
C GLY A 2 1.82 5.83 -27.04
N HIS A 3 2.26 5.03 -28.01
CA HIS A 3 2.52 5.52 -29.37
C HIS A 3 1.94 4.55 -30.40
N HIS A 4 1.01 5.04 -31.22
CA HIS A 4 0.37 4.22 -32.25
C HIS A 4 -0.31 2.99 -31.63
N HIS A 5 -0.83 3.16 -30.40
CA HIS A 5 -1.50 2.07 -29.69
C HIS A 5 -2.63 2.60 -28.80
N HIS A 6 -2.36 3.72 -28.12
CA HIS A 6 -3.34 4.34 -27.21
C HIS A 6 -3.38 3.63 -25.86
N HIS A 7 -2.99 4.35 -24.80
CA HIS A 7 -2.98 3.80 -23.46
C HIS A 7 -4.11 4.39 -22.60
N HIS A 8 -4.20 3.94 -21.36
CA HIS A 8 -5.24 4.42 -20.44
C HIS A 8 -4.62 5.07 -19.21
N MET A 9 -5.02 6.32 -18.94
CA MET A 9 -4.50 7.06 -17.79
C MET A 9 -5.07 6.52 -16.48
N SER A 10 -4.40 6.82 -15.37
CA SER A 10 -4.83 6.38 -14.05
C SER A 10 -4.76 7.52 -13.02
N THR A 11 -3.63 8.22 -12.98
CA THR A 11 -3.42 9.32 -12.03
C THR A 11 -3.61 8.85 -10.57
N VAL A 12 -3.47 7.54 -10.35
CA VAL A 12 -3.63 6.95 -9.03
C VAL A 12 -2.66 5.78 -8.83
N ALA A 13 -2.54 5.32 -7.58
CA ALA A 13 -1.65 4.20 -7.27
C ALA A 13 -2.43 2.99 -6.76
N ARG A 14 -1.96 1.80 -7.10
CA ARG A 14 -2.60 0.56 -6.69
C ARG A 14 -1.65 -0.29 -5.87
N ILE A 15 -2.10 -0.73 -4.70
CA ILE A 15 -1.26 -1.56 -3.83
C ILE A 15 -1.97 -2.84 -3.42
N GLN A 16 -1.21 -3.92 -3.32
CA GLN A 16 -1.75 -5.21 -2.92
C GLN A 16 -1.23 -5.59 -1.54
N PHE A 17 -2.12 -5.59 -0.55
CA PHE A 17 -1.75 -5.92 0.83
C PHE A 17 -1.75 -7.43 1.03
N ARG A 18 -0.55 -8.00 1.17
CA ARG A 18 -0.40 -9.43 1.38
C ARG A 18 -0.47 -9.80 2.86
N LEU A 19 -0.26 -11.09 3.16
CA LEU A 19 -0.30 -11.56 4.54
C LEU A 19 0.30 -12.96 4.64
N PRO A 20 0.64 -13.41 5.86
CA PRO A 20 1.22 -14.75 6.09
C PRO A 20 0.35 -15.87 5.52
N ASP A 21 -0.96 -15.66 5.51
CA ASP A 21 -1.90 -16.66 4.99
C ASP A 21 -1.62 -16.96 3.52
N GLY A 22 -1.14 -15.96 2.77
CA GLY A 22 -0.84 -16.16 1.36
C GLY A 22 -1.58 -15.19 0.46
N SER A 23 -2.90 -15.08 0.67
CA SER A 23 -3.73 -14.18 -0.14
C SER A 23 -3.38 -12.72 0.13
N SER A 24 -3.99 -11.82 -0.65
CA SER A 24 -3.74 -10.37 -0.49
C SER A 24 -4.99 -9.56 -0.84
N PHE A 25 -4.99 -8.30 -0.40
CA PHE A 25 -6.11 -7.39 -0.66
C PHE A 25 -5.69 -6.29 -1.63
N THR A 26 -6.56 -5.97 -2.59
CA THR A 26 -6.26 -4.93 -3.57
C THR A 26 -7.16 -3.71 -3.38
N ASN A 27 -6.53 -2.54 -3.20
CA ASN A 27 -7.26 -1.29 -3.01
C ASN A 27 -6.74 -0.22 -3.96
N GLN A 28 -7.42 0.93 -3.99
CA GLN A 28 -7.02 2.04 -4.86
C GLN A 28 -6.62 3.25 -4.03
N PHE A 29 -5.37 3.67 -4.18
CA PHE A 29 -4.85 4.83 -3.46
C PHE A 29 -4.15 5.78 -4.43
N PRO A 30 -4.66 7.02 -4.57
CA PRO A 30 -4.09 8.02 -5.47
C PRO A 30 -2.59 8.20 -5.28
N SER A 31 -1.96 8.81 -6.27
CA SER A 31 -0.52 9.06 -6.24
C SER A 31 -0.16 10.12 -5.19
N ASP A 32 -1.17 10.74 -4.57
CA ASP A 32 -0.94 11.77 -3.56
C ASP A 32 -1.56 11.40 -2.20
N ALA A 33 -2.60 10.58 -2.23
CA ALA A 33 -3.27 10.16 -1.00
C ALA A 33 -2.29 9.53 -0.01
N PRO A 34 -2.59 9.61 1.30
CA PRO A 34 -1.72 9.07 2.35
C PRO A 34 -1.38 7.59 2.14
N LEU A 35 -0.15 7.22 2.44
CA LEU A 35 0.31 5.84 2.30
C LEU A 35 -0.28 4.97 3.42
N GLU A 36 -0.45 5.57 4.60
CA GLU A 36 -1.01 4.86 5.75
C GLU A 36 -2.37 4.25 5.45
N GLU A 37 -3.07 4.78 4.43
CA GLU A 37 -4.39 4.29 4.05
C GLU A 37 -4.39 2.76 3.93
N ALA A 38 -3.41 2.22 3.20
CA ALA A 38 -3.30 0.78 3.02
C ALA A 38 -3.08 0.06 4.36
N ARG A 39 -2.30 0.70 5.23
CA ARG A 39 -2.01 0.13 6.55
C ARG A 39 -3.29 0.05 7.40
N GLN A 40 -3.98 1.19 7.54
CA GLN A 40 -5.21 1.24 8.34
C GLN A 40 -6.30 0.36 7.72
N PHE A 41 -6.38 0.34 6.39
CA PHE A 41 -7.38 -0.47 5.69
C PHE A 41 -7.21 -1.95 6.03
N ALA A 42 -6.00 -2.46 5.87
CA ALA A 42 -5.71 -3.86 6.17
C ALA A 42 -6.02 -4.18 7.62
N ALA A 43 -5.63 -3.28 8.52
CA ALA A 43 -5.88 -3.46 9.96
C ALA A 43 -7.37 -3.53 10.25
N GLN A 44 -8.17 -2.82 9.45
CA GLN A 44 -9.62 -2.82 9.63
C GLN A 44 -10.23 -4.12 9.12
N THR A 45 -9.66 -4.66 8.03
CA THR A 45 -10.16 -5.91 7.45
C THR A 45 -10.03 -7.07 8.44
N VAL A 46 -8.86 -7.20 9.05
CA VAL A 46 -8.63 -8.28 10.02
C VAL A 46 -9.07 -7.89 11.42
N GLY A 47 -8.86 -6.62 11.78
CA GLY A 47 -9.25 -6.13 13.09
C GLY A 47 -8.46 -6.75 14.22
N ASN A 48 -7.21 -6.34 14.35
CA ASN A 48 -6.33 -6.83 15.41
C ASN A 48 -6.08 -8.34 15.28
N THR A 49 -5.00 -8.71 14.60
CA THR A 49 -4.66 -10.12 14.42
C THR A 49 -3.14 -10.30 14.30
N TYR A 50 -2.53 -9.57 13.37
CA TYR A 50 -1.08 -9.66 13.15
C TYR A 50 -0.29 -9.06 14.31
N GLY A 51 -0.85 -8.06 14.97
CA GLY A 51 -0.17 -7.43 16.10
C GLY A 51 0.84 -6.38 15.65
N ASN A 52 2.11 -6.61 15.99
CA ASN A 52 3.18 -5.66 15.63
C ASN A 52 3.77 -6.03 14.27
N PHE A 53 2.99 -5.87 13.21
CA PHE A 53 3.44 -6.18 11.86
C PHE A 53 4.11 -4.97 11.20
N SER A 54 4.94 -5.24 10.20
CA SER A 54 5.65 -4.18 9.49
C SER A 54 5.30 -4.22 8.00
N LEU A 55 5.22 -3.03 7.38
CA LEU A 55 4.90 -2.93 5.96
C LEU A 55 6.12 -2.54 5.14
N ALA A 56 6.31 -3.20 4.00
CA ALA A 56 7.44 -2.94 3.12
C ALA A 56 7.10 -3.31 1.68
N THR A 57 7.98 -2.92 0.75
CA THR A 57 7.76 -3.22 -0.67
C THR A 57 8.52 -4.48 -1.07
N MET A 58 8.21 -5.02 -2.24
CA MET A 58 8.87 -6.22 -2.75
C MET A 58 10.34 -5.95 -3.06
N PHE A 59 10.59 -5.00 -3.95
CA PHE A 59 11.94 -4.64 -4.34
C PHE A 59 12.08 -3.13 -4.50
N PRO A 60 13.06 -2.50 -3.82
CA PRO A 60 13.99 -3.18 -2.93
C PRO A 60 13.38 -3.50 -1.57
N ARG A 61 13.97 -4.47 -0.87
CA ARG A 61 13.48 -4.87 0.45
C ARG A 61 14.28 -4.20 1.55
N ARG A 62 13.90 -2.96 1.87
CA ARG A 62 14.57 -2.19 2.93
C ARG A 62 13.58 -1.68 3.97
N GLU A 63 12.30 -2.07 3.85
CA GLU A 63 11.26 -1.65 4.78
C GLU A 63 11.01 -0.14 4.72
N PHE A 64 9.83 0.28 5.17
CA PHE A 64 9.45 1.70 5.15
C PHE A 64 9.63 2.34 6.53
N THR A 65 9.54 3.66 6.57
CA THR A 65 9.68 4.41 7.82
C THR A 65 8.38 5.12 8.20
N LYS A 66 8.39 5.87 9.31
CA LYS A 66 7.21 6.59 9.77
C LYS A 66 6.82 7.69 8.79
N GLU A 67 7.82 8.31 8.16
CA GLU A 67 7.57 9.37 7.19
C GLU A 67 6.96 8.82 5.91
N ASP A 68 7.22 7.55 5.62
CA ASP A 68 6.70 6.91 4.42
C ASP A 68 5.17 6.79 4.46
N TYR A 69 4.62 6.68 5.68
CA TYR A 69 3.17 6.56 5.86
C TYR A 69 2.49 7.92 5.73
N LYS A 70 3.02 8.91 6.46
CA LYS A 70 2.45 10.26 6.44
C LYS A 70 2.47 10.86 5.04
N LYS A 71 3.44 10.46 4.21
CA LYS A 71 3.57 10.98 2.85
C LYS A 71 2.62 10.23 1.90
N LYS A 72 2.62 10.64 0.62
CA LYS A 72 1.77 10.02 -0.40
C LYS A 72 2.25 8.61 -0.76
N LEU A 73 1.54 7.97 -1.68
CA LEU A 73 1.88 6.62 -2.11
C LEU A 73 2.93 6.61 -3.22
N LEU A 74 2.60 7.22 -4.37
CA LEU A 74 3.53 7.29 -5.51
C LEU A 74 4.93 7.77 -5.09
N ASP A 75 5.01 8.49 -3.98
CA ASP A 75 6.31 8.98 -3.48
C ASP A 75 7.32 7.83 -3.40
N LEU A 76 6.83 6.62 -3.16
CA LEU A 76 7.68 5.44 -3.07
C LEU A 76 7.45 4.49 -4.26
N GLU A 77 7.03 5.06 -5.39
CA GLU A 77 6.76 4.28 -6.61
C GLU A 77 5.70 3.21 -6.39
N LEU A 78 4.44 3.65 -6.25
CA LEU A 78 3.32 2.72 -6.05
C LEU A 78 2.47 2.60 -7.31
N ALA A 79 2.27 3.73 -8.00
CA ALA A 79 1.47 3.74 -9.22
C ALA A 79 2.27 3.21 -10.41
N PRO A 80 1.62 2.44 -11.30
CA PRO A 80 0.19 2.11 -11.19
C PRO A 80 -0.10 0.93 -10.25
N SER A 81 0.87 0.03 -10.08
CA SER A 81 0.70 -1.13 -9.21
C SER A 81 1.93 -1.37 -8.34
N ALA A 82 1.70 -1.88 -7.12
CA ALA A 82 2.78 -2.16 -6.18
C ALA A 82 2.39 -3.26 -5.18
N SER A 83 3.38 -4.04 -4.74
CA SER A 83 3.16 -5.12 -3.79
C SER A 83 3.78 -4.79 -2.44
N VAL A 84 3.13 -5.25 -1.38
CA VAL A 84 3.60 -5.01 -0.01
C VAL A 84 3.95 -6.32 0.70
N VAL A 85 4.60 -6.21 1.85
CA VAL A 85 4.99 -7.37 2.64
C VAL A 85 4.64 -7.16 4.11
N LEU A 86 3.95 -8.15 4.69
CA LEU A 86 3.55 -8.08 6.09
C LEU A 86 4.58 -8.78 6.98
N LEU A 87 4.89 -8.16 8.12
CA LEU A 87 5.86 -8.73 9.06
C LEU A 87 5.23 -8.99 10.43
N PRO A 88 4.07 -9.69 10.47
CA PRO A 88 3.38 -10.01 11.71
C PRO A 88 4.32 -10.46 12.83
N ALA A 89 4.25 -9.79 13.98
CA ALA A 89 5.10 -10.13 15.13
C ALA A 89 4.27 -10.72 16.26
N GLY A 90 3.32 -11.59 15.90
CA GLY A 90 2.47 -12.22 16.89
C GLY A 90 1.78 -13.46 16.37
N MET A 1 -8.27 -9.58 -10.04
CA MET A 1 -8.14 -10.70 -11.01
C MET A 1 -9.24 -10.65 -12.07
N GLY A 2 -9.70 -9.44 -12.43
CA GLY A 2 -10.74 -9.29 -13.42
C GLY A 2 -10.39 -8.26 -14.48
N HIS A 3 -10.27 -7.00 -14.06
CA HIS A 3 -9.92 -5.90 -14.96
C HIS A 3 -10.99 -5.71 -16.04
N HIS A 4 -12.04 -4.96 -15.71
CA HIS A 4 -13.13 -4.69 -16.64
C HIS A 4 -12.76 -3.54 -17.60
N HIS A 5 -11.98 -2.58 -17.11
CA HIS A 5 -11.56 -1.44 -17.93
C HIS A 5 -10.04 -1.35 -18.00
N HIS A 6 -9.52 -1.05 -19.20
CA HIS A 6 -8.09 -0.94 -19.40
C HIS A 6 -7.57 0.42 -18.92
N HIS A 7 -6.99 0.44 -17.72
CA HIS A 7 -6.46 1.66 -17.13
C HIS A 7 -5.05 1.95 -17.65
N HIS A 8 -4.87 3.13 -18.24
CA HIS A 8 -3.57 3.52 -18.78
C HIS A 8 -3.19 4.94 -18.33
N MET A 9 -3.95 5.93 -18.78
CA MET A 9 -3.69 7.33 -18.41
C MET A 9 -4.50 7.72 -17.18
N SER A 10 -3.81 7.95 -16.07
CA SER A 10 -4.48 8.33 -14.82
C SER A 10 -3.48 8.89 -13.81
N THR A 11 -3.99 9.38 -12.69
CA THR A 11 -3.16 9.95 -11.63
C THR A 11 -3.46 9.27 -10.29
N VAL A 12 -3.36 7.93 -10.28
CA VAL A 12 -3.62 7.15 -9.07
C VAL A 12 -2.62 6.00 -8.94
N ALA A 13 -2.58 5.39 -7.76
CA ALA A 13 -1.66 4.28 -7.51
C ALA A 13 -2.41 3.00 -7.11
N ARG A 14 -1.82 1.86 -7.42
CA ARG A 14 -2.42 0.57 -7.12
C ARG A 14 -1.52 -0.24 -6.20
N ILE A 15 -2.04 -0.63 -5.04
CA ILE A 15 -1.28 -1.41 -4.08
C ILE A 15 -2.02 -2.68 -3.68
N GLN A 16 -1.25 -3.74 -3.45
CA GLN A 16 -1.82 -5.02 -3.05
C GLN A 16 -1.30 -5.41 -1.67
N PHE A 17 -2.21 -5.46 -0.69
CA PHE A 17 -1.84 -5.81 0.67
C PHE A 17 -1.78 -7.33 0.84
N ARG A 18 -0.56 -7.85 0.98
CA ARG A 18 -0.36 -9.29 1.14
C ARG A 18 -0.41 -9.68 2.61
N LEU A 19 -0.31 -10.99 2.87
CA LEU A 19 -0.34 -11.51 4.24
C LEU A 19 0.13 -12.96 4.27
N PRO A 20 0.66 -13.41 5.43
CA PRO A 20 1.15 -14.79 5.60
C PRO A 20 0.13 -15.84 5.18
N ASP A 21 -1.16 -15.48 5.25
CA ASP A 21 -2.24 -16.38 4.88
C ASP A 21 -2.03 -16.95 3.46
N GLY A 22 -1.46 -16.14 2.57
CA GLY A 22 -1.23 -16.58 1.21
C GLY A 22 -1.77 -15.60 0.18
N SER A 23 -3.03 -15.21 0.36
CA SER A 23 -3.69 -14.28 -0.56
C SER A 23 -3.37 -12.83 -0.19
N SER A 24 -3.89 -11.89 -0.98
CA SER A 24 -3.67 -10.47 -0.73
C SER A 24 -4.92 -9.65 -1.10
N PHE A 25 -4.93 -8.39 -0.70
CA PHE A 25 -6.06 -7.50 -1.00
C PHE A 25 -5.63 -6.41 -1.99
N THR A 26 -6.38 -6.29 -3.08
CA THR A 26 -6.08 -5.30 -4.11
C THR A 26 -7.03 -4.11 -4.03
N ASN A 27 -6.49 -2.93 -3.75
CA ASN A 27 -7.29 -1.71 -3.65
C ASN A 27 -6.68 -0.59 -4.50
N GLN A 28 -7.42 0.52 -4.63
CA GLN A 28 -6.96 1.66 -5.40
C GLN A 28 -6.65 2.84 -4.50
N PHE A 29 -5.41 3.29 -4.52
CA PHE A 29 -4.97 4.42 -3.71
C PHE A 29 -4.31 5.47 -4.60
N PRO A 30 -4.86 6.70 -4.63
CA PRO A 30 -4.31 7.77 -5.47
C PRO A 30 -2.83 8.01 -5.22
N SER A 31 -2.20 8.69 -6.17
CA SER A 31 -0.78 9.02 -6.07
C SER A 31 -0.51 10.09 -5.00
N ASP A 32 -1.59 10.68 -4.45
CA ASP A 32 -1.47 11.72 -3.43
C ASP A 32 -2.06 11.28 -2.09
N ALA A 33 -3.05 10.38 -2.15
CA ALA A 33 -3.69 9.88 -0.94
C ALA A 33 -2.66 9.33 0.04
N PRO A 34 -2.90 9.49 1.36
CA PRO A 34 -1.97 9.01 2.40
C PRO A 34 -1.58 7.55 2.22
N LEU A 35 -0.28 7.27 2.36
CA LEU A 35 0.23 5.91 2.23
C LEU A 35 -0.40 5.00 3.29
N GLU A 36 -0.68 5.57 4.46
CA GLU A 36 -1.28 4.83 5.56
C GLU A 36 -2.67 4.27 5.20
N GLU A 37 -3.29 4.82 4.14
CA GLU A 37 -4.62 4.36 3.72
C GLU A 37 -4.67 2.84 3.59
N ALA A 38 -3.62 2.24 3.03
CA ALA A 38 -3.54 0.80 2.87
C ALA A 38 -3.38 0.11 4.23
N ARG A 39 -2.59 0.73 5.10
CA ARG A 39 -2.34 0.18 6.44
C ARG A 39 -3.62 0.14 7.27
N GLN A 40 -4.30 1.28 7.39
CA GLN A 40 -5.54 1.37 8.15
C GLN A 40 -6.59 0.37 7.64
N PHE A 41 -6.58 0.14 6.31
CA PHE A 41 -7.51 -0.80 5.70
C PHE A 41 -7.33 -2.21 6.26
N ALA A 42 -6.09 -2.71 6.19
CA ALA A 42 -5.76 -4.04 6.70
C ALA A 42 -5.99 -4.13 8.20
N ALA A 43 -5.59 -3.08 8.93
CA ALA A 43 -5.76 -3.02 10.37
C ALA A 43 -7.23 -3.14 10.77
N GLN A 44 -8.12 -2.69 9.87
CA GLN A 44 -9.56 -2.77 10.12
C GLN A 44 -10.08 -4.17 9.83
N THR A 45 -9.49 -4.84 8.85
CA THR A 45 -9.91 -6.20 8.48
C THR A 45 -9.73 -7.18 9.63
N VAL A 46 -8.61 -7.06 10.36
CA VAL A 46 -8.34 -7.96 11.49
C VAL A 46 -8.60 -7.28 12.83
N GLY A 47 -8.14 -6.03 12.97
CA GLY A 47 -8.33 -5.30 14.20
C GLY A 47 -7.15 -5.46 15.15
N ASN A 48 -6.77 -6.71 15.41
CA ASN A 48 -5.66 -7.00 16.31
C ASN A 48 -5.23 -8.45 16.20
N THR A 49 -5.03 -8.93 14.97
CA THR A 49 -4.62 -10.31 14.73
C THR A 49 -3.12 -10.41 14.45
N TYR A 50 -2.66 -9.66 13.44
CA TYR A 50 -1.24 -9.68 13.07
C TYR A 50 -0.36 -9.08 14.17
N GLY A 51 -0.91 -8.15 14.95
CA GLY A 51 -0.16 -7.53 16.02
C GLY A 51 0.74 -6.41 15.53
N ASN A 52 2.04 -6.55 15.76
CA ASN A 52 3.01 -5.54 15.35
C ASN A 52 3.60 -5.87 13.97
N PHE A 53 2.77 -5.75 12.93
CA PHE A 53 3.21 -6.03 11.57
C PHE A 53 3.87 -4.81 10.93
N SER A 54 4.71 -5.06 9.94
CA SER A 54 5.40 -3.98 9.23
C SER A 54 5.10 -4.05 7.74
N LEU A 55 4.97 -2.89 7.10
CA LEU A 55 4.69 -2.83 5.66
C LEU A 55 5.92 -2.41 4.89
N ALA A 56 6.21 -3.12 3.79
CA ALA A 56 7.35 -2.83 2.95
C ALA A 56 7.13 -3.33 1.52
N THR A 57 7.95 -2.86 0.59
CA THR A 57 7.84 -3.27 -0.81
C THR A 57 8.35 -4.71 -0.99
N MET A 58 8.14 -5.27 -2.18
CA MET A 58 8.58 -6.63 -2.48
C MET A 58 10.11 -6.70 -2.56
N PHE A 59 10.68 -6.05 -3.58
CA PHE A 59 12.12 -6.03 -3.77
C PHE A 59 12.57 -4.75 -4.47
N PRO A 60 13.71 -4.17 -4.07
CA PRO A 60 14.55 -4.71 -2.99
C PRO A 60 13.95 -4.47 -1.60
N ARG A 61 14.61 -4.98 -0.57
CA ARG A 61 14.13 -4.83 0.80
C ARG A 61 14.69 -3.55 1.43
N ARG A 62 13.88 -2.48 1.39
CA ARG A 62 14.28 -1.20 1.96
C ARG A 62 13.57 -0.91 3.30
N GLU A 63 12.37 -1.49 3.48
CA GLU A 63 11.58 -1.30 4.70
C GLU A 63 11.01 0.11 4.78
N PHE A 64 9.87 0.25 5.45
CA PHE A 64 9.21 1.54 5.59
C PHE A 64 9.33 2.10 7.00
N THR A 65 9.25 3.43 7.12
CA THR A 65 9.37 4.12 8.40
C THR A 65 8.09 4.90 8.73
N LYS A 66 8.10 5.66 9.83
CA LYS A 66 6.94 6.45 10.23
C LYS A 66 6.66 7.57 9.22
N GLU A 67 7.72 8.08 8.58
CA GLU A 67 7.59 9.15 7.59
C GLU A 67 7.08 8.62 6.25
N ASP A 68 7.25 7.32 6.01
CA ASP A 68 6.81 6.70 4.77
C ASP A 68 5.28 6.67 4.66
N TYR A 69 4.61 6.60 5.81
CA TYR A 69 3.15 6.53 5.85
C TYR A 69 2.53 7.92 5.72
N LYS A 70 3.04 8.87 6.49
CA LYS A 70 2.54 10.25 6.49
C LYS A 70 2.57 10.90 5.09
N LYS A 71 3.46 10.40 4.21
CA LYS A 71 3.57 10.94 2.86
C LYS A 71 2.52 10.32 1.93
N LYS A 72 2.60 10.67 0.63
CA LYS A 72 1.67 10.14 -0.37
C LYS A 72 2.06 8.73 -0.81
N LEU A 73 1.37 8.22 -1.85
CA LEU A 73 1.64 6.88 -2.38
C LEU A 73 2.81 6.85 -3.36
N LEU A 74 2.68 7.59 -4.47
CA LEU A 74 3.71 7.64 -5.49
C LEU A 74 5.08 8.05 -4.92
N ASP A 75 5.08 8.70 -3.75
CA ASP A 75 6.33 9.11 -3.11
C ASP A 75 7.30 7.95 -2.98
N LEU A 76 6.77 6.73 -2.80
CA LEU A 76 7.59 5.54 -2.67
C LEU A 76 7.54 4.69 -3.95
N GLU A 77 7.25 5.34 -5.09
CA GLU A 77 7.17 4.66 -6.38
C GLU A 77 6.16 3.52 -6.36
N LEU A 78 4.87 3.86 -6.28
CA LEU A 78 3.81 2.85 -6.26
C LEU A 78 3.05 2.80 -7.59
N ALA A 79 2.84 3.97 -8.20
CA ALA A 79 2.13 4.04 -9.48
C ALA A 79 2.94 3.40 -10.60
N PRO A 80 2.28 2.63 -11.49
CA PRO A 80 0.83 2.39 -11.44
C PRO A 80 0.42 1.31 -10.43
N SER A 81 1.24 0.26 -10.30
CA SER A 81 0.93 -0.83 -9.37
C SER A 81 2.14 -1.19 -8.51
N ALA A 82 1.88 -1.63 -7.27
CA ALA A 82 2.94 -2.01 -6.34
C ALA A 82 2.48 -3.14 -5.40
N SER A 83 3.45 -3.78 -4.74
CA SER A 83 3.16 -4.87 -3.81
C SER A 83 3.77 -4.60 -2.44
N VAL A 84 3.11 -5.10 -1.38
CA VAL A 84 3.59 -4.90 -0.01
C VAL A 84 3.93 -6.24 0.65
N VAL A 85 4.58 -6.17 1.80
CA VAL A 85 4.96 -7.37 2.54
C VAL A 85 4.61 -7.24 4.02
N LEU A 86 3.73 -8.12 4.51
CA LEU A 86 3.31 -8.09 5.91
C LEU A 86 4.35 -8.74 6.81
N LEU A 87 4.71 -8.05 7.90
CA LEU A 87 5.70 -8.56 8.84
C LEU A 87 5.10 -8.73 10.25
N PRO A 88 3.94 -9.42 10.36
CA PRO A 88 3.26 -9.65 11.65
C PRO A 88 4.21 -10.02 12.78
N ALA A 89 3.97 -9.46 13.96
CA ALA A 89 4.81 -9.74 15.14
C ALA A 89 3.96 -9.93 16.40
N GLY A 90 2.78 -10.55 16.23
CA GLY A 90 1.89 -10.79 17.35
C GLY A 90 1.47 -12.24 17.47
N MET A 1 2.91 24.83 -21.80
CA MET A 1 2.99 24.01 -20.56
C MET A 1 3.83 22.75 -20.79
N GLY A 2 5.12 22.94 -21.08
CA GLY A 2 6.00 21.82 -21.32
C GLY A 2 5.73 21.13 -22.64
N HIS A 3 5.62 19.80 -22.61
CA HIS A 3 5.35 19.01 -23.81
C HIS A 3 4.12 18.13 -23.62
N HIS A 4 4.14 17.32 -22.56
CA HIS A 4 3.02 16.42 -22.25
C HIS A 4 2.05 17.06 -21.26
N HIS A 5 0.76 17.00 -21.57
CA HIS A 5 -0.28 17.56 -20.69
C HIS A 5 -1.68 17.27 -21.22
N HIS A 6 -1.84 17.31 -22.55
CA HIS A 6 -3.13 17.05 -23.19
C HIS A 6 -3.75 15.74 -22.70
N HIS A 7 -2.91 14.73 -22.49
CA HIS A 7 -3.37 13.43 -22.02
C HIS A 7 -3.73 13.46 -20.53
N HIS A 8 -5.01 13.60 -20.23
CA HIS A 8 -5.49 13.65 -18.85
C HIS A 8 -6.66 12.68 -18.65
N MET A 9 -6.34 11.46 -18.22
CA MET A 9 -7.34 10.43 -17.99
C MET A 9 -7.36 10.00 -16.51
N SER A 10 -6.25 9.40 -16.05
CA SER A 10 -6.15 8.95 -14.66
C SER A 10 -4.74 9.17 -14.12
N THR A 11 -4.60 9.12 -12.79
CA THR A 11 -3.30 9.31 -12.13
C THR A 11 -3.33 8.82 -10.69
N VAL A 12 -3.33 7.50 -10.53
CA VAL A 12 -3.36 6.89 -9.19
C VAL A 12 -2.39 5.71 -9.09
N ALA A 13 -2.21 5.21 -7.86
CA ALA A 13 -1.31 4.08 -7.61
C ALA A 13 -2.08 2.83 -7.18
N ARG A 14 -1.52 1.67 -7.49
CA ARG A 14 -2.16 0.39 -7.15
C ARG A 14 -1.27 -0.44 -6.24
N ILE A 15 -1.81 -0.84 -5.08
CA ILE A 15 -1.06 -1.64 -4.12
C ILE A 15 -1.83 -2.90 -3.73
N GLN A 16 -1.09 -3.98 -3.49
CA GLN A 16 -1.69 -5.26 -3.12
C GLN A 16 -1.23 -5.65 -1.71
N PHE A 17 -2.17 -5.69 -0.77
CA PHE A 17 -1.87 -6.06 0.61
C PHE A 17 -1.83 -7.57 0.80
N ARG A 18 -0.68 -8.09 1.22
CA ARG A 18 -0.52 -9.53 1.44
C ARG A 18 -0.61 -9.88 2.91
N LEU A 19 -0.56 -11.19 3.20
CA LEU A 19 -0.64 -11.68 4.58
C LEU A 19 -0.29 -13.16 4.64
N PRO A 20 0.06 -13.68 5.84
CA PRO A 20 0.40 -15.10 6.03
C PRO A 20 -0.66 -16.05 5.49
N ASP A 21 -1.93 -15.61 5.52
CA ASP A 21 -3.04 -16.42 5.02
C ASP A 21 -2.81 -16.87 3.57
N GLY A 22 -2.10 -16.05 2.79
CA GLY A 22 -1.83 -16.37 1.40
C GLY A 22 -2.53 -15.43 0.44
N SER A 23 -3.81 -15.15 0.72
CA SER A 23 -4.58 -14.26 -0.13
C SER A 23 -4.21 -12.80 0.13
N SER A 24 -4.32 -11.98 -0.91
CA SER A 24 -4.00 -10.55 -0.80
C SER A 24 -5.17 -9.68 -1.20
N PHE A 25 -5.11 -8.40 -0.80
CA PHE A 25 -6.17 -7.45 -1.10
C PHE A 25 -5.68 -6.40 -2.11
N THR A 26 -6.40 -6.23 -3.20
CA THR A 26 -6.04 -5.25 -4.23
C THR A 26 -6.97 -4.04 -4.19
N ASN A 27 -6.41 -2.87 -3.90
CA ASN A 27 -7.17 -1.63 -3.82
C ASN A 27 -6.52 -0.52 -4.64
N GLN A 28 -7.23 0.60 -4.81
CA GLN A 28 -6.71 1.73 -5.57
C GLN A 28 -6.36 2.89 -4.65
N PHE A 29 -5.09 3.27 -4.67
CA PHE A 29 -4.61 4.39 -3.85
C PHE A 29 -3.93 5.43 -4.74
N PRO A 30 -4.44 6.67 -4.77
CA PRO A 30 -3.89 7.74 -5.61
C PRO A 30 -2.41 7.96 -5.36
N SER A 31 -1.78 8.63 -6.31
CA SER A 31 -0.36 8.93 -6.23
C SER A 31 -0.07 10.01 -5.16
N ASP A 32 -1.14 10.60 -4.59
CA ASP A 32 -0.97 11.63 -3.57
C ASP A 32 -1.59 11.21 -2.23
N ALA A 33 -2.61 10.36 -2.28
CA ALA A 33 -3.28 9.87 -1.07
C ALA A 33 -2.27 9.32 -0.07
N PRO A 34 -2.56 9.42 1.24
CA PRO A 34 -1.67 8.94 2.29
C PRO A 34 -1.30 7.46 2.12
N LEU A 35 -0.01 7.16 2.30
CA LEU A 35 0.48 5.78 2.19
C LEU A 35 -0.17 4.90 3.25
N GLU A 36 -0.39 5.48 4.43
CA GLU A 36 -1.01 4.76 5.55
C GLU A 36 -2.41 4.26 5.20
N GLU A 37 -3.03 4.83 4.15
CA GLU A 37 -4.38 4.43 3.73
C GLU A 37 -4.48 2.90 3.60
N ALA A 38 -3.40 2.28 3.13
CA ALA A 38 -3.38 0.82 2.97
C ALA A 38 -3.19 0.13 4.32
N ARG A 39 -2.37 0.73 5.19
CA ARG A 39 -2.11 0.18 6.52
C ARG A 39 -3.37 0.23 7.38
N GLN A 40 -3.95 1.42 7.52
CA GLN A 40 -5.17 1.62 8.32
C GLN A 40 -6.30 0.71 7.85
N PHE A 41 -6.41 0.52 6.53
CA PHE A 41 -7.45 -0.34 5.96
C PHE A 41 -7.32 -1.76 6.49
N ALA A 42 -6.14 -2.36 6.31
CA ALA A 42 -5.89 -3.72 6.78
C ALA A 42 -5.97 -3.79 8.29
N ALA A 43 -5.28 -2.86 8.96
CA ALA A 43 -5.28 -2.80 10.43
C ALA A 43 -6.70 -2.72 10.99
N GLN A 44 -7.59 -2.05 10.26
CA GLN A 44 -8.97 -1.91 10.68
C GLN A 44 -9.69 -3.26 10.70
N THR A 45 -9.44 -4.08 9.68
CA THR A 45 -10.05 -5.40 9.58
C THR A 45 -9.26 -6.46 10.34
N VAL A 46 -7.97 -6.57 10.02
CA VAL A 46 -7.09 -7.55 10.69
C VAL A 46 -6.32 -6.91 11.85
N GLY A 47 -7.04 -6.19 12.70
CA GLY A 47 -6.41 -5.54 13.84
C GLY A 47 -6.49 -6.36 15.11
N ASN A 48 -6.52 -7.68 14.97
CA ASN A 48 -6.59 -8.58 16.12
C ASN A 48 -6.17 -10.00 15.72
N THR A 49 -5.13 -10.10 14.89
CA THR A 49 -4.63 -11.39 14.42
C THR A 49 -3.11 -11.34 14.25
N TYR A 50 -2.64 -10.38 13.45
CA TYR A 50 -1.20 -10.24 13.19
C TYR A 50 -0.52 -9.47 14.31
N GLY A 51 -1.24 -8.56 14.95
CA GLY A 51 -0.68 -7.77 16.04
C GLY A 51 0.25 -6.69 15.53
N ASN A 52 1.52 -6.76 15.94
CA ASN A 52 2.51 -5.76 15.51
C ASN A 52 3.19 -6.19 14.20
N PHE A 53 2.47 -6.03 13.10
CA PHE A 53 2.98 -6.40 11.79
C PHE A 53 3.66 -5.20 11.12
N SER A 54 4.56 -5.47 10.19
CA SER A 54 5.27 -4.42 9.47
C SER A 54 4.91 -4.42 7.99
N LEU A 55 4.97 -3.25 7.37
CA LEU A 55 4.66 -3.10 5.95
C LEU A 55 5.89 -2.63 5.17
N ALA A 56 6.17 -3.31 4.06
CA ALA A 56 7.32 -2.97 3.22
C ALA A 56 7.08 -3.40 1.78
N THR A 57 7.73 -2.73 0.83
CA THR A 57 7.57 -3.07 -0.58
C THR A 57 8.57 -4.16 -1.00
N MET A 58 8.31 -4.78 -2.16
CA MET A 58 9.18 -5.84 -2.66
C MET A 58 10.53 -5.30 -3.13
N PHE A 59 10.51 -4.53 -4.23
CA PHE A 59 11.73 -3.94 -4.77
C PHE A 59 11.43 -2.56 -5.36
N PRO A 60 12.22 -1.53 -4.98
CA PRO A 60 13.33 -1.66 -4.03
C PRO A 60 12.86 -1.92 -2.60
N ARG A 61 13.77 -1.82 -1.64
CA ARG A 61 13.43 -2.04 -0.23
C ARG A 61 13.39 -0.72 0.55
N ARG A 62 12.19 -0.32 0.95
CA ARG A 62 12.00 0.92 1.71
C ARG A 62 11.74 0.64 3.19
N GLU A 63 11.18 -0.53 3.49
CA GLU A 63 10.87 -0.92 4.86
C GLU A 63 9.78 -0.04 5.46
N PHE A 64 9.57 -0.16 6.77
CA PHE A 64 8.54 0.62 7.46
C PHE A 64 9.15 1.86 8.11
N THR A 65 8.45 2.98 7.99
CA THR A 65 8.90 4.25 8.55
C THR A 65 7.73 5.21 8.77
N LYS A 66 7.85 6.07 9.77
CA LYS A 66 6.80 7.04 10.09
C LYS A 66 6.60 8.00 8.92
N GLU A 67 7.68 8.31 8.20
CA GLU A 67 7.62 9.22 7.06
C GLU A 67 6.99 8.55 5.84
N ASP A 68 7.34 7.29 5.61
CA ASP A 68 6.82 6.54 4.47
C ASP A 68 5.29 6.43 4.50
N TYR A 69 4.72 6.42 5.71
CA TYR A 69 3.28 6.31 5.87
C TYR A 69 2.58 7.66 5.68
N LYS A 70 3.07 8.68 6.39
CA LYS A 70 2.49 10.03 6.31
C LYS A 70 2.54 10.58 4.88
N LYS A 71 3.60 10.26 4.14
CA LYS A 71 3.75 10.74 2.76
C LYS A 71 2.83 9.98 1.80
N LYS A 72 2.83 10.41 0.53
CA LYS A 72 1.99 9.78 -0.49
C LYS A 72 2.53 8.40 -0.88
N LEU A 73 1.89 7.78 -1.88
CA LEU A 73 2.29 6.45 -2.34
C LEU A 73 3.40 6.52 -3.39
N LEU A 74 3.14 7.21 -4.51
CA LEU A 74 4.12 7.33 -5.59
C LEU A 74 5.52 7.71 -5.08
N ASP A 75 5.58 8.42 -3.95
CA ASP A 75 6.86 8.83 -3.37
C ASP A 75 7.82 7.63 -3.24
N LEU A 76 7.26 6.45 -3.04
CA LEU A 76 8.06 5.23 -2.91
C LEU A 76 7.86 4.30 -4.11
N GLU A 77 7.47 4.87 -5.25
CA GLU A 77 7.25 4.10 -6.49
C GLU A 77 6.18 3.03 -6.30
N LEU A 78 4.91 3.46 -6.33
CA LEU A 78 3.78 2.55 -6.17
C LEU A 78 2.97 2.43 -7.45
N ALA A 79 2.86 3.54 -8.20
CA ALA A 79 2.10 3.54 -9.45
C ALA A 79 2.94 2.97 -10.59
N PRO A 80 2.31 2.21 -11.51
CA PRO A 80 0.88 1.93 -11.49
C PRO A 80 0.51 0.68 -10.66
N SER A 81 1.52 -0.03 -10.16
CA SER A 81 1.27 -1.24 -9.36
C SER A 81 2.45 -1.52 -8.42
N ALA A 82 2.13 -2.07 -7.24
CA ALA A 82 3.15 -2.40 -6.24
C ALA A 82 2.71 -3.57 -5.34
N SER A 83 3.66 -4.11 -4.58
CA SER A 83 3.40 -5.23 -3.67
C SER A 83 3.93 -4.93 -2.27
N VAL A 84 3.19 -5.39 -1.26
CA VAL A 84 3.59 -5.18 0.14
C VAL A 84 3.96 -6.51 0.81
N VAL A 85 4.58 -6.41 1.99
CA VAL A 85 4.97 -7.61 2.74
C VAL A 85 4.60 -7.47 4.21
N LEU A 86 3.73 -8.36 4.69
CA LEU A 86 3.30 -8.33 6.09
C LEU A 86 4.31 -9.03 7.00
N LEU A 87 4.65 -8.39 8.11
CA LEU A 87 5.61 -8.97 9.06
C LEU A 87 4.99 -9.18 10.45
N PRO A 88 3.82 -9.86 10.51
CA PRO A 88 3.13 -10.13 11.77
C PRO A 88 4.08 -10.55 12.91
N ALA A 89 4.00 -9.84 14.03
CA ALA A 89 4.84 -10.13 15.18
C ALA A 89 4.04 -10.87 16.26
N GLY A 90 3.73 -12.14 15.99
CA GLY A 90 2.97 -12.93 16.93
C GLY A 90 3.86 -13.81 17.80
N MET A 1 -23.04 -4.41 -7.59
CA MET A 1 -21.57 -4.35 -7.38
C MET A 1 -21.10 -2.92 -7.13
N GLY A 2 -21.55 -1.98 -7.97
CA GLY A 2 -21.18 -0.59 -7.82
C GLY A 2 -21.01 0.12 -9.16
N HIS A 3 -21.34 1.41 -9.19
CA HIS A 3 -21.23 2.20 -10.42
C HIS A 3 -19.86 2.86 -10.53
N HIS A 4 -19.17 2.59 -11.64
CA HIS A 4 -17.84 3.16 -11.86
C HIS A 4 -17.46 3.08 -13.34
N HIS A 5 -17.92 4.06 -14.12
CA HIS A 5 -17.62 4.11 -15.55
C HIS A 5 -17.25 5.52 -15.98
N HIS A 6 -16.08 5.66 -16.61
CA HIS A 6 -15.58 6.96 -17.07
C HIS A 6 -15.43 7.94 -15.91
N HIS A 7 -14.33 7.80 -15.17
CA HIS A 7 -14.08 8.67 -14.01
C HIS A 7 -12.60 9.07 -13.96
N HIS A 8 -11.73 8.09 -13.67
CA HIS A 8 -10.30 8.34 -13.58
C HIS A 8 -9.54 7.62 -14.70
N MET A 9 -8.23 7.85 -14.76
CA MET A 9 -7.38 7.22 -15.77
C MET A 9 -5.98 6.97 -15.23
N SER A 10 -5.35 8.03 -14.71
CA SER A 10 -4.02 7.93 -14.14
C SER A 10 -3.89 8.79 -12.89
N THR A 11 -2.65 9.15 -12.53
CA THR A 11 -2.39 9.96 -11.33
C THR A 11 -2.84 9.24 -10.06
N VAL A 12 -2.77 7.91 -10.08
CA VAL A 12 -3.17 7.09 -8.93
C VAL A 12 -2.21 5.91 -8.75
N ALA A 13 -2.19 5.35 -7.54
CA ALA A 13 -1.31 4.23 -7.24
C ALA A 13 -2.11 2.98 -6.83
N ARG A 14 -1.58 1.80 -7.15
CA ARG A 14 -2.24 0.56 -6.82
C ARG A 14 -1.33 -0.30 -5.96
N ILE A 15 -1.83 -0.73 -4.80
CA ILE A 15 -1.04 -1.56 -3.90
C ILE A 15 -1.80 -2.83 -3.52
N GLN A 16 -1.05 -3.91 -3.34
CA GLN A 16 -1.62 -5.20 -2.98
C GLN A 16 -1.19 -5.59 -1.57
N PHE A 17 -2.15 -5.65 -0.65
CA PHE A 17 -1.87 -6.01 0.74
C PHE A 17 -1.82 -7.53 0.90
N ARG A 18 -0.61 -8.05 1.11
CA ARG A 18 -0.42 -9.48 1.28
C ARG A 18 -0.43 -9.87 2.76
N LEU A 19 -0.28 -11.17 3.03
CA LEU A 19 -0.27 -11.67 4.40
C LEU A 19 0.27 -13.10 4.46
N PRO A 20 0.65 -13.58 5.67
CA PRO A 20 1.18 -14.94 5.86
C PRO A 20 0.21 -16.02 5.38
N ASP A 21 -1.09 -15.69 5.37
CA ASP A 21 -2.12 -16.63 4.92
C ASP A 21 -1.81 -17.17 3.52
N GLY A 22 -1.23 -16.32 2.67
CA GLY A 22 -0.90 -16.72 1.32
C GLY A 22 -1.52 -15.80 0.28
N SER A 23 -2.77 -15.41 0.52
CA SER A 23 -3.48 -14.51 -0.40
C SER A 23 -3.20 -13.05 -0.07
N SER A 24 -3.75 -12.14 -0.89
CA SER A 24 -3.56 -10.71 -0.69
C SER A 24 -4.79 -9.93 -1.17
N PHE A 25 -4.85 -8.64 -0.81
CA PHE A 25 -5.95 -7.78 -1.20
C PHE A 25 -5.46 -6.72 -2.20
N THR A 26 -6.39 -6.12 -2.93
CA THR A 26 -6.05 -5.09 -3.91
C THR A 26 -6.96 -3.88 -3.78
N ASN A 27 -6.35 -2.73 -3.49
CA ASN A 27 -7.09 -1.48 -3.35
C ASN A 27 -6.47 -0.36 -4.19
N GLN A 28 -7.22 0.72 -4.38
CA GLN A 28 -6.74 1.86 -5.17
C GLN A 28 -6.39 3.03 -4.27
N PHE A 29 -5.12 3.44 -4.31
CA PHE A 29 -4.65 4.57 -3.52
C PHE A 29 -3.97 5.59 -4.42
N PRO A 30 -4.51 6.81 -4.50
CA PRO A 30 -3.95 7.87 -5.35
C PRO A 30 -2.47 8.14 -5.08
N SER A 31 -1.84 8.83 -6.03
CA SER A 31 -0.43 9.17 -5.91
C SER A 31 -0.19 10.26 -4.85
N ASP A 32 -1.28 10.80 -4.28
CA ASP A 32 -1.17 11.85 -3.26
C ASP A 32 -1.75 11.39 -1.93
N ALA A 33 -2.79 10.55 -1.98
CA ALA A 33 -3.43 10.02 -0.77
C ALA A 33 -2.40 9.37 0.15
N PRO A 34 -2.59 9.51 1.48
CA PRO A 34 -1.67 8.93 2.47
C PRO A 34 -1.45 7.44 2.29
N LEU A 35 -0.22 6.99 2.56
CA LEU A 35 0.13 5.58 2.45
C LEU A 35 -0.51 4.77 3.58
N GLU A 36 -0.62 5.38 4.76
CA GLU A 36 -1.22 4.73 5.93
C GLU A 36 -2.62 4.19 5.62
N GLU A 37 -3.29 4.76 4.62
CA GLU A 37 -4.64 4.33 4.24
C GLU A 37 -4.69 2.81 4.08
N ALA A 38 -3.70 2.24 3.41
CA ALA A 38 -3.64 0.80 3.19
C ALA A 38 -3.37 0.06 4.51
N ARG A 39 -2.56 0.66 5.38
CA ARG A 39 -2.23 0.08 6.67
C ARG A 39 -3.46 0.01 7.58
N GLN A 40 -4.08 1.18 7.82
CA GLN A 40 -5.27 1.26 8.68
C GLN A 40 -6.39 0.38 8.13
N PHE A 41 -6.46 0.25 6.80
CA PHE A 41 -7.48 -0.56 6.15
C PHE A 41 -7.39 -2.01 6.62
N ALA A 42 -6.19 -2.59 6.54
CA ALA A 42 -5.97 -3.97 6.97
C ALA A 42 -6.26 -4.14 8.46
N ALA A 43 -5.80 -3.16 9.26
CA ALA A 43 -6.01 -3.18 10.70
C ALA A 43 -7.50 -3.08 11.05
N GLN A 44 -8.26 -2.35 10.24
CA GLN A 44 -9.69 -2.18 10.47
C GLN A 44 -10.48 -3.40 9.96
N THR A 45 -9.97 -4.02 8.89
CA THR A 45 -10.64 -5.18 8.29
C THR A 45 -10.76 -6.33 9.30
N VAL A 46 -9.63 -6.75 9.87
CA VAL A 46 -9.62 -7.84 10.84
C VAL A 46 -9.76 -7.31 12.28
N GLY A 47 -9.23 -6.11 12.52
CA GLY A 47 -9.30 -5.52 13.84
C GLY A 47 -8.06 -5.80 14.67
N ASN A 48 -7.69 -7.08 14.75
CA ASN A 48 -6.52 -7.49 15.50
C ASN A 48 -6.22 -8.97 15.27
N THR A 49 -5.09 -9.26 14.65
CA THR A 49 -4.69 -10.64 14.38
C THR A 49 -3.18 -10.78 14.19
N TYR A 50 -2.58 -9.85 13.43
CA TYR A 50 -1.14 -9.89 13.18
C TYR A 50 -0.37 -9.27 14.35
N GLY A 51 -0.92 -8.19 14.93
CA GLY A 51 -0.27 -7.53 16.05
C GLY A 51 0.65 -6.43 15.59
N ASN A 52 1.96 -6.62 15.83
CA ASN A 52 2.96 -5.62 15.44
C ASN A 52 3.55 -5.96 14.08
N PHE A 53 2.71 -5.92 13.04
CA PHE A 53 3.15 -6.23 11.69
C PHE A 53 3.80 -5.01 11.05
N SER A 54 4.62 -5.26 10.02
CA SER A 54 5.31 -4.20 9.31
C SER A 54 5.01 -4.26 7.82
N LEU A 55 4.97 -3.09 7.17
CA LEU A 55 4.70 -3.00 5.74
C LEU A 55 5.97 -2.61 4.98
N ALA A 56 6.25 -3.32 3.89
CA ALA A 56 7.42 -3.06 3.07
C ALA A 56 7.21 -3.55 1.64
N THR A 57 7.92 -2.92 0.70
CA THR A 57 7.80 -3.31 -0.70
C THR A 57 8.53 -4.64 -0.97
N MET A 58 8.30 -5.22 -2.14
CA MET A 58 8.94 -6.48 -2.51
C MET A 58 10.36 -6.25 -2.98
N PHE A 59 10.51 -5.49 -4.07
CA PHE A 59 11.82 -5.19 -4.63
C PHE A 59 11.84 -3.77 -5.23
N PRO A 60 12.82 -2.94 -4.84
CA PRO A 60 13.88 -3.32 -3.88
C PRO A 60 13.36 -3.39 -2.45
N ARG A 61 14.28 -3.44 -1.48
CA ARG A 61 13.90 -3.51 -0.07
C ARG A 61 14.28 -2.23 0.67
N ARG A 62 13.40 -1.23 0.60
CA ARG A 62 13.63 0.05 1.26
C ARG A 62 13.02 0.09 2.67
N GLU A 63 12.22 -0.93 3.00
CA GLU A 63 11.56 -1.01 4.31
C GLU A 63 10.56 0.13 4.49
N PHE A 64 10.13 0.33 5.74
CA PHE A 64 9.16 1.37 6.06
C PHE A 64 9.82 2.52 6.82
N THR A 65 9.03 3.54 7.13
CA THR A 65 9.51 4.71 7.86
C THR A 65 8.34 5.59 8.29
N LYS A 66 8.54 6.35 9.36
CA LYS A 66 7.49 7.25 9.86
C LYS A 66 6.97 8.17 8.75
N GLU A 67 7.85 8.51 7.81
CA GLU A 67 7.49 9.37 6.69
C GLU A 67 6.72 8.60 5.62
N ASP A 68 7.11 7.35 5.39
CA ASP A 68 6.48 6.51 4.38
C ASP A 68 4.96 6.44 4.53
N TYR A 69 4.47 6.50 5.76
CA TYR A 69 3.03 6.43 6.03
C TYR A 69 2.37 7.78 5.82
N LYS A 70 2.89 8.81 6.49
CA LYS A 70 2.35 10.17 6.38
C LYS A 70 2.46 10.72 4.95
N LYS A 71 3.51 10.34 4.23
CA LYS A 71 3.70 10.82 2.86
C LYS A 71 2.78 10.09 1.88
N LYS A 72 2.78 10.56 0.63
CA LYS A 72 1.94 9.97 -0.42
C LYS A 72 2.41 8.55 -0.78
N LEU A 73 1.79 7.97 -1.81
CA LEU A 73 2.14 6.60 -2.24
C LEU A 73 3.15 6.59 -3.38
N LEU A 74 2.87 7.33 -4.46
CA LEU A 74 3.78 7.38 -5.62
C LEU A 74 5.19 7.83 -5.23
N ASP A 75 5.33 8.50 -4.07
CA ASP A 75 6.64 8.97 -3.59
C ASP A 75 7.62 7.79 -3.50
N LEU A 76 7.11 6.60 -3.24
CA LEU A 76 7.94 5.41 -3.15
C LEU A 76 7.79 4.54 -4.40
N GLU A 77 7.38 5.15 -5.52
CA GLU A 77 7.20 4.44 -6.79
C GLU A 77 6.21 3.28 -6.63
N LEU A 78 4.95 3.62 -6.39
CA LEU A 78 3.89 2.60 -6.22
C LEU A 78 3.01 2.52 -7.46
N ALA A 79 2.82 3.66 -8.14
CA ALA A 79 1.99 3.70 -9.33
C ALA A 79 2.73 3.10 -10.53
N PRO A 80 2.02 2.35 -11.40
CA PRO A 80 0.59 2.11 -11.26
C PRO A 80 0.25 0.86 -10.43
N SER A 81 1.28 0.10 -10.00
CA SER A 81 1.06 -1.11 -9.21
C SER A 81 2.25 -1.41 -8.30
N ALA A 82 1.96 -1.92 -7.09
CA ALA A 82 3.00 -2.24 -6.12
C ALA A 82 2.54 -3.33 -5.15
N SER A 83 3.49 -4.09 -4.61
CA SER A 83 3.20 -5.16 -3.66
C SER A 83 3.81 -4.88 -2.29
N VAL A 84 3.14 -5.33 -1.24
CA VAL A 84 3.62 -5.12 0.14
C VAL A 84 3.99 -6.45 0.80
N VAL A 85 4.68 -6.37 1.94
CA VAL A 85 5.08 -7.56 2.69
C VAL A 85 4.68 -7.42 4.15
N LEU A 86 3.82 -8.33 4.62
CA LEU A 86 3.36 -8.31 6.00
C LEU A 86 4.39 -8.96 6.93
N LEU A 87 4.70 -8.28 8.03
CA LEU A 87 5.68 -8.79 8.99
C LEU A 87 5.04 -8.98 10.38
N PRO A 88 3.88 -9.67 10.45
CA PRO A 88 3.17 -9.92 11.72
C PRO A 88 4.11 -10.30 12.87
N ALA A 89 3.97 -9.59 13.99
CA ALA A 89 4.79 -9.87 15.17
C ALA A 89 3.91 -10.22 16.35
N GLY A 90 3.17 -11.33 16.24
CA GLY A 90 2.31 -11.75 17.32
C GLY A 90 3.03 -12.63 18.33
N MET A 1 -18.81 25.51 -5.86
CA MET A 1 -19.17 24.15 -6.36
C MET A 1 -20.17 24.23 -7.51
N GLY A 2 -20.43 23.08 -8.13
CA GLY A 2 -21.38 23.04 -9.24
C GLY A 2 -20.86 22.26 -10.43
N HIS A 3 -19.61 22.53 -10.83
CA HIS A 3 -19.00 21.85 -11.97
C HIS A 3 -17.48 21.95 -11.91
N HIS A 4 -16.80 21.03 -12.61
CA HIS A 4 -15.34 21.01 -12.64
C HIS A 4 -14.81 21.74 -13.87
N HIS A 5 -13.52 22.08 -13.84
CA HIS A 5 -12.89 22.79 -14.95
C HIS A 5 -12.77 21.89 -16.17
N HIS A 6 -12.11 20.75 -16.02
CA HIS A 6 -11.94 19.80 -17.12
C HIS A 6 -12.45 18.41 -16.73
N HIS A 7 -12.43 17.48 -17.69
CA HIS A 7 -12.89 16.11 -17.45
C HIS A 7 -11.99 15.40 -16.43
N HIS A 8 -12.50 14.30 -15.87
CA HIS A 8 -11.75 13.52 -14.88
C HIS A 8 -10.55 12.82 -15.52
N MET A 9 -9.50 12.61 -14.72
CA MET A 9 -8.28 11.96 -15.20
C MET A 9 -7.88 10.80 -14.28
N SER A 10 -6.78 10.12 -14.63
CA SER A 10 -6.28 9.00 -13.83
C SER A 10 -4.87 9.26 -13.33
N THR A 11 -4.71 9.35 -12.02
CA THR A 11 -3.41 9.59 -11.41
C THR A 11 -3.36 9.01 -9.99
N VAL A 12 -3.83 7.77 -9.85
CA VAL A 12 -3.86 7.09 -8.56
C VAL A 12 -2.90 5.89 -8.54
N ALA A 13 -2.66 5.35 -7.35
CA ALA A 13 -1.77 4.20 -7.20
C ALA A 13 -2.54 2.95 -6.74
N ARG A 14 -2.04 1.79 -7.13
CA ARG A 14 -2.67 0.53 -6.77
C ARG A 14 -1.70 -0.34 -5.96
N ILE A 15 -2.12 -0.73 -4.76
CA ILE A 15 -1.28 -1.56 -3.91
C ILE A 15 -2.01 -2.82 -3.46
N GLN A 16 -1.28 -3.92 -3.34
CA GLN A 16 -1.84 -5.19 -2.92
C GLN A 16 -1.32 -5.55 -1.52
N PHE A 17 -2.24 -5.65 -0.57
CA PHE A 17 -1.87 -5.98 0.80
C PHE A 17 -1.70 -7.49 0.97
N ARG A 18 -0.44 -7.93 1.13
CA ARG A 18 -0.14 -9.35 1.31
C ARG A 18 0.07 -9.67 2.79
N LEU A 19 0.36 -10.94 3.06
CA LEU A 19 0.60 -11.40 4.42
C LEU A 19 1.09 -12.85 4.44
N PRO A 20 1.77 -13.27 5.53
CA PRO A 20 2.28 -14.64 5.67
C PRO A 20 1.24 -15.70 5.35
N ASP A 21 -0.04 -15.37 5.57
CA ASP A 21 -1.14 -16.29 5.30
C ASP A 21 -1.07 -16.84 3.87
N GLY A 22 -0.60 -16.02 2.94
CA GLY A 22 -0.49 -16.44 1.55
C GLY A 22 -1.42 -15.67 0.63
N SER A 23 -2.55 -15.20 1.18
CA SER A 23 -3.52 -14.43 0.41
C SER A 23 -3.27 -12.93 0.54
N SER A 24 -3.73 -12.17 -0.46
CA SER A 24 -3.56 -10.72 -0.46
C SER A 24 -4.77 -10.03 -1.09
N PHE A 25 -5.06 -8.81 -0.64
CA PHE A 25 -6.19 -8.06 -1.17
C PHE A 25 -5.72 -6.81 -1.92
N THR A 26 -6.38 -6.51 -3.04
CA THR A 26 -6.04 -5.34 -3.85
C THR A 26 -6.92 -4.15 -3.50
N ASN A 27 -6.29 -2.98 -3.33
CA ASN A 27 -7.01 -1.77 -2.99
C ASN A 27 -6.55 -0.60 -3.89
N GLN A 28 -7.25 0.52 -3.79
CA GLN A 28 -6.92 1.70 -4.59
C GLN A 28 -6.51 2.87 -3.70
N PHE A 29 -5.28 3.34 -3.88
CA PHE A 29 -4.75 4.46 -3.12
C PHE A 29 -4.14 5.50 -4.07
N PRO A 30 -4.69 6.72 -4.09
CA PRO A 30 -4.20 7.78 -4.98
C PRO A 30 -2.72 8.05 -4.80
N SER A 31 -2.14 8.70 -5.80
CA SER A 31 -0.72 9.04 -5.78
C SER A 31 -0.43 10.18 -4.80
N ASP A 32 -1.49 10.75 -4.20
CA ASP A 32 -1.34 11.85 -3.24
C ASP A 32 -1.83 11.45 -1.85
N ALA A 33 -2.88 10.65 -1.80
CA ALA A 33 -3.46 10.18 -0.53
C ALA A 33 -2.39 9.53 0.35
N PRO A 34 -2.49 9.70 1.68
CA PRO A 34 -1.53 9.14 2.64
C PRO A 34 -1.36 7.63 2.49
N LEU A 35 -0.11 7.18 2.49
CA LEU A 35 0.19 5.75 2.38
C LEU A 35 -0.36 4.99 3.57
N GLU A 36 -0.38 5.64 4.74
CA GLU A 36 -0.89 5.04 5.97
C GLU A 36 -2.29 4.47 5.79
N GLU A 37 -3.04 5.02 4.82
CA GLU A 37 -4.40 4.55 4.54
C GLU A 37 -4.45 3.03 4.43
N ALA A 38 -3.49 2.47 3.71
CA ALA A 38 -3.42 1.01 3.53
C ALA A 38 -3.13 0.31 4.85
N ARG A 39 -2.26 0.93 5.67
CA ARG A 39 -1.89 0.38 6.97
C ARG A 39 -3.09 0.36 7.92
N GLN A 40 -3.78 1.50 8.04
CA GLN A 40 -4.95 1.60 8.91
C GLN A 40 -6.13 0.81 8.36
N PHE A 41 -6.30 0.81 7.04
CA PHE A 41 -7.40 0.08 6.40
C PHE A 41 -7.27 -1.43 6.65
N ALA A 42 -6.08 -1.96 6.40
CA ALA A 42 -5.82 -3.40 6.61
C ALA A 42 -6.20 -3.81 8.03
N ALA A 43 -5.85 -2.97 9.01
CA ALA A 43 -6.16 -3.23 10.41
C ALA A 43 -7.66 -3.38 10.62
N GLN A 44 -8.44 -2.56 9.93
CA GLN A 44 -9.91 -2.61 10.03
C GLN A 44 -10.46 -3.82 9.28
N THR A 45 -9.84 -4.16 8.15
CA THR A 45 -10.28 -5.29 7.34
C THR A 45 -10.30 -6.59 8.16
N VAL A 46 -9.15 -6.94 8.75
CA VAL A 46 -9.05 -8.15 9.56
C VAL A 46 -9.58 -7.93 10.97
N GLY A 47 -9.32 -6.74 11.53
CA GLY A 47 -9.80 -6.43 12.86
C GLY A 47 -9.00 -7.12 13.96
N ASN A 48 -7.73 -6.74 14.08
CA ASN A 48 -6.83 -7.30 15.09
C ASN A 48 -6.58 -8.79 14.84
N THR A 49 -5.39 -9.11 14.32
CA THR A 49 -5.01 -10.50 14.05
C THR A 49 -3.49 -10.67 14.00
N TYR A 50 -2.81 -9.75 13.32
CA TYR A 50 -1.35 -9.81 13.19
C TYR A 50 -0.65 -9.20 14.40
N GLY A 51 -1.23 -8.12 14.94
CA GLY A 51 -0.64 -7.46 16.08
C GLY A 51 0.44 -6.47 15.71
N ASN A 52 1.70 -6.84 15.97
CA ASN A 52 2.84 -5.97 15.65
C ASN A 52 3.44 -6.33 14.29
N PHE A 53 2.67 -6.10 13.23
CA PHE A 53 3.12 -6.39 11.87
C PHE A 53 3.85 -5.20 11.27
N SER A 54 4.70 -5.49 10.28
CA SER A 54 5.48 -4.46 9.59
C SER A 54 5.15 -4.46 8.10
N LEU A 55 5.13 -3.26 7.50
CA LEU A 55 4.84 -3.12 6.07
C LEU A 55 6.11 -2.83 5.28
N ALA A 56 6.25 -3.51 4.14
CA ALA A 56 7.41 -3.33 3.27
C ALA A 56 7.04 -3.53 1.80
N THR A 57 7.94 -3.12 0.89
CA THR A 57 7.71 -3.28 -0.55
C THR A 57 8.34 -4.57 -1.06
N MET A 58 8.10 -4.89 -2.32
CA MET A 58 8.64 -6.11 -2.92
C MET A 58 10.17 -6.05 -2.98
N PHE A 59 10.69 -5.16 -3.84
CA PHE A 59 12.14 -5.00 -3.98
C PHE A 59 12.48 -3.59 -4.48
N PRO A 60 13.61 -3.02 -4.03
CA PRO A 60 14.51 -3.69 -3.08
C PRO A 60 13.97 -3.68 -1.65
N ARG A 61 14.20 -4.77 -0.92
CA ARG A 61 13.72 -4.89 0.45
C ARG A 61 14.49 -3.95 1.37
N ARG A 62 13.92 -2.77 1.60
CA ARG A 62 14.54 -1.76 2.46
C ARG A 62 13.60 -1.31 3.59
N GLU A 63 12.42 -1.94 3.68
CA GLU A 63 11.44 -1.60 4.72
C GLU A 63 10.90 -0.17 4.53
N PHE A 64 9.86 0.17 5.29
CA PHE A 64 9.25 1.49 5.21
C PHE A 64 9.52 2.30 6.47
N THR A 65 9.36 3.62 6.38
CA THR A 65 9.59 4.51 7.51
C THR A 65 8.36 5.38 7.79
N LYS A 66 8.38 6.07 8.93
CA LYS A 66 7.26 6.95 9.33
C LYS A 66 6.95 7.96 8.22
N GLU A 67 7.97 8.36 7.46
CA GLU A 67 7.80 9.31 6.37
C GLU A 67 6.99 8.70 5.24
N ASP A 68 7.33 7.46 4.87
CA ASP A 68 6.65 6.74 3.80
C ASP A 68 5.13 6.71 4.01
N TYR A 69 4.71 6.70 5.28
CA TYR A 69 3.30 6.65 5.62
C TYR A 69 2.65 8.04 5.53
N LYS A 70 3.26 9.01 6.20
CA LYS A 70 2.74 10.39 6.20
C LYS A 70 2.65 10.96 4.79
N LYS A 71 3.65 10.67 3.95
CA LYS A 71 3.67 11.17 2.58
C LYS A 71 2.77 10.34 1.68
N LYS A 72 2.66 10.74 0.41
CA LYS A 72 1.83 10.03 -0.55
C LYS A 72 2.44 8.68 -0.92
N LEU A 73 1.90 8.04 -1.96
CA LEU A 73 2.38 6.74 -2.40
C LEU A 73 3.37 6.85 -3.58
N LEU A 74 2.90 7.32 -4.73
CA LEU A 74 3.75 7.44 -5.93
C LEU A 74 5.09 8.13 -5.64
N ASP A 75 5.16 8.92 -4.56
CA ASP A 75 6.39 9.60 -4.18
C ASP A 75 7.57 8.62 -4.16
N LEU A 76 7.29 7.39 -3.73
CA LEU A 76 8.30 6.36 -3.66
C LEU A 76 8.28 5.50 -4.92
N GLU A 77 7.21 4.71 -5.09
CA GLU A 77 7.07 3.83 -6.25
C GLU A 77 5.83 2.92 -6.10
N LEU A 78 4.64 3.49 -6.32
CA LEU A 78 3.39 2.72 -6.21
C LEU A 78 2.60 2.71 -7.51
N ALA A 79 2.34 3.90 -8.05
CA ALA A 79 1.59 4.02 -9.30
C ALA A 79 2.36 3.41 -10.47
N PRO A 80 1.69 2.62 -11.33
CA PRO A 80 0.25 2.33 -11.20
C PRO A 80 -0.07 1.16 -10.26
N SER A 81 0.80 0.15 -10.22
CA SER A 81 0.57 -1.02 -9.37
C SER A 81 1.80 -1.32 -8.50
N ALA A 82 1.56 -1.83 -7.29
CA ALA A 82 2.64 -2.17 -6.35
C ALA A 82 2.22 -3.29 -5.39
N SER A 83 3.23 -3.93 -4.78
CA SER A 83 3.01 -5.02 -3.84
C SER A 83 3.61 -4.71 -2.48
N VAL A 84 2.96 -5.18 -1.41
CA VAL A 84 3.43 -4.96 -0.05
C VAL A 84 3.68 -6.29 0.67
N VAL A 85 4.36 -6.22 1.82
CA VAL A 85 4.64 -7.41 2.61
C VAL A 85 4.25 -7.19 4.07
N LEU A 86 3.69 -8.23 4.68
CA LEU A 86 3.27 -8.16 6.08
C LEU A 86 4.22 -8.95 6.98
N LEU A 87 4.55 -8.37 8.14
CA LEU A 87 5.46 -9.02 9.09
C LEU A 87 4.77 -9.27 10.44
N PRO A 88 3.58 -9.89 10.44
CA PRO A 88 2.82 -10.19 11.67
C PRO A 88 3.71 -10.70 12.80
N ALA A 89 3.63 -10.05 13.95
CA ALA A 89 4.42 -10.44 15.12
C ALA A 89 3.51 -11.00 16.22
N GLY A 90 2.80 -12.08 15.91
CA GLY A 90 1.90 -12.69 16.88
C GLY A 90 0.52 -12.96 16.30
#